data_7LPN
#
_entry.id   7LPN
#
_cell.length_a   1.00
_cell.length_b   1.00
_cell.length_c   1.00
_cell.angle_alpha   90.00
_cell.angle_beta   90.00
_cell.angle_gamma   90.00
#
_symmetry.space_group_name_H-M   'P 1'
#
loop_
_entity.id
_entity.type
_entity.pdbx_description
1 polymer 'HIV-1 Envelope Glycoprotein BG505 SOSIP.664 gp41'
2 polymer 'Envelope glycoprotein gp160'
3 polymer 'J3 VHH'
4 branched beta-D-mannopyranose-(1-4)-2-acetamido-2-deoxy-beta-D-glucopyranose-(1-4)-2-acetamido-2-deoxy-beta-D-glucopyranose
5 branched 2-acetamido-2-deoxy-beta-D-glucopyranose-(1-4)-2-acetamido-2-deoxy-beta-D-glucopyranose
6 branched alpha-D-mannopyranose-(1-6)-beta-D-mannopyranose-(1-4)-2-acetamido-2-deoxy-beta-D-glucopyranose-(1-4)-2-acetamido-2-deoxy-beta-D-glucopyranose
7 branched alpha-D-mannopyranose-(1-3)-beta-D-mannopyranose-(1-4)-2-acetamido-2-deoxy-beta-D-glucopyranose-(1-4)-2-acetamido-2-deoxy-beta-D-glucopyranose
8 non-polymer 2-acetamido-2-deoxy-beta-D-glucopyranose
#
loop_
_entity_poly.entity_id
_entity_poly.type
_entity_poly.pdbx_seq_one_letter_code
_entity_poly.pdbx_strand_id
1 'polypeptide(L)'
;AVGIGAVFLGFLGAAGSTMGAASMTLTVQARNLLSGIVQQQSNLLRAPEAQQHLLKLTVWGIKQLQARVLAVERYLRDQQ
LLGIWGCSGKLICCTNVPWNSSWSNRNLSEIWDNMTWLQWDKEISNYTQIIYGLLEESQNQQEKNEQDLLALD
;
B,A,E
2 'polypeptide(L)'
;AENLWVTVYYGVPVWKDAETTLFCASDAKAYETEKHNVWATHACVPTDPNPQEIHLENVTEEFNMWKNNMVEQMHTDIIS
LWDQSLKPCVKLTPLCVTLQCTNVTNNITDDMRGELKNCSFNMTTELRDKKQKVYSLFYRLDVVQINENQGNRSNNSNKE
YRLINCNTSACTQACPKVSFEPIPIHYCAPAGFAILKCKDKKFNGTGPCPSVSTVQCTHGIKPVVSTQLLLNGSLAEEEV
MIRSENITNNAKNILVQFNTPVQINCTRPNNNTRKSIRIGPGQAFYATGDIIGDIRQAHCNVSKATWNETLGKVVKQLRK
HFGNNTIIRFANSSGGDLEVTTHSFNCGGEFFYCNTSGLFNSTWISNTSVQGSNSTGSNDSITLPCRIKQIINMWQRIGQ
CMYAPPIQGVIRCVSNITGLILTRDGGSTNSTTETFRPGGGDMRDNWRSELYKYKVVKIEPLGVAPTRCKRRVVGR
;
G,C,F
3 'polypeptide(L)'
;EVQLVESGGGLVQAGGFLRLSCELRGSIFNQYAMAWFRQAPGKEREFVAGMGAVPHYGEFVKGRFTISRDNAKSTVYLQM
SSLKPEDTAIYFCARSKSTYISYNSNGYDYWGRGTQVTVSSAAAHHHHHH
;
H,D,I
#
loop_
_chem_comp.id
_chem_comp.type
_chem_comp.name
_chem_comp.formula
BMA D-saccharide, beta linking beta-D-mannopyranose 'C6 H12 O6'
MAN D-saccharide, alpha linking alpha-D-mannopyranose 'C6 H12 O6'
NAG D-saccharide, beta linking 2-acetamido-2-deoxy-beta-D-glucopyranose 'C8 H15 N O6'
#
# COMPACT_ATOMS: atom_id res chain seq x y z
N LEU A 9 6.87 -37.47 18.61
CA LEU A 9 5.86 -36.96 19.53
C LEU A 9 5.52 -35.49 19.23
N GLY A 10 5.98 -35.00 18.09
CA GLY A 10 5.75 -33.61 17.72
C GLY A 10 5.35 -33.45 16.26
N PHE A 11 5.41 -32.20 15.78
CA PHE A 11 5.02 -31.92 14.40
C PHE A 11 5.90 -32.71 13.43
N LEU A 12 5.29 -33.65 12.71
CA LEU A 12 6.02 -34.57 11.84
C LEU A 12 7.04 -35.37 12.64
N GLY A 13 6.68 -35.72 13.87
CA GLY A 13 7.57 -36.43 14.76
C GLY A 13 7.70 -37.91 14.50
N ALA A 14 6.95 -38.45 13.54
CA ALA A 14 7.01 -39.87 13.21
C ALA A 14 7.01 -40.10 11.71
N ALA A 15 7.56 -39.16 10.95
CA ALA A 15 7.53 -39.28 9.49
C ALA A 15 8.30 -40.50 9.02
N GLY A 16 9.44 -40.79 9.64
CA GLY A 16 10.27 -41.91 9.25
C GLY A 16 9.93 -43.24 9.89
N SER A 17 8.84 -43.31 10.65
CA SER A 17 8.46 -44.54 11.32
C SER A 17 7.51 -45.36 10.43
N THR A 18 7.08 -46.49 10.96
CA THR A 18 6.15 -47.34 10.22
C THR A 18 4.83 -46.61 9.99
N MET A 19 4.27 -46.78 8.78
CA MET A 19 3.03 -46.09 8.45
C MET A 19 1.90 -46.53 9.37
N GLY A 20 1.83 -47.83 9.67
CA GLY A 20 0.85 -48.30 10.64
C GLY A 20 1.04 -47.66 11.99
N ALA A 21 2.30 -47.53 12.43
CA ALA A 21 2.59 -46.83 13.67
C ALA A 21 2.45 -45.32 13.53
N ALA A 22 2.56 -44.80 12.30
CA ALA A 22 2.36 -43.38 12.09
C ALA A 22 0.92 -42.96 12.38
N SER A 23 -0.03 -43.88 12.21
CA SER A 23 -1.42 -43.59 12.49
C SER A 23 -1.70 -43.44 13.98
N MET A 24 -0.75 -43.78 14.85
CA MET A 24 -0.97 -43.62 16.28
C MET A 24 -1.28 -42.17 16.64
N THR A 25 -0.56 -41.23 16.04
CA THR A 25 -0.73 -39.80 16.29
C THR A 25 -0.87 -39.10 14.95
N LEU A 26 -2.11 -38.80 14.56
CA LEU A 26 -2.40 -38.08 13.32
C LEU A 26 -2.91 -36.67 13.54
N THR A 27 -3.39 -36.35 14.75
CA THR A 27 -3.92 -35.02 15.00
C THR A 27 -2.81 -33.97 15.12
N VAL A 28 -1.63 -34.37 15.60
CA VAL A 28 -0.54 -33.42 15.75
C VAL A 28 -0.12 -32.87 14.39
N GLN A 29 -0.13 -33.71 13.36
CA GLN A 29 0.19 -33.27 12.02
C GLN A 29 -0.95 -32.49 11.36
N ALA A 30 -2.14 -32.51 11.95
CA ALA A 30 -3.30 -31.78 11.42
C ALA A 30 -3.67 -30.57 12.25
N ARG A 31 -3.54 -30.66 13.57
CA ARG A 31 -3.88 -29.52 14.43
C ARG A 31 -2.97 -28.33 14.13
N ASN A 32 -1.67 -28.58 13.97
CA ASN A 32 -0.71 -27.52 13.66
C ASN A 32 -0.61 -27.34 12.15
N LEU A 33 -1.77 -27.07 11.53
CA LEU A 33 -1.87 -26.87 10.10
C LEU A 33 -2.53 -25.57 9.71
N LEU A 34 -3.34 -24.96 10.59
CA LEU A 34 -4.02 -23.71 10.30
C LEU A 34 -3.51 -22.54 11.12
N SER A 35 -2.96 -22.79 12.30
CA SER A 35 -2.46 -21.71 13.16
C SER A 35 -1.37 -20.91 12.45
N TRP A 60 6.06 -5.91 3.45
CA TRP A 60 6.58 -6.99 4.27
C TRP A 60 5.43 -7.46 5.16
N GLY A 61 4.64 -6.50 5.65
CA GLY A 61 3.39 -6.85 6.30
C GLY A 61 2.40 -7.47 5.33
N ILE A 62 2.45 -7.03 4.07
CA ILE A 62 1.61 -7.63 3.03
C ILE A 62 1.94 -9.10 2.87
N LYS A 63 3.22 -9.46 3.04
CA LYS A 63 3.62 -10.86 2.93
C LYS A 63 2.91 -11.72 3.96
N GLN A 64 2.83 -11.22 5.20
CA GLN A 64 2.15 -11.97 6.25
C GLN A 64 0.68 -12.19 5.90
N LEU A 65 -0.01 -11.14 5.44
CA LEU A 65 -1.42 -11.27 5.11
C LEU A 65 -1.63 -12.28 3.99
N GLN A 66 -0.78 -12.23 2.96
CA GLN A 66 -0.92 -13.17 1.85
C GLN A 66 -0.72 -14.60 2.31
N ALA A 67 0.25 -14.84 3.18
CA ALA A 67 0.48 -16.19 3.68
C ALA A 67 -0.73 -16.69 4.48
N ARG A 68 -1.29 -15.83 5.33
CA ARG A 68 -2.44 -16.25 6.14
C ARG A 68 -3.62 -16.60 5.27
N VAL A 69 -3.89 -15.79 4.24
CA VAL A 69 -4.99 -16.09 3.33
C VAL A 69 -4.73 -17.39 2.58
N LEU A 70 -3.49 -17.60 2.13
CA LEU A 70 -3.15 -18.86 1.49
C LEU A 70 -3.27 -20.03 2.46
N ALA A 71 -2.81 -19.83 3.70
CA ALA A 71 -2.86 -20.92 4.67
C ALA A 71 -4.28 -21.36 4.95
N VAL A 72 -5.18 -20.41 5.23
CA VAL A 72 -6.57 -20.75 5.49
C VAL A 72 -7.22 -21.32 4.23
N GLU A 73 -6.86 -20.78 3.06
CA GLU A 73 -7.45 -21.25 1.82
C GLU A 73 -7.10 -22.71 1.57
N ARG A 74 -5.85 -23.09 1.84
CA ARG A 74 -5.44 -24.48 1.63
C ARG A 74 -6.23 -25.43 2.52
N TYR A 75 -6.44 -25.06 3.79
CA TYR A 75 -7.18 -25.92 4.69
C TYR A 75 -8.62 -26.12 4.22
N LEU A 76 -9.25 -25.05 3.72
CA LEU A 76 -10.61 -25.18 3.21
C LEU A 76 -10.66 -26.14 2.03
N ARG A 77 -9.67 -26.07 1.14
CA ARG A 77 -9.64 -26.99 0.01
C ARG A 77 -9.61 -28.44 0.48
N ASP A 78 -8.72 -28.75 1.42
CA ASP A 78 -8.61 -30.13 1.89
C ASP A 78 -9.89 -30.59 2.54
N GLN A 79 -10.51 -29.75 3.36
CA GLN A 79 -11.77 -30.13 4.02
C GLN A 79 -12.86 -30.36 2.99
N GLN A 80 -12.94 -29.50 1.97
CA GLN A 80 -13.97 -29.67 0.95
C GLN A 80 -13.79 -31.00 0.20
N LEU A 81 -12.55 -31.34 -0.14
CA LEU A 81 -12.30 -32.59 -0.84
C LEU A 81 -12.74 -33.78 -0.01
N LEU A 82 -12.63 -33.68 1.32
CA LEU A 82 -13.20 -34.72 2.17
C LEU A 82 -14.71 -34.62 2.25
N GLY A 83 -15.25 -33.40 2.18
CA GLY A 83 -16.68 -33.23 2.30
C GLY A 83 -17.46 -33.92 1.19
N ILE A 84 -17.00 -33.78 -0.06
CA ILE A 84 -17.70 -34.39 -1.18
C ILE A 84 -17.67 -35.91 -1.08
N TRP A 85 -16.68 -36.47 -0.40
CA TRP A 85 -16.65 -37.90 -0.15
C TRP A 85 -17.58 -38.23 1.02
N GLY A 86 -17.67 -39.51 1.36
CA GLY A 86 -18.59 -39.96 2.38
C GLY A 86 -18.11 -39.71 3.80
N CYS A 87 -17.79 -38.46 4.11
CA CYS A 87 -17.31 -38.08 5.44
C CYS A 87 -17.10 -36.59 5.48
N SER A 88 -17.11 -36.03 6.70
CA SER A 88 -16.90 -34.60 6.90
C SER A 88 -15.63 -34.33 7.71
N GLY A 89 -15.53 -34.87 8.93
CA GLY A 89 -14.37 -34.64 9.76
C GLY A 89 -13.98 -35.84 10.59
N LYS A 90 -14.32 -37.04 10.11
CA LYS A 90 -14.09 -38.24 10.89
C LYS A 90 -12.61 -38.46 11.18
N LEU A 91 -11.74 -38.02 10.28
CA LEU A 91 -10.29 -38.17 10.33
C LEU A 91 -9.85 -39.60 9.97
N ILE A 92 -10.77 -40.55 9.87
CA ILE A 92 -10.48 -41.86 9.30
C ILE A 92 -11.67 -42.23 8.42
N CYS A 93 -11.54 -41.99 7.11
CA CYS A 93 -12.64 -42.07 6.17
C CYS A 93 -12.39 -43.24 5.23
N CYS A 94 -12.91 -44.40 5.60
CA CYS A 94 -12.70 -45.64 4.85
C CYS A 94 -13.86 -45.81 3.89
N THR A 95 -13.57 -45.75 2.59
CA THR A 95 -14.59 -45.81 1.55
C THR A 95 -14.75 -47.24 1.04
N ASN A 96 -15.89 -47.48 0.40
CA ASN A 96 -16.25 -48.81 -0.08
C ASN A 96 -15.88 -49.06 -1.53
N VAL A 97 -15.26 -48.10 -2.21
CA VAL A 97 -14.89 -48.32 -3.61
C VAL A 97 -13.82 -49.41 -3.68
N PRO A 98 -13.85 -50.30 -4.68
CA PRO A 98 -12.87 -51.39 -4.71
C PRO A 98 -11.45 -50.88 -4.90
N TRP A 99 -10.50 -51.63 -4.36
CA TRP A 99 -9.08 -51.37 -4.54
C TRP A 99 -8.55 -52.17 -5.70
N ASN A 100 -7.50 -51.64 -6.34
CA ASN A 100 -6.87 -52.27 -7.49
C ASN A 100 -5.55 -52.89 -7.08
N SER A 101 -5.36 -54.17 -7.41
CA SER A 101 -4.08 -54.81 -7.14
C SER A 101 -2.98 -54.25 -8.04
N SER A 102 -3.33 -53.84 -9.26
CA SER A 102 -2.32 -53.32 -10.18
C SER A 102 -1.70 -52.04 -9.67
N TRP A 103 -2.46 -51.22 -8.95
CA TRP A 103 -1.93 -49.95 -8.47
C TRP A 103 -0.76 -50.14 -7.52
N SER A 104 -0.87 -51.12 -6.62
CA SER A 104 0.15 -51.37 -5.61
C SER A 104 0.76 -52.76 -5.70
N ASN A 105 -0.05 -53.79 -5.93
CA ASN A 105 0.40 -55.19 -6.02
C ASN A 105 1.32 -55.57 -4.86
N ARG A 106 1.10 -54.97 -3.70
CA ARG A 106 1.85 -55.27 -2.49
C ARG A 106 0.93 -55.90 -1.46
N ASN A 107 1.47 -56.84 -0.68
CA ASN A 107 0.67 -57.50 0.35
C ASN A 107 0.21 -56.50 1.38
N LEU A 108 -1.00 -56.70 1.89
CA LEU A 108 -1.60 -55.74 2.82
C LEU A 108 -0.75 -55.60 4.09
N SER A 109 -0.35 -56.73 4.67
CA SER A 109 0.44 -56.69 5.90
C SER A 109 1.90 -56.36 5.65
N GLU A 110 2.38 -56.49 4.41
CA GLU A 110 3.78 -56.24 4.12
C GLU A 110 4.10 -54.74 4.13
N ILE A 111 3.12 -53.89 3.80
CA ILE A 111 3.37 -52.46 3.70
C ILE A 111 2.98 -51.71 4.97
N TRP A 112 2.13 -52.27 5.82
CA TRP A 112 1.64 -51.59 7.01
C TRP A 112 2.51 -51.82 8.24
N ASP A 113 3.64 -52.51 8.10
CA ASP A 113 4.49 -52.86 9.23
C ASP A 113 5.91 -52.32 9.13
N ASN A 114 6.45 -52.16 7.92
CA ASN A 114 7.83 -51.74 7.74
C ASN A 114 7.95 -50.44 6.95
N MET A 115 7.25 -50.32 5.83
CA MET A 115 7.46 -49.21 4.91
C MET A 115 6.81 -47.93 5.46
N THR A 116 7.50 -46.80 5.26
CA THR A 116 7.07 -45.52 5.78
C THR A 116 6.14 -44.82 4.79
N TRP A 117 5.48 -43.76 5.28
CA TRP A 117 4.53 -43.04 4.45
C TRP A 117 5.22 -42.35 3.28
N LEU A 118 6.37 -41.72 3.51
CA LEU A 118 7.06 -41.00 2.45
C LEU A 118 7.39 -41.93 1.30
N GLN A 119 7.92 -43.11 1.59
CA GLN A 119 8.17 -44.10 0.54
C GLN A 119 6.87 -44.55 -0.10
N TRP A 120 5.82 -44.70 0.71
CA TRP A 120 4.54 -45.15 0.17
C TRP A 120 3.97 -44.14 -0.82
N ASP A 121 4.09 -42.85 -0.52
CA ASP A 121 3.52 -41.84 -1.38
C ASP A 121 4.12 -41.90 -2.78
N LYS A 122 5.44 -42.06 -2.87
CA LYS A 122 6.08 -42.08 -4.18
C LYS A 122 5.64 -43.27 -5.01
N GLU A 123 5.35 -44.41 -4.37
CA GLU A 123 4.96 -45.60 -5.12
C GLU A 123 3.66 -45.37 -5.88
N ILE A 124 2.68 -44.72 -5.25
CA ILE A 124 1.40 -44.43 -5.88
C ILE A 124 1.25 -42.94 -6.18
N SER A 125 2.35 -42.19 -6.17
CA SER A 125 2.28 -40.78 -6.54
C SER A 125 1.81 -40.63 -7.98
N ASN A 126 2.29 -41.49 -8.88
CA ASN A 126 1.86 -41.44 -10.27
C ASN A 126 0.36 -41.71 -10.38
N TYR A 127 -0.14 -42.68 -9.61
CA TYR A 127 -1.55 -43.05 -9.67
C TYR A 127 -2.37 -42.19 -8.69
N THR A 128 -2.37 -40.89 -8.97
CA THR A 128 -3.09 -39.91 -8.19
C THR A 128 -3.96 -39.09 -9.14
N GLN A 129 -4.96 -38.41 -8.55
CA GLN A 129 -5.98 -37.65 -9.28
C GLN A 129 -6.90 -38.55 -10.09
N ILE A 130 -6.78 -39.86 -9.95
CA ILE A 130 -7.70 -40.81 -10.56
C ILE A 130 -8.56 -41.50 -9.50
N ILE A 131 -7.96 -41.87 -8.37
CA ILE A 131 -8.74 -42.40 -7.26
C ILE A 131 -9.71 -41.34 -6.75
N TYR A 132 -9.29 -40.08 -6.76
CA TYR A 132 -10.15 -39.01 -6.26
C TYR A 132 -11.45 -38.94 -7.05
N GLY A 133 -11.37 -39.07 -8.38
CA GLY A 133 -12.58 -39.11 -9.19
C GLY A 133 -13.46 -40.28 -8.83
N LEU A 134 -12.86 -41.46 -8.61
CA LEU A 134 -13.65 -42.64 -8.26
C LEU A 134 -14.40 -42.42 -6.95
N LEU A 135 -13.74 -41.80 -5.97
CA LEU A 135 -14.38 -41.59 -4.67
C LEU A 135 -15.63 -40.73 -4.82
N GLU A 136 -15.55 -39.67 -5.64
CA GLU A 136 -16.70 -38.80 -5.81
C GLU A 136 -17.88 -39.56 -6.43
N GLU A 137 -17.62 -40.37 -7.45
CA GLU A 137 -18.68 -41.14 -8.07
C GLU A 137 -19.29 -42.14 -7.09
N SER A 138 -18.44 -42.82 -6.31
CA SER A 138 -18.94 -43.79 -5.35
C SER A 138 -19.74 -43.15 -4.23
N GLN A 139 -19.61 -41.85 -4.02
CA GLN A 139 -20.36 -41.16 -2.99
C GLN A 139 -21.65 -40.54 -3.53
N ASN A 140 -21.55 -39.81 -4.64
CA ASN A 140 -22.75 -39.22 -5.23
C ASN A 140 -23.75 -40.28 -5.63
N GLN A 141 -23.27 -41.38 -6.22
CA GLN A 141 -24.17 -42.48 -6.55
C GLN A 141 -24.82 -43.05 -5.30
N GLN A 142 -24.02 -43.25 -4.24
CA GLN A 142 -24.58 -43.78 -3.00
C GLN A 142 -25.51 -42.79 -2.33
N GLU A 143 -25.25 -41.49 -2.48
CA GLU A 143 -26.06 -40.49 -1.79
C GLU A 143 -27.52 -40.55 -2.24
N LYS A 144 -27.75 -40.63 -3.56
CA LYS A 144 -29.11 -40.69 -4.06
C LYS A 144 -29.78 -42.01 -3.69
N ASN A 145 -29.02 -43.11 -3.72
CA ASN A 145 -29.58 -44.39 -3.31
C ASN A 145 -30.07 -44.35 -1.87
N GLU A 146 -29.43 -43.54 -1.03
CA GLU A 146 -29.91 -43.34 0.33
C GLU A 146 -31.11 -42.40 0.37
N GLN A 147 -31.13 -41.38 -0.51
CA GLN A 147 -32.20 -40.40 -0.48
C GLN A 147 -33.54 -41.03 -0.87
N ASP A 148 -33.57 -41.76 -1.98
CA ASP A 148 -34.83 -42.38 -2.41
C ASP A 148 -35.22 -43.53 -1.49
N LEU A 149 -34.24 -44.17 -0.85
CA LEU A 149 -34.56 -45.22 0.12
C LEU A 149 -35.37 -44.67 1.28
N LEU A 150 -35.03 -43.47 1.75
CA LEU A 150 -35.78 -42.83 2.82
C LEU A 150 -37.11 -42.26 2.34
N ALA A 151 -37.35 -42.21 1.03
CA ALA A 151 -38.56 -41.62 0.49
C ALA A 151 -39.66 -42.64 0.25
N LEU A 152 -39.30 -43.90 -0.03
CA LEU A 152 -40.32 -44.91 -0.32
C LEU A 152 -41.19 -45.20 0.89
N ASP A 153 -40.76 -44.83 2.09
CA ASP A 153 -41.55 -45.06 3.30
C ASP A 153 -42.91 -44.37 3.19
N GLU B 2 -9.88 -63.03 -0.30
CA GLU B 2 -9.09 -61.89 0.15
C GLU B 2 -9.43 -60.65 -0.65
N ASN B 3 -10.29 -59.80 -0.08
CA ASN B 3 -10.68 -58.54 -0.69
C ASN B 3 -10.44 -57.41 0.30
N LEU B 4 -9.78 -56.36 -0.17
CA LEU B 4 -9.48 -55.20 0.66
C LEU B 4 -9.85 -53.93 -0.11
N TRP B 5 -10.19 -52.89 0.64
CA TRP B 5 -10.72 -51.65 0.09
C TRP B 5 -9.77 -50.50 0.39
N VAL B 6 -10.08 -49.34 -0.19
CA VAL B 6 -9.23 -48.16 -0.08
C VAL B 6 -9.74 -47.28 1.06
N THR B 7 -8.84 -46.48 1.60
CA THR B 7 -9.18 -45.49 2.62
C THR B 7 -8.31 -44.27 2.44
N VAL B 8 -8.76 -43.15 3.00
CA VAL B 8 -8.03 -41.88 2.95
C VAL B 8 -7.71 -41.47 4.38
N TYR B 9 -6.45 -41.12 4.62
CA TYR B 9 -5.95 -40.78 5.95
C TYR B 9 -5.61 -39.29 5.96
N TYR B 10 -6.51 -38.47 6.49
CA TYR B 10 -6.24 -37.05 6.62
C TYR B 10 -5.21 -36.83 7.72
N GLY B 11 -4.43 -35.75 7.58
CA GLY B 11 -3.40 -35.43 8.54
C GLY B 11 -2.29 -36.47 8.57
N VAL B 12 -1.84 -36.89 7.39
CA VAL B 12 -0.78 -37.88 7.27
C VAL B 12 0.53 -37.16 6.99
N PRO B 13 1.65 -37.54 7.62
CA PRO B 13 2.90 -36.79 7.40
C PRO B 13 3.59 -37.16 6.09
N VAL B 14 3.47 -36.28 5.10
CA VAL B 14 4.21 -36.40 3.85
C VAL B 14 4.40 -35.00 3.28
N TRP B 15 5.53 -34.76 2.64
CA TRP B 15 5.88 -33.45 2.13
C TRP B 15 6.43 -33.54 0.72
N LYS B 16 6.31 -32.43 0.00
CA LYS B 16 6.87 -32.29 -1.34
C LYS B 16 7.62 -30.97 -1.44
N ASP B 17 8.69 -30.97 -2.23
CA ASP B 17 9.48 -29.76 -2.40
C ASP B 17 8.64 -28.66 -3.04
N ALA B 18 8.78 -27.45 -2.54
CA ALA B 18 8.02 -26.30 -3.03
C ALA B 18 8.68 -25.03 -2.51
N GLU B 19 8.05 -23.89 -2.77
CA GLU B 19 8.55 -22.60 -2.34
C GLU B 19 7.38 -21.71 -1.95
N THR B 20 7.66 -20.74 -1.09
CA THR B 20 6.63 -19.82 -0.59
C THR B 20 7.33 -18.58 -0.02
N THR B 21 6.56 -17.75 0.68
CA THR B 21 7.04 -16.50 1.23
C THR B 21 7.12 -16.61 2.75
N LEU B 22 8.25 -16.23 3.32
CA LEU B 22 8.49 -16.29 4.76
C LEU B 22 8.23 -14.92 5.37
N PHE B 23 8.54 -14.74 6.66
CA PHE B 23 8.15 -13.53 7.37
C PHE B 23 9.09 -13.28 8.55
N CYS B 24 8.71 -12.30 9.38
CA CYS B 24 9.56 -11.86 10.48
C CYS B 24 9.78 -12.95 11.52
N ALA B 25 10.95 -12.89 12.15
CA ALA B 25 11.15 -13.53 13.45
C ALA B 25 12.35 -12.86 14.10
N SER B 26 12.09 -11.89 14.97
CA SER B 26 13.14 -11.08 15.60
C SER B 26 12.99 -11.13 17.11
N ASP B 27 14.12 -11.06 17.80
CA ASP B 27 14.11 -11.12 19.26
C ASP B 27 13.38 -9.91 19.84
N ALA B 28 12.58 -10.15 20.86
CA ALA B 28 11.82 -9.10 21.52
C ALA B 28 12.63 -8.34 22.56
N LYS B 29 13.88 -8.76 22.81
CA LYS B 29 14.70 -8.07 23.81
C LYS B 29 14.97 -6.62 23.39
N ALA B 30 15.23 -6.40 22.11
CA ALA B 30 15.57 -5.08 21.60
C ALA B 30 14.35 -4.25 21.21
N TYR B 31 13.14 -4.77 21.41
CA TYR B 31 11.94 -4.02 21.03
C TYR B 31 11.83 -2.72 21.81
N GLU B 32 12.15 -2.76 23.11
CA GLU B 32 12.07 -1.55 23.92
C GLU B 32 13.03 -0.49 23.40
N THR B 33 14.21 -0.89 22.93
CA THR B 33 15.15 0.06 22.36
C THR B 33 14.62 0.53 21.00
N GLU B 34 13.92 1.66 21.00
CA GLU B 34 13.27 2.15 19.79
C GLU B 34 14.29 2.41 18.70
N LYS B 35 14.21 1.65 17.60
CA LYS B 35 15.14 1.80 16.49
C LYS B 35 14.39 1.44 15.22
N HIS B 36 13.94 2.45 14.48
CA HIS B 36 13.29 2.25 13.18
C HIS B 36 14.32 2.09 12.07
N ASN B 37 15.25 1.15 12.26
CA ASN B 37 16.36 0.97 11.35
C ASN B 37 16.02 -0.07 10.29
N VAL B 38 16.94 -0.27 9.35
CA VAL B 38 16.80 -1.35 8.39
C VAL B 38 16.72 -2.67 9.15
N TRP B 39 16.14 -3.68 8.52
CA TRP B 39 16.00 -4.99 9.14
C TRP B 39 15.17 -4.86 10.41
N ALA B 40 13.98 -4.29 10.21
CA ALA B 40 13.22 -3.70 11.30
C ALA B 40 12.73 -4.74 12.29
N THR B 41 12.54 -4.29 13.54
CA THR B 41 11.88 -5.06 14.57
C THR B 41 10.58 -4.43 15.04
N HIS B 42 10.40 -3.12 14.81
CA HIS B 42 9.17 -2.46 15.24
C HIS B 42 7.95 -3.02 14.50
N ALA B 43 8.15 -3.61 13.33
CA ALA B 43 7.07 -4.20 12.53
C ALA B 43 7.42 -5.67 12.29
N CYS B 44 7.09 -6.53 13.24
CA CYS B 44 7.34 -7.96 13.13
C CYS B 44 6.46 -8.76 14.09
N VAL B 45 6.22 -10.01 13.69
CA VAL B 45 5.81 -11.05 14.63
C VAL B 45 6.98 -11.34 15.57
N PRO B 46 6.82 -11.21 16.90
CA PRO B 46 7.93 -11.57 17.79
C PRO B 46 8.30 -13.03 17.65
N THR B 47 9.58 -13.32 17.84
CA THR B 47 10.06 -14.70 17.70
C THR B 47 9.55 -15.54 18.86
N ASP B 48 9.94 -16.81 18.87
CA ASP B 48 9.56 -17.74 19.91
C ASP B 48 10.80 -18.29 20.60
N PRO B 49 10.83 -18.36 21.93
CA PRO B 49 12.03 -18.85 22.61
C PRO B 49 12.17 -20.37 22.45
N ASN B 50 13.33 -20.79 21.95
CA ASN B 50 13.62 -22.20 21.73
C ASN B 50 12.52 -22.84 20.89
N PRO B 51 12.46 -22.57 19.60
CA PRO B 51 11.40 -23.15 18.76
C PRO B 51 11.38 -24.67 18.85
N GLN B 52 10.32 -25.25 18.29
CA GLN B 52 10.06 -26.69 18.42
C GLN B 52 11.01 -27.49 17.52
N GLU B 53 12.30 -27.40 17.83
CA GLU B 53 13.32 -28.16 17.12
C GLU B 53 13.28 -29.59 17.65
N ILE B 54 12.63 -30.48 16.91
CA ILE B 54 12.44 -31.87 17.31
C ILE B 54 13.11 -32.77 16.30
N HIS B 55 13.88 -33.75 16.78
CA HIS B 55 14.66 -34.61 15.92
C HIS B 55 13.76 -35.60 15.18
N LEU B 56 14.29 -36.11 14.08
CA LEU B 56 13.62 -37.12 13.27
C LEU B 56 14.55 -38.32 13.09
N GLU B 57 13.95 -39.50 12.92
CA GLU B 57 14.70 -40.74 12.78
C GLU B 57 14.18 -41.51 11.57
N ASN B 58 15.05 -42.35 11.01
CA ASN B 58 14.70 -43.19 9.87
C ASN B 58 14.18 -42.34 8.70
N VAL B 59 14.81 -41.19 8.51
CA VAL B 59 14.41 -40.25 7.47
C VAL B 59 15.65 -39.88 6.64
N THR B 60 15.48 -39.83 5.33
CA THR B 60 16.55 -39.44 4.41
C THR B 60 16.03 -38.39 3.46
N GLU B 61 16.68 -37.24 3.44
CA GLU B 61 16.30 -36.12 2.59
C GLU B 61 17.54 -35.57 1.89
N GLU B 62 17.36 -35.08 0.67
CA GLU B 62 18.44 -34.55 -0.14
C GLU B 62 18.31 -33.03 -0.24
N PHE B 63 19.41 -32.34 -0.03
CA PHE B 63 19.46 -30.88 -0.07
C PHE B 63 20.26 -30.42 -1.29
N ASN B 64 19.98 -29.19 -1.72
CA ASN B 64 20.72 -28.57 -2.82
C ASN B 64 20.67 -27.06 -2.60
N MET B 65 21.75 -26.52 -2.03
CA MET B 65 21.77 -25.09 -1.74
C MET B 65 21.98 -24.25 -2.99
N TRP B 66 22.70 -24.78 -3.98
CA TRP B 66 23.00 -24.00 -5.18
C TRP B 66 21.75 -23.63 -5.96
N LYS B 67 20.65 -24.36 -5.77
CA LYS B 67 19.38 -24.05 -6.42
C LYS B 67 18.29 -23.78 -5.38
N ASN B 68 18.69 -23.37 -4.18
CA ASN B 68 17.72 -23.06 -3.13
C ASN B 68 16.91 -21.83 -3.50
N ASN B 69 15.68 -21.78 -2.97
CA ASN B 69 14.79 -20.65 -3.21
C ASN B 69 14.80 -19.64 -2.08
N MET B 70 15.10 -20.07 -0.85
CA MET B 70 15.13 -19.12 0.27
C MET B 70 16.20 -18.05 0.06
N VAL B 71 17.38 -18.46 -0.42
CA VAL B 71 18.44 -17.48 -0.67
C VAL B 71 18.00 -16.47 -1.72
N GLU B 72 17.38 -16.95 -2.80
CA GLU B 72 16.84 -16.03 -3.80
C GLU B 72 15.74 -15.17 -3.21
N GLN B 73 14.85 -15.77 -2.40
CA GLN B 73 13.79 -15.00 -1.78
C GLN B 73 14.36 -13.99 -0.78
N MET B 74 15.41 -14.37 -0.05
CA MET B 74 16.01 -13.45 0.90
C MET B 74 16.59 -12.23 0.20
N HIS B 75 17.21 -12.44 -0.97
CA HIS B 75 17.84 -11.33 -1.68
C HIS B 75 16.83 -10.25 -2.03
N THR B 76 15.73 -10.64 -2.69
CA THR B 76 14.71 -9.65 -3.04
C THR B 76 14.17 -8.95 -1.80
N ASP B 77 14.22 -9.62 -0.64
CA ASP B 77 13.78 -8.97 0.59
C ASP B 77 14.69 -7.81 0.96
N ILE B 78 16.01 -8.04 0.95
CA ILE B 78 16.94 -6.97 1.32
C ILE B 78 16.86 -5.82 0.32
N ILE B 79 16.73 -6.15 -0.97
CA ILE B 79 16.61 -5.10 -1.98
C ILE B 79 15.38 -4.25 -1.72
N SER B 80 14.25 -4.90 -1.45
CA SER B 80 13.01 -4.17 -1.22
C SER B 80 12.98 -3.46 0.12
N LEU B 81 13.89 -3.80 1.03
CA LEU B 81 13.93 -3.17 2.35
C LEU B 81 14.76 -1.90 2.33
N TRP B 82 15.97 -1.95 1.75
CA TRP B 82 16.85 -0.79 1.76
C TRP B 82 16.19 0.38 1.04
N ASP B 83 15.52 0.12 -0.07
CA ASP B 83 14.83 1.20 -0.78
C ASP B 83 13.76 1.84 0.10
N GLN B 84 13.02 1.02 0.86
CA GLN B 84 12.00 1.56 1.73
C GLN B 84 12.61 2.44 2.83
N SER B 85 13.80 2.08 3.32
CA SER B 85 14.42 2.80 4.42
C SER B 85 15.02 4.14 3.98
N LEU B 86 15.21 4.36 2.68
CA LEU B 86 15.80 5.60 2.19
C LEU B 86 14.76 6.61 1.71
N LYS B 87 13.50 6.22 1.62
CA LYS B 87 12.47 7.16 1.17
C LYS B 87 12.37 8.38 2.07
N PRO B 88 12.31 8.27 3.39
CA PRO B 88 12.16 9.46 4.23
C PRO B 88 13.40 10.33 4.29
N CYS B 89 14.53 9.89 3.74
CA CYS B 89 15.76 10.67 3.82
C CYS B 89 15.72 11.81 2.81
N VAL B 90 16.81 12.58 2.77
CA VAL B 90 16.88 13.83 2.01
C VAL B 90 17.79 13.62 0.80
N LYS B 91 17.36 14.15 -0.35
CA LYS B 91 18.14 14.04 -1.57
C LYS B 91 19.35 14.98 -1.50
N LEU B 92 20.27 14.81 -2.45
CA LEU B 92 21.49 15.60 -2.53
C LEU B 92 21.56 16.45 -3.79
N THR B 93 20.42 16.68 -4.45
CA THR B 93 20.44 17.49 -5.66
C THR B 93 21.04 18.89 -5.43
N PRO B 94 20.74 19.61 -4.34
CA PRO B 94 21.32 20.95 -4.20
C PRO B 94 22.83 20.96 -4.01
N LEU B 95 23.42 19.83 -3.62
CA LEU B 95 24.85 19.78 -3.32
C LEU B 95 25.72 19.64 -4.56
N CYS B 96 25.14 19.32 -5.71
CA CYS B 96 25.91 19.15 -6.95
C CYS B 96 26.31 20.53 -7.46
N VAL B 97 27.38 21.06 -6.87
CA VAL B 97 27.86 22.40 -7.20
C VAL B 97 29.36 22.33 -7.45
N THR B 98 29.86 23.26 -8.26
CA THR B 98 31.29 23.34 -8.51
C THR B 98 32.02 23.67 -7.20
N LEU B 99 33.12 22.95 -6.96
CA LEU B 99 33.86 23.06 -5.70
C LEU B 99 35.25 23.59 -5.97
N GLN B 100 35.70 24.50 -5.09
CA GLN B 100 37.07 24.99 -5.07
C GLN B 100 37.81 24.22 -3.98
N CYS B 101 38.75 23.37 -4.39
CA CYS B 101 39.40 22.44 -3.47
C CYS B 101 40.92 22.59 -3.55
N THR B 102 41.58 22.15 -2.49
CA THR B 102 43.03 22.18 -2.40
C THR B 102 43.48 21.12 -1.40
N ASN B 103 44.75 20.77 -1.47
CA ASN B 103 45.29 19.78 -0.55
C ASN B 103 45.21 20.27 0.89
N VAL B 104 45.17 19.32 1.81
CA VAL B 104 45.17 19.58 3.24
C VAL B 104 46.46 19.00 3.82
N THR B 105 47.23 19.84 4.50
CA THR B 105 48.52 19.44 5.08
C THR B 105 48.60 19.98 6.50
N ASN B 106 48.05 19.23 7.45
CA ASN B 106 48.29 19.46 8.87
C ASN B 106 49.30 18.44 9.37
N ASN B 107 50.55 18.68 9.00
CA ASN B 107 51.65 17.72 9.17
C ASN B 107 51.18 16.30 8.89
N ILE B 108 50.60 16.13 7.70
CA ILE B 108 50.06 14.84 7.30
C ILE B 108 51.18 13.80 7.20
N THR B 109 50.84 12.56 7.52
CA THR B 109 51.81 11.47 7.43
C THR B 109 52.16 11.19 5.97
N ASP B 110 53.36 10.64 5.78
CA ASP B 110 53.83 10.32 4.43
C ASP B 110 53.07 9.16 3.80
N ASP B 111 52.29 8.41 4.58
CA ASP B 111 51.56 7.28 4.03
C ASP B 111 50.58 7.72 2.95
N MET B 112 49.83 8.80 3.21
CA MET B 112 48.85 9.31 2.27
C MET B 112 49.07 10.80 2.08
N ARG B 113 49.08 11.23 0.81
CA ARG B 113 49.19 12.65 0.48
C ARG B 113 47.94 13.17 -0.20
N GLY B 114 47.54 12.57 -1.32
CA GLY B 114 46.34 12.98 -2.03
C GLY B 114 45.13 12.16 -1.66
N GLU B 115 44.82 12.08 -0.36
CA GLU B 115 43.70 11.29 0.12
C GLU B 115 42.58 12.13 0.71
N LEU B 116 42.88 13.31 1.27
CA LEU B 116 41.88 14.20 1.81
C LEU B 116 41.98 15.54 1.08
N LYS B 117 40.85 16.01 0.56
CA LYS B 117 40.78 17.27 -0.17
C LYS B 117 39.89 18.24 0.60
N ASN B 118 40.38 19.46 0.77
CA ASN B 118 39.66 20.51 1.50
C ASN B 118 38.90 21.36 0.49
N CYS B 119 37.58 21.18 0.45
CA CYS B 119 36.72 21.80 -0.54
C CYS B 119 35.81 22.85 0.09
N SER B 120 35.57 23.91 -0.67
CA SER B 120 34.67 24.98 -0.27
C SER B 120 33.75 25.32 -1.44
N PHE B 121 32.48 25.59 -1.14
CA PHE B 121 31.50 25.84 -2.18
C PHE B 121 30.38 26.70 -1.64
N ASN B 122 29.82 27.54 -2.50
CA ASN B 122 28.64 28.31 -2.14
C ASN B 122 27.45 27.39 -2.00
N MET B 123 26.52 27.76 -1.12
CA MET B 123 25.37 26.90 -0.86
C MET B 123 24.22 27.76 -0.34
N THR B 124 23.00 27.35 -0.68
CA THR B 124 21.81 28.07 -0.24
C THR B 124 21.57 27.82 1.24
N THR B 125 21.28 28.90 1.96
CA THR B 125 20.96 28.82 3.38
C THR B 125 19.46 28.64 3.55
N GLU B 126 18.97 28.78 4.79
CA GLU B 126 17.54 28.60 5.03
C GLU B 126 16.71 29.60 4.23
N LEU B 127 17.23 30.80 4.05
CA LEU B 127 16.59 31.82 3.22
C LEU B 127 17.25 31.81 1.85
N ARG B 128 16.45 31.59 0.81
CA ARG B 128 17.02 31.45 -0.53
C ARG B 128 17.63 32.75 -1.04
N ASP B 129 17.21 33.90 -0.51
CA ASP B 129 17.78 35.15 -0.96
C ASP B 129 19.27 35.25 -0.64
N LYS B 130 19.70 34.64 0.46
CA LYS B 130 21.09 34.67 0.90
C LYS B 130 21.79 33.36 0.55
N LYS B 131 23.11 33.42 0.53
CA LYS B 131 23.95 32.25 0.27
C LYS B 131 25.14 32.29 1.22
N GLN B 132 25.67 31.10 1.51
CA GLN B 132 26.78 30.94 2.45
C GLN B 132 27.91 30.16 1.80
N LYS B 133 29.12 30.44 2.25
CA LYS B 133 30.33 29.81 1.73
C LYS B 133 30.85 28.85 2.81
N VAL B 134 30.45 27.59 2.72
CA VAL B 134 30.84 26.58 3.68
C VAL B 134 31.98 25.76 3.09
N TYR B 135 32.66 24.99 3.94
CA TYR B 135 33.77 24.15 3.51
C TYR B 135 33.65 22.79 4.18
N SER B 136 34.24 21.79 3.53
CA SER B 136 34.22 20.42 4.03
C SER B 136 35.42 19.68 3.46
N LEU B 137 35.68 18.51 4.04
CA LEU B 137 36.77 17.64 3.60
C LEU B 137 36.18 16.41 2.94
N PHE B 138 36.61 16.14 1.71
CA PHE B 138 36.13 15.01 0.92
C PHE B 138 37.31 14.12 0.54
N TYR B 139 37.10 12.81 0.62
CA TYR B 139 38.14 11.87 0.24
C TYR B 139 38.40 11.95 -1.27
N ARG B 140 39.64 11.61 -1.65
CA ARG B 140 40.05 11.78 -3.05
C ARG B 140 39.21 10.94 -4.01
N LEU B 141 38.54 9.90 -3.52
CA LEU B 141 37.75 9.03 -4.38
C LEU B 141 36.35 9.57 -4.65
N ASP B 142 36.01 10.74 -4.10
CA ASP B 142 34.67 11.31 -4.25
C ASP B 142 34.69 12.63 -5.02
N VAL B 143 35.76 12.91 -5.75
CA VAL B 143 35.88 14.16 -6.49
C VAL B 143 36.66 13.89 -7.77
N VAL B 144 36.26 14.56 -8.85
CA VAL B 144 36.93 14.48 -10.13
C VAL B 144 37.19 15.89 -10.65
N GLN B 145 38.23 16.01 -11.47
CA GLN B 145 38.62 17.31 -12.01
C GLN B 145 37.91 17.57 -13.33
N ILE B 146 37.48 18.82 -13.52
CA ILE B 146 36.82 19.25 -14.75
C ILE B 146 37.51 20.51 -15.24
N ASN B 147 37.79 20.55 -16.55
CA ASN B 147 38.47 21.70 -17.14
C ASN B 147 38.22 21.74 -18.65
N ASN B 158 45.07 23.71 -11.80
CA ASN B 158 43.69 24.15 -11.65
C ASN B 158 43.02 23.47 -10.46
N LYS B 159 41.92 24.04 -9.98
CA LYS B 159 41.20 23.49 -8.83
C LYS B 159 39.71 23.74 -9.05
N GLU B 160 39.03 22.74 -9.61
CA GLU B 160 37.58 22.83 -9.81
C GLU B 160 37.05 21.40 -9.85
N TYR B 161 36.47 20.94 -8.75
CA TYR B 161 36.03 19.57 -8.59
C TYR B 161 34.52 19.51 -8.40
N ARG B 162 33.97 18.34 -8.69
CA ARG B 162 32.55 18.05 -8.46
C ARG B 162 32.45 16.63 -7.94
N LEU B 163 31.34 16.36 -7.24
CA LEU B 163 31.10 15.00 -6.76
C LEU B 163 30.99 14.04 -7.94
N ILE B 164 31.57 12.85 -7.77
CA ILE B 164 31.69 11.93 -8.89
C ILE B 164 30.33 11.46 -9.38
N ASN B 165 29.33 11.45 -8.51
CA ASN B 165 28.01 10.93 -8.85
C ASN B 165 27.05 11.99 -9.35
N CYS B 166 27.50 13.24 -9.51
CA CYS B 166 26.63 14.34 -9.91
C CYS B 166 26.48 14.46 -11.42
N ASN B 167 26.85 13.42 -12.18
CA ASN B 167 26.60 13.40 -13.62
C ASN B 167 26.05 12.06 -14.08
N THR B 168 25.78 11.13 -13.16
CA THR B 168 25.12 9.86 -13.46
C THR B 168 23.74 9.77 -12.82
N SER B 169 23.66 9.96 -11.50
CA SER B 169 22.38 9.94 -10.81
C SER B 169 22.53 10.47 -9.39
N ALA B 170 21.66 11.41 -9.00
CA ALA B 170 21.65 11.88 -7.62
C ALA B 170 21.11 10.79 -6.71
N CYS B 171 21.47 10.88 -5.43
CA CYS B 171 21.08 9.87 -4.46
C CYS B 171 20.96 10.49 -3.08
N THR B 172 20.23 9.79 -2.22
CA THR B 172 19.80 10.33 -0.94
C THR B 172 20.83 10.06 0.15
N GLN B 173 20.89 10.97 1.12
CA GLN B 173 21.72 10.79 2.29
C GLN B 173 21.18 9.65 3.14
N ALA B 174 22.09 8.97 3.84
CA ALA B 174 21.70 7.94 4.79
C ALA B 174 21.17 8.60 6.05
N CYS B 175 19.94 8.27 6.43
CA CYS B 175 19.33 8.91 7.58
C CYS B 175 20.12 8.57 8.84
N PRO B 176 20.50 9.57 9.65
CA PRO B 176 21.22 9.23 10.89
C PRO B 176 20.42 8.35 11.83
N LYS B 177 19.09 8.40 11.76
CA LYS B 177 18.28 7.62 12.68
C LYS B 177 18.51 6.12 12.51
N VAL B 178 18.59 5.67 11.26
CA VAL B 178 18.75 4.24 11.01
C VAL B 178 20.20 3.84 11.23
N SER B 179 20.41 2.53 11.41
CA SER B 179 21.72 1.96 11.65
C SER B 179 21.97 0.82 10.68
N PHE B 180 23.25 0.55 10.41
CA PHE B 180 23.66 -0.45 9.45
C PHE B 180 24.18 -1.73 10.10
N GLU B 181 24.22 -1.80 11.42
CA GLU B 181 24.80 -2.96 12.09
C GLU B 181 23.92 -4.20 11.86
N PRO B 182 24.52 -5.39 11.91
CA PRO B 182 23.75 -6.61 11.62
C PRO B 182 22.88 -7.02 12.80
N ILE B 183 21.57 -7.02 12.57
CA ILE B 183 20.60 -7.51 13.55
C ILE B 183 20.16 -8.90 13.10
N PRO B 184 20.32 -9.93 13.92
CA PRO B 184 19.92 -11.28 13.47
C PRO B 184 18.46 -11.32 13.09
N ILE B 185 18.16 -12.06 12.03
CA ILE B 185 16.81 -12.20 11.48
C ILE B 185 16.52 -13.68 11.31
N HIS B 186 15.74 -14.26 12.21
CA HIS B 186 15.29 -15.62 12.04
C HIS B 186 14.21 -15.69 10.96
N TYR B 187 14.13 -16.82 10.29
CA TYR B 187 13.15 -17.06 9.25
C TYR B 187 12.22 -18.20 9.69
N CYS B 188 10.92 -17.99 9.53
CA CYS B 188 9.92 -18.97 9.93
C CYS B 188 8.93 -19.17 8.79
N ALA B 189 8.48 -20.42 8.61
CA ALA B 189 7.51 -20.70 7.57
C ALA B 189 6.10 -20.39 8.05
N PRO B 190 5.17 -20.15 7.13
CA PRO B 190 3.78 -19.89 7.53
C PRO B 190 3.05 -21.19 7.82
N ALA B 191 1.80 -21.06 8.26
CA ALA B 191 1.00 -22.23 8.57
C ALA B 191 0.85 -23.13 7.35
N GLY B 192 0.99 -24.44 7.56
CA GLY B 192 0.91 -25.41 6.51
C GLY B 192 2.23 -25.80 5.89
N PHE B 193 3.29 -25.04 6.16
CA PHE B 193 4.62 -25.33 5.66
C PHE B 193 5.53 -25.76 6.80
N ALA B 194 6.71 -26.24 6.45
CA ALA B 194 7.69 -26.66 7.43
C ALA B 194 9.09 -26.47 6.85
N ILE B 195 10.04 -26.15 7.73
CA ILE B 195 11.42 -25.90 7.34
C ILE B 195 12.27 -27.03 7.88
N LEU B 196 12.91 -27.78 6.99
CA LEU B 196 13.84 -28.81 7.39
C LEU B 196 15.18 -28.19 7.76
N LYS B 197 16.09 -29.03 8.26
CA LYS B 197 17.42 -28.56 8.66
C LYS B 197 18.35 -29.75 8.70
N CYS B 198 19.35 -29.77 7.83
CA CYS B 198 20.33 -30.84 7.85
C CYS B 198 21.23 -30.70 9.08
N LYS B 199 21.82 -31.83 9.48
CA LYS B 199 22.68 -31.87 10.66
C LYS B 199 23.93 -32.70 10.48
N ASP B 200 24.18 -33.24 9.30
CA ASP B 200 25.38 -34.04 9.08
C ASP B 200 26.62 -33.15 9.11
N LYS B 201 27.61 -33.54 9.91
CA LYS B 201 28.83 -32.74 9.99
C LYS B 201 29.57 -32.73 8.66
N LYS B 202 29.63 -33.87 7.99
CA LYS B 202 30.33 -33.99 6.71
C LYS B 202 29.37 -33.73 5.54
N PHE B 203 28.69 -32.60 5.60
CA PHE B 203 27.70 -32.22 4.57
C PHE B 203 28.36 -31.24 3.62
N ASN B 204 28.52 -31.65 2.36
CA ASN B 204 29.20 -30.86 1.35
C ASN B 204 28.24 -30.06 0.47
N GLY B 205 27.09 -29.67 1.01
CA GLY B 205 26.15 -28.82 0.32
C GLY B 205 25.09 -29.55 -0.48
N THR B 206 25.45 -30.66 -1.12
CA THR B 206 24.53 -31.43 -1.95
C THR B 206 24.62 -32.90 -1.57
N GLY B 207 23.48 -33.59 -1.69
CA GLY B 207 23.41 -35.00 -1.41
C GLY B 207 22.50 -35.30 -0.24
N PRO B 208 22.18 -36.57 -0.02
CA PRO B 208 21.30 -36.94 1.09
C PRO B 208 21.89 -36.56 2.43
N CYS B 209 21.03 -36.06 3.32
CA CYS B 209 21.41 -35.75 4.69
C CYS B 209 20.72 -36.73 5.63
N PRO B 210 21.43 -37.69 6.24
CA PRO B 210 20.72 -38.72 7.03
C PRO B 210 19.96 -38.16 8.22
N SER B 211 20.63 -37.42 9.09
CA SER B 211 20.03 -36.95 10.33
C SER B 211 19.33 -35.60 10.16
N VAL B 212 18.43 -35.52 9.18
CA VAL B 212 17.68 -34.29 8.97
C VAL B 212 16.66 -34.12 10.09
N SER B 213 16.46 -32.85 10.50
CA SER B 213 15.50 -32.52 11.54
C SER B 213 14.71 -31.30 11.11
N THR B 214 13.51 -31.17 11.67
CA THR B 214 12.61 -30.08 11.34
C THR B 214 12.62 -29.02 12.44
N VAL B 215 12.21 -27.81 12.07
CA VAL B 215 12.13 -26.70 13.01
C VAL B 215 11.24 -25.64 12.41
N GLN B 216 10.41 -25.02 13.25
CA GLN B 216 9.49 -24.00 12.76
C GLN B 216 10.21 -22.71 12.43
N CYS B 217 11.41 -22.49 12.97
CA CYS B 217 12.13 -21.26 12.79
C CYS B 217 13.62 -21.53 12.73
N THR B 218 14.32 -20.80 11.87
CA THR B 218 15.76 -20.94 11.73
C THR B 218 16.48 -20.24 12.87
N HIS B 219 17.76 -20.59 13.05
CA HIS B 219 18.57 -19.99 14.10
C HIS B 219 18.91 -18.56 13.72
N GLY B 220 19.69 -17.90 14.58
CA GLY B 220 20.08 -16.53 14.37
C GLY B 220 20.83 -16.33 13.06
N ILE B 221 20.18 -15.69 12.10
CA ILE B 221 20.75 -15.43 10.78
C ILE B 221 21.02 -13.94 10.69
N LYS B 222 22.29 -13.56 10.59
CA LYS B 222 22.67 -12.16 10.47
C LYS B 222 23.22 -11.90 9.07
N PRO B 223 22.47 -11.25 8.17
CA PRO B 223 23.02 -10.96 6.85
C PRO B 223 24.09 -9.88 6.95
N VAL B 224 25.26 -10.17 6.42
CA VAL B 224 26.41 -9.28 6.49
C VAL B 224 26.80 -8.87 5.07
N VAL B 225 27.03 -7.58 4.88
CA VAL B 225 27.37 -7.03 3.57
C VAL B 225 28.89 -7.08 3.44
N SER B 226 29.38 -8.08 2.72
CA SER B 226 30.81 -8.21 2.45
C SER B 226 31.00 -8.91 1.12
N THR B 227 32.13 -8.64 0.47
CA THR B 227 32.42 -9.21 -0.83
C THR B 227 33.24 -10.49 -0.71
N GLN B 228 34.41 -10.41 -0.08
CA GLN B 228 35.23 -11.57 0.22
C GLN B 228 35.63 -11.51 1.69
N LEU B 229 36.01 -12.66 2.23
CA LEU B 229 36.26 -12.81 3.66
C LEU B 229 35.01 -12.41 4.45
N LEU B 230 33.91 -13.12 4.19
CA LEU B 230 32.67 -12.85 4.87
C LEU B 230 32.85 -12.97 6.38
N LEU B 231 32.33 -11.99 7.11
CA LEU B 231 32.58 -11.85 8.53
C LEU B 231 31.34 -12.27 9.34
N ASN B 232 31.59 -12.69 10.58
CA ASN B 232 30.53 -13.00 11.54
C ASN B 232 29.59 -14.08 11.00
N GLY B 233 30.16 -15.06 10.30
CA GLY B 233 29.40 -16.20 9.83
C GLY B 233 29.27 -17.27 10.90
N SER B 234 28.50 -18.30 10.56
CA SER B 234 28.28 -19.43 11.46
C SER B 234 29.38 -20.46 11.23
N LEU B 235 30.18 -20.71 12.27
CA LEU B 235 31.33 -21.59 12.14
C LEU B 235 30.90 -23.02 11.87
N ALA B 236 31.68 -23.71 11.05
CA ALA B 236 31.49 -25.13 10.85
C ALA B 236 31.93 -25.92 12.08
N GLU B 237 31.33 -27.09 12.27
CA GLU B 237 31.59 -27.86 13.48
C GLU B 237 33.00 -28.43 13.46
N GLU B 238 33.41 -29.05 12.36
CA GLU B 238 34.70 -29.70 12.27
C GLU B 238 35.14 -29.73 10.81
N GLU B 239 36.43 -29.99 10.59
CA GLU B 239 36.89 -30.40 9.26
C GLU B 239 36.56 -29.37 8.20
N VAL B 240 37.31 -28.26 8.16
CA VAL B 240 37.02 -27.14 7.27
C VAL B 240 36.56 -27.64 5.92
N MET B 241 35.41 -27.15 5.48
CA MET B 241 34.70 -27.68 4.32
C MET B 241 34.98 -26.83 3.09
N ILE B 242 34.81 -27.45 1.93
CA ILE B 242 34.96 -26.78 0.63
C ILE B 242 33.70 -27.10 -0.16
N ARG B 243 32.73 -26.20 -0.09
CA ARG B 243 31.43 -26.37 -0.76
C ARG B 243 31.49 -25.71 -2.12
N SER B 244 31.25 -26.49 -3.17
CA SER B 244 31.22 -26.00 -4.54
C SER B 244 30.00 -26.57 -5.24
N GLU B 245 29.83 -26.19 -6.51
CA GLU B 245 28.74 -26.68 -7.34
C GLU B 245 29.24 -27.64 -8.42
N ASN B 246 30.19 -27.18 -9.25
CA ASN B 246 30.89 -28.04 -10.21
C ASN B 246 32.37 -27.71 -10.05
N ILE B 247 33.02 -28.39 -9.10
CA ILE B 247 34.41 -28.06 -8.78
C ILE B 247 35.31 -28.25 -9.99
N THR B 248 34.94 -29.17 -10.89
CA THR B 248 35.71 -29.32 -12.13
C THR B 248 35.68 -28.03 -12.95
N ASN B 249 34.50 -27.40 -13.04
CA ASN B 249 34.41 -26.10 -13.68
C ASN B 249 35.00 -25.02 -12.78
N ASN B 250 35.73 -24.10 -13.39
CA ASN B 250 36.38 -23.02 -12.64
C ASN B 250 35.55 -21.75 -12.57
N ALA B 251 34.47 -21.66 -13.33
CA ALA B 251 33.64 -20.45 -13.32
C ALA B 251 32.78 -20.35 -12.07
N LYS B 252 32.68 -21.42 -11.27
CA LYS B 252 31.86 -21.43 -10.08
C LYS B 252 32.71 -21.14 -8.85
N ASN B 253 32.19 -20.31 -7.95
CA ASN B 253 32.93 -19.93 -6.76
C ASN B 253 33.13 -21.14 -5.86
N ILE B 254 33.92 -20.93 -4.80
CA ILE B 254 34.22 -21.96 -3.81
C ILE B 254 34.11 -21.30 -2.44
N LEU B 255 33.02 -21.60 -1.72
CA LEU B 255 32.75 -20.96 -0.42
C LEU B 255 33.41 -21.79 0.67
N VAL B 256 34.68 -21.48 0.94
CA VAL B 256 35.41 -22.13 2.01
C VAL B 256 34.91 -21.60 3.35
N GLN B 257 34.57 -22.52 4.26
CA GLN B 257 34.11 -22.17 5.60
C GLN B 257 34.89 -23.01 6.59
N PHE B 258 35.59 -22.36 7.52
CA PHE B 258 36.43 -23.04 8.48
C PHE B 258 35.89 -22.88 9.89
N ASN B 259 36.23 -23.84 10.75
CA ASN B 259 35.66 -23.89 12.09
C ASN B 259 36.25 -22.82 12.99
N THR B 260 37.56 -22.85 13.21
CA THR B 260 38.19 -21.90 14.12
C THR B 260 38.27 -20.54 13.44
N PRO B 261 37.69 -19.49 14.03
CA PRO B 261 37.76 -18.17 13.41
C PRO B 261 39.05 -17.45 13.73
N VAL B 262 39.45 -16.56 12.83
CA VAL B 262 40.61 -15.69 13.02
C VAL B 262 40.10 -14.28 13.24
N GLN B 263 40.51 -13.66 14.35
CA GLN B 263 40.02 -12.35 14.71
C GLN B 263 40.73 -11.27 13.90
N ILE B 264 39.95 -10.30 13.43
CA ILE B 264 40.47 -9.18 12.65
C ILE B 264 40.03 -7.89 13.33
N ASN B 265 40.98 -6.98 13.53
CA ASN B 265 40.72 -5.68 14.13
C ASN B 265 40.91 -4.60 13.08
N CYS B 266 39.90 -3.76 12.90
CA CYS B 266 39.94 -2.69 11.92
C CYS B 266 39.61 -1.38 12.62
N THR B 267 40.41 -0.35 12.35
CA THR B 267 40.30 0.92 13.05
C THR B 267 40.49 2.07 12.07
N ARG B 268 39.97 3.24 12.46
CA ARG B 268 40.13 4.49 11.71
C ARG B 268 40.69 5.51 12.68
N PRO B 269 42.01 5.60 12.83
CA PRO B 269 42.58 6.45 13.89
C PRO B 269 42.26 7.92 13.73
N ASN B 270 41.87 8.38 12.54
CA ASN B 270 41.54 9.78 12.35
C ASN B 270 40.42 10.20 13.28
N ASN B 271 40.58 11.35 13.93
CA ASN B 271 39.58 11.87 14.87
C ASN B 271 38.64 12.79 14.11
N ASN B 272 37.73 12.17 13.36
CA ASN B 272 36.76 12.93 12.56
C ASN B 272 35.78 13.67 13.48
N THR B 273 35.37 14.85 13.04
CA THR B 273 34.39 15.66 13.73
C THR B 273 33.28 16.03 12.75
N ARG B 274 32.03 15.87 13.20
CA ARG B 274 30.88 16.11 12.34
C ARG B 274 30.45 17.56 12.42
N LYS B 275 30.06 18.11 11.26
CA LYS B 275 29.55 19.48 11.17
C LYS B 275 28.23 19.44 10.41
N SER B 276 27.26 20.23 10.88
CA SER B 276 25.93 20.26 10.30
C SER B 276 25.77 21.48 9.41
N ILE B 277 25.27 21.24 8.20
CA ILE B 277 24.99 22.31 7.24
C ILE B 277 23.54 22.17 6.78
N ARG B 278 22.84 23.29 6.71
CA ARG B 278 21.41 23.28 6.40
C ARG B 278 21.19 23.30 4.89
N ILE B 279 20.62 22.21 4.37
CA ILE B 279 20.23 22.20 2.96
C ILE B 279 19.16 23.24 2.70
N GLY B 280 18.13 23.26 3.52
CA GLY B 280 17.03 24.18 3.39
C GLY B 280 16.24 24.27 4.67
N PRO B 281 14.92 24.52 4.58
CA PRO B 281 14.09 24.52 5.79
C PRO B 281 13.81 23.10 6.25
N GLY B 282 14.43 22.72 7.36
CA GLY B 282 14.24 21.40 7.94
C GLY B 282 15.09 20.30 7.34
N GLN B 283 15.88 20.60 6.32
CA GLN B 283 16.75 19.62 5.68
C GLN B 283 18.19 19.90 6.09
N ALA B 284 18.82 18.93 6.74
CA ALA B 284 20.17 19.08 7.25
C ALA B 284 21.12 18.11 6.53
N PHE B 285 22.34 18.57 6.28
CA PHE B 285 23.36 17.78 5.62
C PHE B 285 24.64 17.85 6.43
N TYR B 286 25.21 16.69 6.75
CA TYR B 286 26.39 16.60 7.59
C TYR B 286 27.64 16.43 6.73
N ALA B 287 28.71 17.10 7.12
CA ALA B 287 29.98 17.07 6.40
C ALA B 287 31.13 17.03 7.38
N THR B 288 32.26 16.49 6.93
CA THR B 288 33.43 16.40 7.77
C THR B 288 33.92 17.79 8.14
N GLY B 289 34.25 17.98 9.41
CA GLY B 289 34.76 19.24 9.89
C GLY B 289 36.28 19.32 9.78
N ASP B 290 36.94 19.63 10.89
CA ASP B 290 38.40 19.73 10.94
C ASP B 290 38.97 18.52 11.65
N ILE B 291 39.97 17.90 11.03
CA ILE B 291 40.60 16.72 11.62
C ILE B 291 41.47 17.15 12.79
N ILE B 292 41.23 16.56 13.95
CA ILE B 292 41.97 16.89 15.17
C ILE B 292 43.08 15.86 15.35
N GLY B 293 44.30 16.35 15.53
CA GLY B 293 45.45 15.48 15.66
C GLY B 293 46.02 15.08 14.31
N ASP B 294 47.04 14.23 14.37
CA ASP B 294 47.69 13.76 13.15
C ASP B 294 46.77 12.83 12.38
N ILE B 295 47.04 12.70 11.09
CA ILE B 295 46.26 11.86 10.19
C ILE B 295 47.01 10.56 9.98
N ARG B 296 46.34 9.44 10.25
CA ARG B 296 46.94 8.11 10.10
C ARG B 296 46.02 7.24 9.25
N GLN B 297 46.62 6.46 8.35
CA GLN B 297 45.85 5.65 7.43
C GLN B 297 45.08 4.56 8.18
N ALA B 298 43.82 4.37 7.78
CA ALA B 298 43.02 3.30 8.35
C ALA B 298 43.56 1.95 7.89
N HIS B 299 43.71 1.01 8.82
CA HIS B 299 44.30 -0.28 8.53
C HIS B 299 43.59 -1.36 9.34
N CYS B 300 43.97 -2.61 9.08
CA CYS B 300 43.42 -3.76 9.78
C CYS B 300 44.56 -4.71 10.14
N ASN B 301 44.31 -5.55 11.14
CA ASN B 301 45.30 -6.48 11.63
C ASN B 301 44.69 -7.87 11.79
N VAL B 302 45.46 -8.89 11.44
CA VAL B 302 45.09 -10.28 11.64
C VAL B 302 46.31 -11.03 12.13
N SER B 303 46.12 -11.92 13.10
CA SER B 303 47.25 -12.60 13.72
C SER B 303 48.05 -13.38 12.68
N LYS B 304 49.37 -13.21 12.70
CA LYS B 304 50.22 -13.89 11.73
C LYS B 304 50.19 -15.40 11.92
N ALA B 305 50.29 -15.85 13.17
CA ALA B 305 50.39 -17.30 13.43
C ALA B 305 49.11 -18.02 13.05
N THR B 306 47.96 -17.51 13.51
CA THR B 306 46.71 -18.21 13.27
C THR B 306 46.37 -18.25 11.79
N TRP B 307 46.60 -17.14 11.08
CA TRP B 307 46.25 -17.08 9.67
C TRP B 307 47.03 -18.12 8.86
N ASN B 308 48.32 -18.26 9.12
CA ASN B 308 49.11 -19.25 8.40
C ASN B 308 48.60 -20.66 8.70
N GLU B 309 48.26 -20.93 9.96
CA GLU B 309 47.67 -22.22 10.29
C GLU B 309 46.32 -22.41 9.62
N THR B 310 45.50 -21.35 9.57
CA THR B 310 44.18 -21.47 8.96
C THR B 310 44.30 -21.84 7.48
N LEU B 311 45.22 -21.20 6.76
CA LEU B 311 45.45 -21.60 5.37
C LEU B 311 45.94 -23.04 5.28
N GLY B 312 46.69 -23.49 6.29
CA GLY B 312 47.15 -24.87 6.29
C GLY B 312 46.00 -25.86 6.28
N LYS B 313 44.98 -25.61 7.09
CA LYS B 313 43.80 -26.47 7.09
C LYS B 313 43.11 -26.45 5.74
N VAL B 314 42.95 -25.26 5.15
CA VAL B 314 42.25 -25.16 3.88
C VAL B 314 43.00 -25.90 2.78
N VAL B 315 44.33 -25.72 2.73
CA VAL B 315 45.11 -26.39 1.70
C VAL B 315 45.03 -27.91 1.86
N LYS B 316 45.15 -28.39 3.10
CA LYS B 316 45.06 -29.83 3.33
C LYS B 316 43.70 -30.37 2.93
N GLN B 317 42.63 -29.65 3.29
CA GLN B 317 41.29 -30.09 2.93
C GLN B 317 40.99 -29.91 1.45
N LEU B 318 41.73 -29.04 0.76
CA LEU B 318 41.50 -28.81 -0.66
C LEU B 318 42.19 -29.84 -1.55
N ARG B 319 43.13 -30.61 -1.01
CA ARG B 319 43.84 -31.61 -1.81
C ARG B 319 43.00 -32.85 -2.06
N LYS B 320 41.94 -33.07 -1.28
CA LYS B 320 41.10 -34.24 -1.48
C LYS B 320 40.39 -34.22 -2.83
N HIS B 321 40.31 -33.06 -3.48
CA HIS B 321 39.65 -32.95 -4.77
C HIS B 321 40.62 -32.85 -5.94
N PHE B 322 41.87 -32.42 -5.71
CA PHE B 322 42.85 -32.22 -6.76
C PHE B 322 44.09 -33.08 -6.55
N GLY B 323 43.93 -34.22 -5.89
CA GLY B 323 45.05 -35.12 -5.66
C GLY B 323 45.95 -34.61 -4.55
N ASN B 324 47.03 -35.37 -4.32
CA ASN B 324 47.98 -35.05 -3.26
C ASN B 324 49.25 -34.39 -3.78
N ASN B 325 49.70 -34.73 -4.97
CA ASN B 325 50.91 -34.13 -5.55
C ASN B 325 50.51 -32.95 -6.45
N THR B 326 49.97 -31.93 -5.80
CA THR B 326 49.56 -30.70 -6.48
C THR B 326 50.13 -29.51 -5.74
N ILE B 327 50.76 -28.60 -6.48
CA ILE B 327 51.40 -27.42 -5.89
C ILE B 327 50.32 -26.34 -5.79
N ILE B 328 49.69 -26.26 -4.63
CA ILE B 328 48.65 -25.27 -4.38
C ILE B 328 49.30 -23.99 -3.90
N ARG B 329 49.02 -22.88 -4.57
CA ARG B 329 49.56 -21.59 -4.21
C ARG B 329 48.49 -20.53 -4.39
N PHE B 330 48.37 -19.64 -3.40
CA PHE B 330 47.40 -18.56 -3.45
C PHE B 330 48.01 -17.33 -4.12
N ALA B 331 47.15 -16.51 -4.69
CA ALA B 331 47.55 -15.25 -5.32
C ALA B 331 46.59 -14.17 -4.89
N ASN B 332 47.05 -12.92 -4.98
CA ASN B 332 46.24 -11.80 -4.54
C ASN B 332 45.05 -11.62 -5.48
N SER B 333 44.24 -10.60 -5.21
CA SER B 333 42.97 -10.42 -5.89
C SER B 333 43.19 -10.30 -7.41
N SER B 334 42.07 -10.37 -8.13
CA SER B 334 42.13 -10.40 -9.59
C SER B 334 42.53 -9.06 -10.17
N GLY B 335 41.71 -8.04 -9.94
CA GLY B 335 41.92 -6.74 -10.54
C GLY B 335 40.72 -6.29 -11.35
N GLY B 336 40.14 -5.17 -10.99
CA GLY B 336 38.94 -4.68 -11.64
C GLY B 336 38.25 -3.60 -10.84
N ASP B 337 36.94 -3.75 -10.62
CA ASP B 337 36.21 -2.77 -9.84
C ASP B 337 36.78 -2.69 -8.43
N LEU B 338 36.79 -1.48 -7.87
CA LEU B 338 37.40 -1.26 -6.57
C LEU B 338 36.73 -2.08 -5.47
N GLU B 339 35.48 -2.49 -5.67
CA GLU B 339 34.75 -3.24 -4.66
C GLU B 339 34.95 -4.75 -4.78
N VAL B 340 35.79 -5.20 -5.71
CA VAL B 340 36.08 -6.63 -5.87
C VAL B 340 37.56 -6.89 -5.65
N THR B 341 38.40 -5.89 -5.91
CA THR B 341 39.82 -6.04 -5.64
C THR B 341 40.06 -6.13 -4.13
N THR B 342 39.50 -5.20 -3.37
CA THR B 342 39.55 -5.24 -1.92
C THR B 342 38.30 -5.98 -1.42
N HIS B 343 38.04 -5.90 -0.12
CA HIS B 343 36.79 -6.41 0.44
C HIS B 343 36.11 -5.26 1.18
N SER B 344 34.89 -4.93 0.77
CA SER B 344 34.15 -3.79 1.31
C SER B 344 33.25 -4.28 2.42
N PHE B 345 33.63 -4.00 3.67
CA PHE B 345 32.87 -4.41 4.84
C PHE B 345 32.44 -3.17 5.61
N ASN B 346 31.17 -3.14 6.01
CA ASN B 346 30.66 -2.05 6.82
C ASN B 346 31.16 -2.19 8.25
N CYS B 347 31.49 -1.05 8.87
CA CYS B 347 32.00 -1.07 10.25
C CYS B 347 31.66 0.28 10.87
N GLY B 348 30.72 0.26 11.83
CA GLY B 348 30.39 1.48 12.55
C GLY B 348 29.82 2.58 11.67
N GLY B 349 29.05 2.22 10.65
CA GLY B 349 28.42 3.20 9.80
C GLY B 349 29.27 3.76 8.69
N GLU B 350 30.52 3.33 8.57
CA GLU B 350 31.43 3.78 7.52
C GLU B 350 31.91 2.58 6.71
N PHE B 351 31.95 2.75 5.39
CA PHE B 351 32.32 1.68 4.48
C PHE B 351 33.82 1.70 4.24
N PHE B 352 34.45 0.53 4.38
CA PHE B 352 35.89 0.37 4.23
C PHE B 352 36.22 -0.27 2.88
N TYR B 353 37.51 -0.21 2.54
CA TYR B 353 38.03 -0.87 1.35
C TYR B 353 39.47 -1.25 1.66
N CYS B 354 39.69 -2.50 2.05
CA CYS B 354 40.95 -2.94 2.63
C CYS B 354 41.72 -3.80 1.63
N ASN B 355 42.93 -3.37 1.31
CA ASN B 355 43.82 -4.14 0.45
C ASN B 355 44.12 -5.49 1.08
N THR B 356 44.04 -6.55 0.29
CA THR B 356 44.20 -7.91 0.78
C THR B 356 45.37 -8.64 0.15
N SER B 357 46.27 -7.94 -0.55
CA SER B 357 47.39 -8.60 -1.20
C SER B 357 48.35 -9.24 -0.20
N GLY B 358 48.30 -8.82 1.07
CA GLY B 358 49.21 -9.37 2.06
C GLY B 358 48.81 -10.72 2.63
N LEU B 359 47.58 -11.16 2.38
CA LEU B 359 47.10 -12.43 2.92
C LEU B 359 47.28 -13.57 1.90
N PHE B 360 46.68 -13.44 0.73
CA PHE B 360 46.72 -14.47 -0.30
C PHE B 360 48.01 -14.34 -1.10
N ASN B 361 49.12 -14.68 -0.45
CA ASN B 361 50.44 -14.60 -1.09
C ASN B 361 51.31 -15.68 -0.45
N SER B 362 51.39 -16.84 -1.09
CA SER B 362 52.18 -17.95 -0.57
C SER B 362 52.09 -19.10 -1.58
N THR B 363 52.89 -20.13 -1.32
CA THR B 363 52.88 -21.35 -2.11
C THR B 363 53.12 -22.54 -1.18
N TRP B 364 52.40 -23.63 -1.43
CA TRP B 364 52.46 -24.81 -0.57
C TRP B 364 52.90 -26.01 -1.40
N ILE B 365 53.87 -26.75 -0.86
CA ILE B 365 54.37 -27.96 -1.49
C ILE B 365 53.82 -29.16 -0.72
N SER B 366 53.73 -30.29 -1.41
CA SER B 366 53.16 -31.51 -0.85
C SER B 366 54.19 -32.34 -0.09
N ASN B 367 55.27 -31.74 0.38
CA ASN B 367 56.28 -32.45 1.14
C ASN B 367 55.67 -33.07 2.40
N ASN B 379 52.30 -14.32 17.42
CA ASN B 379 53.34 -13.37 17.76
C ASN B 379 53.21 -12.10 16.93
N ASP B 380 53.67 -12.17 15.67
CA ASP B 380 53.58 -11.04 14.78
C ASP B 380 52.14 -10.84 14.30
N SER B 381 51.88 -9.67 13.72
CA SER B 381 50.57 -9.32 13.21
C SER B 381 50.72 -8.79 11.78
N ILE B 382 49.90 -9.32 10.87
CA ILE B 382 49.90 -8.85 9.49
C ILE B 382 49.15 -7.53 9.42
N THR B 383 49.78 -6.52 8.82
CA THR B 383 49.18 -5.20 8.65
C THR B 383 48.91 -4.95 7.18
N LEU B 384 47.73 -4.44 6.87
CA LEU B 384 47.33 -4.13 5.51
C LEU B 384 46.68 -2.76 5.48
N PRO B 385 46.81 -2.03 4.37
CA PRO B 385 46.19 -0.71 4.28
C PRO B 385 44.72 -0.81 3.88
N CYS B 386 44.02 0.32 4.03
CA CYS B 386 42.61 0.40 3.66
C CYS B 386 42.30 1.79 3.16
N ARG B 387 41.22 1.89 2.39
CA ARG B 387 40.73 3.16 1.87
C ARG B 387 39.25 3.30 2.24
N ILE B 388 38.79 4.54 2.32
CA ILE B 388 37.43 4.85 2.75
C ILE B 388 36.79 5.75 1.71
N LYS B 389 35.53 5.46 1.39
CA LYS B 389 34.73 6.26 0.47
C LYS B 389 33.46 6.69 1.19
N GLN B 390 33.22 8.01 1.26
CA GLN B 390 32.01 8.50 1.90
C GLN B 390 30.78 8.06 1.13
N ILE B 391 30.83 8.13 -0.20
CA ILE B 391 29.72 7.71 -1.05
C ILE B 391 30.03 6.35 -1.64
N ILE B 392 28.98 5.59 -1.94
CA ILE B 392 29.10 4.25 -2.49
C ILE B 392 28.01 4.04 -3.53
N ASN B 393 28.37 3.38 -4.62
CA ASN B 393 27.38 2.91 -5.61
C ASN B 393 26.82 1.60 -5.09
N MET B 394 25.65 1.65 -4.48
CA MET B 394 25.16 0.50 -3.71
C MET B 394 24.96 -0.70 -4.62
N TRP B 395 25.20 -1.89 -4.06
CA TRP B 395 24.97 -3.14 -4.78
C TRP B 395 23.49 -3.41 -5.03
N GLN B 396 22.58 -2.69 -4.35
CA GLN B 396 21.17 -2.94 -4.54
C GLN B 396 20.74 -2.68 -5.99
N ARG B 397 21.21 -1.57 -6.56
CA ARG B 397 20.88 -1.21 -7.93
C ARG B 397 22.06 -0.48 -8.55
N ILE B 398 22.10 -0.47 -9.88
CA ILE B 398 23.22 0.14 -10.58
C ILE B 398 23.20 1.65 -10.41
N GLY B 399 22.04 2.27 -10.57
CA GLY B 399 21.94 3.71 -10.62
C GLY B 399 22.20 4.43 -9.31
N GLN B 400 21.30 4.27 -8.35
CA GLN B 400 21.34 5.08 -7.14
C GLN B 400 22.62 4.84 -6.35
N CYS B 401 23.25 5.92 -5.93
CA CYS B 401 24.39 5.87 -5.02
C CYS B 401 23.88 6.04 -3.58
N MET B 402 24.80 6.26 -2.65
CA MET B 402 24.45 6.56 -1.27
C MET B 402 25.53 7.46 -0.68
N TYR B 403 25.16 8.22 0.35
CA TYR B 403 26.09 9.06 1.07
C TYR B 403 26.15 8.59 2.52
N ALA B 404 27.36 8.36 3.01
CA ALA B 404 27.57 7.89 4.38
C ALA B 404 28.01 9.07 5.23
N PRO B 405 27.19 9.56 6.17
CA PRO B 405 27.63 10.68 6.99
C PRO B 405 28.85 10.29 7.81
N PRO B 406 29.74 11.23 8.09
CA PRO B 406 30.90 10.92 8.93
C PRO B 406 30.49 10.59 10.36
N ILE B 407 31.33 9.82 11.02
CA ILE B 407 31.11 9.40 12.40
C ILE B 407 32.19 10.03 13.27
N GLN B 408 31.77 10.64 14.38
CA GLN B 408 32.68 11.35 15.25
C GLN B 408 33.64 10.39 15.93
N GLY B 409 34.74 10.95 16.45
CA GLY B 409 35.69 10.16 17.21
C GLY B 409 36.49 9.22 16.32
N VAL B 410 36.88 8.09 16.90
CA VAL B 410 37.66 7.06 16.21
C VAL B 410 36.82 5.81 16.17
N ILE B 411 36.69 5.23 14.96
CA ILE B 411 35.89 4.03 14.75
C ILE B 411 36.81 2.82 14.80
N ARG B 412 36.48 1.87 15.67
CA ARG B 412 37.21 0.62 15.77
C ARG B 412 36.20 -0.50 16.00
N CYS B 413 36.35 -1.59 15.26
CA CYS B 413 35.44 -2.72 15.37
C CYS B 413 36.21 -4.01 15.10
N VAL B 414 35.94 -5.03 15.91
CA VAL B 414 36.51 -6.35 15.71
C VAL B 414 35.44 -7.25 15.10
N SER B 415 35.87 -8.28 14.39
CA SER B 415 34.96 -9.16 13.70
C SER B 415 35.59 -10.54 13.55
N ASN B 416 34.74 -11.53 13.27
CA ASN B 416 35.16 -12.91 13.08
C ASN B 416 35.21 -13.21 11.59
N ILE B 417 36.41 -13.51 11.09
CA ILE B 417 36.56 -14.01 9.72
C ILE B 417 36.36 -15.52 9.78
N THR B 418 35.22 -15.99 9.28
CA THR B 418 34.85 -17.39 9.40
C THR B 418 35.00 -18.19 8.11
N GLY B 419 34.99 -17.52 6.95
CA GLY B 419 35.07 -18.22 5.69
C GLY B 419 35.77 -17.40 4.64
N LEU B 420 35.91 -17.99 3.45
CA LEU B 420 36.55 -17.35 2.32
C LEU B 420 35.75 -17.66 1.06
N ILE B 421 35.90 -16.80 0.06
CA ILE B 421 35.27 -16.98 -1.24
C ILE B 421 36.40 -17.01 -2.26
N LEU B 422 36.86 -18.20 -2.60
CA LEU B 422 37.97 -18.40 -3.51
C LEU B 422 37.46 -18.74 -4.90
N THR B 423 38.05 -18.13 -5.92
CA THR B 423 37.75 -18.41 -7.31
C THR B 423 38.99 -19.02 -7.95
N ARG B 424 38.85 -20.22 -8.51
CA ARG B 424 39.97 -20.91 -9.10
C ARG B 424 40.41 -20.22 -10.39
N ASP B 425 41.66 -20.46 -10.77
CA ASP B 425 42.23 -19.94 -12.01
C ASP B 425 42.16 -21.01 -13.08
N GLY B 426 41.63 -20.64 -14.24
CA GLY B 426 41.45 -21.59 -15.32
C GLY B 426 42.73 -21.89 -16.08
N GLY B 427 43.67 -22.60 -15.43
CA GLY B 427 44.90 -22.97 -16.07
C GLY B 427 44.76 -24.18 -16.96
N SER B 428 45.88 -24.57 -17.56
CA SER B 428 45.91 -25.73 -18.44
C SER B 428 45.88 -27.03 -17.62
N THR B 429 45.56 -28.13 -18.30
CA THR B 429 45.52 -29.43 -17.63
C THR B 429 46.90 -29.79 -17.08
N ASN B 430 47.95 -29.56 -17.86
CA ASN B 430 49.31 -29.70 -17.36
C ASN B 430 49.63 -28.52 -16.45
N SER B 431 50.89 -28.47 -15.98
CA SER B 431 51.32 -27.41 -15.06
C SER B 431 50.45 -27.44 -13.80
N THR B 432 50.62 -28.51 -13.05
CA THR B 432 49.73 -28.85 -11.93
C THR B 432 49.66 -27.78 -10.85
N THR B 433 50.45 -26.72 -10.97
CA THR B 433 50.34 -25.59 -10.04
C THR B 433 48.97 -24.94 -10.24
N GLU B 434 48.06 -25.20 -9.31
CA GLU B 434 46.71 -24.65 -9.36
C GLU B 434 46.66 -23.43 -8.46
N THR B 435 46.36 -22.28 -9.04
CA THR B 435 46.36 -21.01 -8.34
C THR B 435 44.93 -20.57 -8.02
N PHE B 436 44.67 -20.33 -6.74
CA PHE B 436 43.39 -19.81 -6.29
C PHE B 436 43.52 -18.31 -6.01
N ARG B 437 42.45 -17.58 -6.30
CA ARG B 437 42.44 -16.13 -6.13
C ARG B 437 41.22 -15.75 -5.29
N PRO B 438 41.36 -14.83 -4.34
CA PRO B 438 40.16 -14.34 -3.64
C PRO B 438 39.27 -13.56 -4.57
N GLY B 439 37.96 -13.66 -4.35
CA GLY B 439 37.01 -12.98 -5.21
C GLY B 439 35.63 -13.03 -4.61
N GLY B 440 34.69 -12.43 -5.33
CA GLY B 440 33.32 -12.39 -4.88
C GLY B 440 32.52 -11.30 -5.54
N GLY B 441 31.80 -10.52 -4.75
CA GLY B 441 30.96 -9.45 -5.25
C GLY B 441 29.59 -9.90 -5.69
N ASP B 442 29.32 -11.21 -5.67
CA ASP B 442 27.99 -11.69 -6.05
C ASP B 442 26.94 -11.17 -5.08
N MET B 443 27.24 -11.20 -3.78
CA MET B 443 26.39 -10.73 -2.69
C MET B 443 25.22 -11.67 -2.43
N ARG B 444 25.02 -12.70 -3.24
CA ARG B 444 24.12 -13.80 -2.92
C ARG B 444 24.84 -14.96 -2.27
N ASP B 445 26.11 -15.17 -2.64
CA ASP B 445 26.90 -16.23 -2.02
C ASP B 445 27.15 -15.95 -0.54
N ASN B 446 27.15 -14.67 -0.15
CA ASN B 446 27.38 -14.33 1.25
C ASN B 446 26.31 -14.95 2.14
N TRP B 447 25.05 -14.88 1.72
CA TRP B 447 23.96 -15.50 2.45
C TRP B 447 23.87 -16.99 2.22
N ARG B 448 24.32 -17.47 1.06
CA ARG B 448 24.27 -18.90 0.78
C ARG B 448 25.13 -19.69 1.77
N SER B 449 26.17 -19.07 2.31
CA SER B 449 26.98 -19.72 3.33
C SER B 449 26.21 -19.89 4.64
N GLU B 450 25.12 -19.15 4.84
CA GLU B 450 24.34 -19.22 6.07
C GLU B 450 23.01 -19.94 5.89
N LEU B 451 22.53 -20.11 4.66
CA LEU B 451 21.29 -20.83 4.39
C LEU B 451 21.55 -22.17 3.70
N TYR B 452 22.72 -22.75 3.94
CA TYR B 452 23.06 -24.04 3.34
C TYR B 452 22.46 -25.21 4.09
N LYS B 453 21.81 -24.98 5.23
CA LYS B 453 21.25 -26.05 6.04
C LYS B 453 19.75 -26.22 5.88
N TYR B 454 19.03 -25.17 5.51
CA TYR B 454 17.58 -25.16 5.53
C TYR B 454 16.99 -25.32 4.13
N LYS B 455 15.81 -25.93 4.08
CA LYS B 455 14.99 -25.95 2.88
C LYS B 455 13.53 -25.94 3.30
N VAL B 456 12.69 -25.42 2.42
CA VAL B 456 11.26 -25.25 2.69
C VAL B 456 10.49 -26.35 1.99
N VAL B 457 9.57 -26.99 2.70
CA VAL B 457 8.76 -28.08 2.17
C VAL B 457 7.29 -27.78 2.44
N LYS B 458 6.43 -28.40 1.64
CA LYS B 458 4.99 -28.23 1.72
C LYS B 458 4.36 -29.56 2.14
N ILE B 459 3.51 -29.51 3.16
CA ILE B 459 2.87 -30.71 3.68
C ILE B 459 1.66 -31.04 2.84
N GLU B 460 1.45 -32.33 2.57
CA GLU B 460 0.37 -32.82 1.71
C GLU B 460 -0.43 -33.88 2.47
N PRO B 461 -1.41 -33.48 3.28
CA PRO B 461 -2.19 -34.47 4.03
C PRO B 461 -3.15 -35.25 3.14
N LEU B 462 -4.02 -36.04 3.76
CA LEU B 462 -5.03 -36.83 3.06
C LEU B 462 -4.42 -37.69 1.96
N GLY B 463 -3.58 -38.63 2.39
CA GLY B 463 -3.07 -39.66 1.51
C GLY B 463 -4.08 -40.78 1.33
N VAL B 464 -3.64 -41.82 0.63
CA VAL B 464 -4.49 -42.97 0.31
C VAL B 464 -3.72 -44.24 0.63
N ALA B 465 -4.38 -45.17 1.31
CA ALA B 465 -3.80 -46.45 1.67
C ALA B 465 -4.86 -47.53 1.57
N PRO B 466 -4.46 -48.79 1.42
CA PRO B 466 -5.44 -49.88 1.39
C PRO B 466 -5.70 -50.48 2.77
N THR B 467 -6.94 -50.90 2.97
CA THR B 467 -7.37 -51.53 4.22
C THR B 467 -8.63 -52.35 3.94
N ARG B 468 -9.30 -52.76 5.01
CA ARG B 468 -10.52 -53.56 4.92
C ARG B 468 -11.63 -52.88 5.70
N CYS B 469 -12.69 -52.51 5.01
CA CYS B 469 -13.87 -51.92 5.65
C CYS B 469 -15.10 -52.25 4.81
N LYS B 470 -16.25 -51.76 5.28
CA LYS B 470 -17.47 -51.76 4.48
C LYS B 470 -18.39 -50.72 5.07
N ARG B 471 -18.60 -49.61 4.35
CA ARG B 471 -19.42 -48.53 4.87
C ARG B 471 -20.87 -48.99 4.96
N ARG B 472 -21.35 -49.18 6.19
CA ARG B 472 -22.70 -49.66 6.39
C ARG B 472 -23.71 -48.67 5.84
N VAL B 473 -24.69 -49.19 5.10
CA VAL B 473 -25.73 -48.36 4.50
C VAL B 473 -26.89 -48.19 5.47
N GLU C 1 14.42 -17.84 -18.92
CA GLU C 1 15.74 -18.26 -19.47
C GLU C 1 16.59 -17.04 -19.80
N VAL C 2 17.91 -17.15 -19.59
CA VAL C 2 18.85 -16.07 -19.83
C VAL C 2 19.53 -16.31 -21.16
N GLN C 3 19.47 -15.32 -22.05
CA GLN C 3 20.11 -15.42 -23.36
C GLN C 3 20.50 -14.02 -23.81
N LEU C 4 21.46 -13.96 -24.74
CA LEU C 4 22.00 -12.71 -25.21
C LEU C 4 22.09 -12.72 -26.74
N VAL C 5 22.07 -11.52 -27.32
CA VAL C 5 22.23 -11.34 -28.75
C VAL C 5 23.41 -10.39 -28.97
N GLU C 6 23.79 -10.23 -30.24
CA GLU C 6 24.92 -9.39 -30.60
C GLU C 6 24.60 -8.63 -31.88
N SER C 7 25.39 -7.59 -32.13
CA SER C 7 25.24 -6.77 -33.32
C SER C 7 25.95 -7.45 -34.50
N GLY C 8 26.08 -6.73 -35.61
CA GLY C 8 26.67 -7.30 -36.80
C GLY C 8 28.18 -7.35 -36.77
N GLY C 9 28.82 -6.20 -36.70
CA GLY C 9 30.28 -6.12 -36.80
C GLY C 9 30.75 -6.03 -38.25
N GLY C 10 31.31 -7.13 -38.75
CA GLY C 10 31.67 -7.21 -40.15
C GLY C 10 33.00 -6.56 -40.45
N LEU C 11 33.37 -6.63 -41.73
CA LEU C 11 34.63 -6.05 -42.19
C LEU C 11 34.62 -4.54 -41.99
N VAL C 12 35.77 -4.01 -41.58
CA VAL C 12 35.94 -2.57 -41.37
C VAL C 12 37.31 -2.17 -41.90
N GLN C 13 37.35 -1.04 -42.61
CA GLN C 13 38.61 -0.52 -43.12
C GLN C 13 39.50 -0.07 -41.95
N ALA C 14 40.80 -0.20 -42.13
CA ALA C 14 41.74 0.22 -41.10
C ALA C 14 41.55 1.69 -40.78
N GLY C 15 41.51 2.01 -39.49
CA GLY C 15 41.22 3.36 -39.07
C GLY C 15 39.78 3.76 -39.24
N GLY C 16 38.87 2.80 -39.31
CA GLY C 16 37.47 3.06 -39.53
C GLY C 16 36.68 3.19 -38.25
N PHE C 17 35.36 2.96 -38.35
CA PHE C 17 34.45 3.09 -37.23
C PHE C 17 33.52 1.88 -37.21
N LEU C 18 33.11 1.50 -36.01
CA LEU C 18 32.22 0.36 -35.85
C LEU C 18 31.54 0.44 -34.49
N ARG C 19 30.33 -0.13 -34.41
CA ARG C 19 29.55 -0.14 -33.18
C ARG C 19 29.03 -1.55 -32.96
N LEU C 20 29.10 -2.02 -31.71
CA LEU C 20 28.57 -3.31 -31.30
C LEU C 20 27.45 -3.10 -30.29
N SER C 21 26.67 -4.15 -30.07
CA SER C 21 25.56 -4.11 -29.13
C SER C 21 25.32 -5.49 -28.56
N CYS C 22 24.65 -5.52 -27.40
CA CYS C 22 24.34 -6.79 -26.74
C CYS C 22 23.14 -6.56 -25.83
N GLU C 23 22.04 -7.24 -26.11
CA GLU C 23 20.79 -7.06 -25.37
C GLU C 23 20.60 -8.19 -24.39
N LEU C 24 20.38 -7.85 -23.13
CA LEU C 24 20.11 -8.84 -22.09
C LEU C 24 18.60 -8.99 -21.94
N ARG C 25 18.08 -10.17 -22.26
CA ARG C 25 16.65 -10.41 -22.33
C ARG C 25 16.09 -11.08 -21.08
N GLY C 26 16.70 -12.17 -20.64
CA GLY C 26 16.14 -12.96 -19.56
C GLY C 26 16.10 -12.27 -18.22
N SER C 27 17.27 -12.03 -17.63
CA SER C 27 17.34 -11.49 -16.28
C SER C 27 17.12 -9.98 -16.30
N ILE C 28 17.00 -9.41 -15.10
CA ILE C 28 16.81 -7.97 -14.96
C ILE C 28 18.07 -7.25 -15.44
N PHE C 29 17.89 -6.04 -15.98
CA PHE C 29 19.03 -5.31 -16.52
C PHE C 29 19.72 -4.43 -15.49
N ASN C 30 18.98 -3.91 -14.52
CA ASN C 30 19.55 -3.03 -13.49
C ASN C 30 20.03 -3.81 -12.28
N GLN C 31 20.41 -5.08 -12.46
CA GLN C 31 20.95 -5.88 -11.37
C GLN C 31 22.19 -6.66 -11.79
N TYR C 32 22.75 -6.37 -12.95
CA TYR C 32 23.94 -7.09 -13.42
C TYR C 32 24.76 -6.14 -14.28
N ALA C 33 26.04 -6.48 -14.42
CA ALA C 33 27.00 -5.70 -15.20
C ALA C 33 27.49 -6.54 -16.37
N MET C 34 27.52 -5.93 -17.56
CA MET C 34 27.93 -6.61 -18.77
C MET C 34 29.30 -6.12 -19.22
N ALA C 35 30.03 -6.99 -19.90
CA ALA C 35 31.38 -6.69 -20.36
C ALA C 35 31.66 -7.45 -21.64
N TRP C 36 32.65 -6.98 -22.38
CA TRP C 36 33.02 -7.54 -23.68
C TRP C 36 34.40 -8.18 -23.59
N PHE C 37 34.52 -9.38 -24.15
CA PHE C 37 35.79 -10.10 -24.22
C PHE C 37 36.13 -10.39 -25.67
N ARG C 38 37.43 -10.38 -25.96
CA ARG C 38 37.93 -10.68 -27.29
C ARG C 38 38.89 -11.86 -27.22
N GLN C 39 38.85 -12.69 -28.28
CA GLN C 39 39.67 -13.89 -28.37
C GLN C 39 40.33 -13.90 -29.74
N ALA C 40 41.55 -13.37 -29.81
CA ALA C 40 42.30 -13.41 -31.06
C ALA C 40 42.70 -14.85 -31.36
N PRO C 41 42.92 -15.19 -32.63
CA PRO C 41 43.29 -16.57 -32.97
C PRO C 41 44.58 -16.98 -32.29
N GLY C 42 44.60 -18.22 -31.80
CA GLY C 42 45.78 -18.72 -31.10
C GLY C 42 46.08 -17.94 -29.83
N LYS C 43 45.05 -17.56 -29.08
CA LYS C 43 45.24 -16.81 -27.85
C LYS C 43 44.03 -17.00 -26.96
N GLU C 44 44.22 -16.74 -25.67
CA GLU C 44 43.16 -16.88 -24.69
C GLU C 44 42.32 -15.60 -24.63
N ARG C 45 41.17 -15.71 -23.97
CA ARG C 45 40.29 -14.56 -23.83
C ARG C 45 40.92 -13.52 -22.91
N GLU C 46 40.54 -12.25 -23.13
CA GLU C 46 41.03 -11.15 -22.31
C GLU C 46 39.99 -10.05 -22.28
N PHE C 47 40.07 -9.20 -21.26
CA PHE C 47 39.10 -8.14 -21.07
C PHE C 47 39.31 -7.03 -22.09
N VAL C 48 38.20 -6.40 -22.49
CA VAL C 48 38.23 -5.28 -23.41
C VAL C 48 37.56 -4.08 -22.76
N ALA C 49 36.27 -4.22 -22.43
CA ALA C 49 35.52 -3.14 -21.81
C ALA C 49 34.37 -3.72 -21.01
N GLY C 50 33.85 -2.92 -20.09
CA GLY C 50 32.75 -3.34 -19.24
C GLY C 50 32.15 -2.19 -18.46
N MET C 51 30.82 -2.17 -18.36
CA MET C 51 30.10 -1.09 -17.68
C MET C 51 29.25 -1.69 -16.56
N GLY C 52 29.65 -1.41 -15.32
CA GLY C 52 28.83 -1.71 -14.16
C GLY C 52 28.20 -0.44 -13.65
N ALA C 53 28.78 0.13 -12.59
CA ALA C 53 28.46 1.49 -12.17
C ALA C 53 29.51 2.50 -12.59
N VAL C 54 30.71 2.06 -12.97
CA VAL C 54 31.77 2.94 -13.46
C VAL C 54 32.47 2.23 -14.60
N PRO C 55 32.78 2.91 -15.71
CA PRO C 55 33.36 2.22 -16.86
C PRO C 55 34.76 1.71 -16.58
N HIS C 56 35.14 0.64 -17.26
CA HIS C 56 36.49 0.10 -17.22
C HIS C 56 36.92 -0.31 -18.62
N TYR C 57 38.23 -0.31 -18.85
CA TYR C 57 38.79 -0.66 -20.15
C TYR C 57 40.08 -1.43 -19.95
N GLY C 58 40.48 -2.15 -20.99
CA GLY C 58 41.72 -2.89 -20.97
C GLY C 58 42.92 -1.98 -21.17
N GLU C 59 44.10 -2.59 -21.04
CA GLU C 59 45.34 -1.82 -21.16
C GLU C 59 45.56 -1.33 -22.58
N PHE C 60 45.09 -2.08 -23.59
CA PHE C 60 45.33 -1.72 -24.98
C PHE C 60 44.24 -0.82 -25.57
N VAL C 61 43.17 -0.55 -24.82
CA VAL C 61 42.12 0.33 -25.34
C VAL C 61 42.67 1.74 -25.53
N LYS C 62 43.40 2.25 -24.55
CA LYS C 62 44.05 3.56 -24.62
C LYS C 62 43.05 4.67 -24.92
N GLY C 63 41.81 4.51 -24.46
CA GLY C 63 40.79 5.51 -24.64
C GLY C 63 40.13 5.53 -26.00
N ARG C 64 40.53 4.64 -26.91
CA ARG C 64 39.92 4.62 -28.23
C ARG C 64 38.43 4.27 -28.14
N PHE C 65 38.08 3.29 -27.31
CA PHE C 65 36.72 2.78 -27.26
C PHE C 65 35.86 3.62 -26.33
N THR C 66 34.56 3.39 -26.39
CA THR C 66 33.60 4.05 -25.50
C THR C 66 32.47 3.07 -25.24
N ILE C 67 32.15 2.87 -23.97
CA ILE C 67 31.14 1.90 -23.54
C ILE C 67 30.07 2.63 -22.73
N SER C 68 28.81 2.35 -23.04
CA SER C 68 27.69 2.92 -22.31
C SER C 68 26.51 1.97 -22.43
N ARG C 69 25.71 1.91 -21.38
CA ARG C 69 24.57 1.01 -21.29
C ARG C 69 23.28 1.82 -21.24
N ASP C 70 22.34 1.49 -22.14
CA ASP C 70 21.04 2.15 -22.18
C ASP C 70 20.07 1.35 -21.33
N ASN C 71 19.61 1.95 -20.23
CA ASN C 71 18.71 1.24 -19.32
C ASN C 71 17.36 0.97 -19.97
N ALA C 72 16.94 1.81 -20.91
CA ALA C 72 15.63 1.65 -21.53
C ALA C 72 15.56 0.36 -22.34
N LYS C 73 16.43 0.24 -23.35
CA LYS C 73 16.43 -0.95 -24.20
C LYS C 73 17.13 -2.14 -23.56
N SER C 74 17.78 -1.96 -22.42
CA SER C 74 18.50 -3.03 -21.73
C SER C 74 19.58 -3.62 -22.64
N THR C 75 20.44 -2.73 -23.13
CA THR C 75 21.54 -3.12 -24.01
C THR C 75 22.78 -2.32 -23.65
N VAL C 76 23.93 -2.84 -24.05
CA VAL C 76 25.22 -2.20 -23.84
C VAL C 76 25.91 -2.05 -25.19
N TYR C 77 26.37 -0.85 -25.50
CA TYR C 77 27.00 -0.55 -26.77
C TYR C 77 28.51 -0.50 -26.60
N LEU C 78 29.22 -0.33 -27.72
CA LEU C 78 30.67 -0.23 -27.70
C LEU C 78 31.08 0.60 -28.92
N GLN C 79 31.41 1.87 -28.69
CA GLN C 79 31.73 2.80 -29.78
C GLN C 79 33.22 2.73 -30.10
N MET C 80 33.60 1.62 -30.73
CA MET C 80 34.98 1.44 -31.15
C MET C 80 35.32 2.41 -32.27
N SER C 81 36.56 2.89 -32.27
CA SER C 81 37.02 3.86 -33.27
C SER C 81 38.49 3.64 -33.54
N SER C 82 38.89 3.85 -34.80
CA SER C 82 40.28 3.75 -35.23
C SER C 82 40.83 2.35 -34.90
N LEU C 83 40.24 1.35 -35.55
CA LEU C 83 40.56 -0.04 -35.26
C LEU C 83 41.82 -0.43 -36.02
N LYS C 84 42.90 -0.70 -35.27
CA LYS C 84 44.12 -1.18 -35.88
C LYS C 84 43.95 -2.63 -36.35
N PRO C 85 44.75 -3.07 -37.32
CA PRO C 85 44.62 -4.45 -37.79
C PRO C 85 44.87 -5.50 -36.72
N GLU C 86 45.63 -5.15 -35.67
CA GLU C 86 45.87 -6.11 -34.59
C GLU C 86 44.61 -6.41 -33.79
N ASP C 87 43.56 -5.60 -33.92
CA ASP C 87 42.35 -5.77 -33.13
C ASP C 87 41.40 -6.82 -33.70
N THR C 88 41.72 -7.40 -34.86
CA THR C 88 40.87 -8.44 -35.42
C THR C 88 40.78 -9.62 -34.47
N ALA C 89 39.55 -9.99 -34.10
CA ALA C 89 39.30 -11.11 -33.21
C ALA C 89 37.79 -11.27 -33.07
N ILE C 90 37.39 -12.34 -32.40
CA ILE C 90 35.99 -12.60 -32.09
C ILE C 90 35.66 -11.92 -30.77
N TYR C 91 34.67 -11.03 -30.79
CA TYR C 91 34.30 -10.24 -29.61
C TYR C 91 33.05 -10.85 -28.99
N PHE C 92 33.20 -11.40 -27.78
CA PHE C 92 32.10 -12.00 -27.05
C PHE C 92 31.39 -10.98 -26.18
N CYS C 93 30.19 -11.34 -25.73
CA CYS C 93 29.43 -10.57 -24.76
C CYS C 93 29.06 -11.47 -23.59
N ALA C 94 29.30 -10.99 -22.37
CA ALA C 94 29.08 -11.79 -21.18
C ALA C 94 28.44 -10.94 -20.11
N ARG C 95 27.76 -11.62 -19.18
CA ARG C 95 27.10 -10.99 -18.04
C ARG C 95 27.78 -11.46 -16.76
N SER C 96 28.13 -10.50 -15.90
CA SER C 96 28.81 -10.82 -14.66
C SER C 96 27.84 -11.42 -13.65
N LYS C 97 28.41 -12.06 -12.63
CA LYS C 97 27.58 -12.65 -11.58
C LYS C 97 26.80 -11.59 -10.83
N SER C 98 27.30 -10.36 -10.79
CA SER C 98 26.64 -9.29 -10.06
C SER C 98 27.07 -7.95 -10.65
N THR C 99 26.84 -6.87 -9.92
CA THR C 99 27.03 -5.51 -10.41
C THR C 99 28.49 -5.06 -10.40
N TYR C 100 29.45 -5.98 -10.31
CA TYR C 100 30.86 -5.66 -10.34
C TYR C 100 31.52 -6.39 -11.50
N ILE C 101 32.62 -5.83 -11.98
CA ILE C 101 33.33 -6.33 -13.16
C ILE C 101 34.69 -6.85 -12.73
N SER C 102 35.03 -8.06 -13.15
CA SER C 102 36.32 -8.67 -12.86
C SER C 102 37.01 -9.00 -14.18
N TYR C 103 38.30 -8.69 -14.27
CA TYR C 103 39.03 -8.87 -15.52
C TYR C 103 39.19 -10.34 -15.90
N ASN C 104 39.14 -11.25 -14.93
CA ASN C 104 39.25 -12.67 -15.26
C ASN C 104 37.97 -13.16 -15.93
N SER C 105 38.13 -14.07 -16.88
CA SER C 105 36.99 -14.61 -17.61
C SER C 105 36.04 -15.39 -16.71
N ASN C 106 36.52 -15.87 -15.56
CA ASN C 106 35.70 -16.68 -14.67
C ASN C 106 34.77 -15.87 -13.79
N GLY C 107 34.60 -14.58 -14.07
CA GLY C 107 33.67 -13.76 -13.32
C GLY C 107 32.34 -13.57 -14.01
N TYR C 108 32.08 -14.39 -15.03
CA TYR C 108 30.86 -14.29 -15.83
C TYR C 108 30.31 -15.69 -16.06
N ASP C 109 28.97 -15.79 -16.07
CA ASP C 109 28.30 -17.08 -16.14
C ASP C 109 27.31 -17.19 -17.30
N TYR C 110 27.28 -16.21 -18.21
CA TYR C 110 26.38 -16.27 -19.36
C TYR C 110 27.07 -15.55 -20.52
N TRP C 111 27.71 -16.33 -21.38
CA TRP C 111 28.44 -15.77 -22.52
C TRP C 111 27.53 -15.70 -23.74
N GLY C 112 28.08 -15.19 -24.84
CA GLY C 112 27.37 -15.07 -26.09
C GLY C 112 27.97 -15.93 -27.18
N ARG C 113 27.31 -15.90 -28.34
CA ARG C 113 27.76 -16.72 -29.46
C ARG C 113 29.11 -16.24 -29.99
N GLY C 114 29.29 -14.94 -30.08
CA GLY C 114 30.53 -14.35 -30.57
C GLY C 114 30.30 -13.61 -31.87
N THR C 115 30.88 -12.43 -31.97
CA THR C 115 30.77 -11.58 -33.15
C THR C 115 32.14 -11.48 -33.83
N GLN C 116 32.16 -11.74 -35.13
CA GLN C 116 33.41 -11.69 -35.89
C GLN C 116 33.68 -10.28 -36.37
N VAL C 117 34.86 -9.76 -36.02
CA VAL C 117 35.30 -8.44 -36.46
C VAL C 117 36.70 -8.57 -37.02
N THR C 118 36.90 -8.08 -38.24
CA THR C 118 38.19 -8.14 -38.91
C THR C 118 38.51 -6.78 -39.53
N VAL C 119 39.80 -6.47 -39.61
CA VAL C 119 40.29 -5.22 -40.15
C VAL C 119 41.35 -5.53 -41.19
N SER C 120 41.27 -4.87 -42.34
CA SER C 120 42.24 -5.06 -43.42
C SER C 120 42.83 -3.73 -43.87
N LEU D 9 -21.92 -31.10 -18.78
CA LEU D 9 -20.90 -31.93 -18.15
C LEU D 9 -19.82 -31.08 -17.49
N GLY D 10 -20.03 -29.77 -17.45
CA GLY D 10 -19.05 -28.85 -16.87
C GLY D 10 -19.67 -27.87 -15.91
N PHE D 11 -18.94 -26.79 -15.62
CA PHE D 11 -19.40 -25.76 -14.69
C PHE D 11 -20.73 -25.18 -15.18
N LEU D 12 -21.80 -25.41 -14.43
CA LEU D 12 -23.15 -24.99 -14.83
C LEU D 12 -23.50 -25.57 -16.20
N GLY D 13 -23.08 -26.82 -16.44
CA GLY D 13 -23.33 -27.47 -17.70
C GLY D 13 -24.73 -28.00 -17.89
N ALA D 14 -25.58 -27.89 -16.89
CA ALA D 14 -26.95 -28.38 -16.97
C ALA D 14 -27.94 -27.39 -16.36
N ALA D 15 -27.60 -26.10 -16.40
CA ALA D 15 -28.46 -25.10 -15.77
C ALA D 15 -29.82 -25.02 -16.45
N GLY D 16 -29.91 -25.39 -17.72
CA GLY D 16 -31.14 -25.32 -18.48
C GLY D 16 -31.89 -26.62 -18.63
N SER D 17 -31.44 -27.71 -18.01
CA SER D 17 -32.09 -29.00 -18.13
C SER D 17 -33.10 -29.18 -17.01
N THR D 18 -33.70 -30.37 -16.95
CA THR D 18 -34.66 -30.68 -15.90
C THR D 18 -34.00 -30.59 -14.53
N MET D 19 -34.72 -30.02 -13.57
CA MET D 19 -34.15 -29.84 -12.24
C MET D 19 -33.82 -31.19 -11.59
N GLY D 20 -34.68 -32.19 -11.77
CA GLY D 20 -34.38 -33.51 -11.26
C GLY D 20 -33.14 -34.10 -11.90
N ALA D 21 -33.00 -33.95 -13.22
CA ALA D 21 -31.80 -34.42 -13.90
C ALA D 21 -30.59 -33.60 -13.51
N ALA D 22 -30.78 -32.29 -13.26
CA ALA D 22 -29.66 -31.45 -12.88
C ALA D 22 -29.05 -31.88 -11.56
N SER D 23 -29.83 -32.55 -10.70
CA SER D 23 -29.32 -33.00 -9.42
C SER D 23 -28.21 -34.03 -9.55
N MET D 24 -28.12 -34.71 -10.69
CA MET D 24 -27.04 -35.68 -10.89
C MET D 24 -25.68 -35.01 -10.82
N THR D 25 -25.53 -33.85 -11.46
CA THR D 25 -24.29 -33.08 -11.47
C THR D 25 -24.45 -31.93 -10.48
N LEU D 26 -24.00 -32.15 -9.24
CA LEU D 26 -24.02 -31.12 -8.22
C LEU D 26 -22.64 -30.81 -7.64
N THR D 27 -21.70 -31.73 -7.69
CA THR D 27 -20.37 -31.47 -7.16
C THR D 27 -19.58 -30.54 -8.06
N VAL D 28 -19.83 -30.57 -9.37
CA VAL D 28 -19.11 -29.70 -10.29
C VAL D 28 -19.43 -28.24 -10.00
N GLN D 29 -20.69 -27.93 -9.72
CA GLN D 29 -21.07 -26.57 -9.36
C GLN D 29 -20.64 -26.18 -7.95
N ALA D 30 -20.22 -27.15 -7.13
CA ALA D 30 -19.77 -26.90 -5.77
C ALA D 30 -18.27 -27.01 -5.60
N ARG D 31 -17.63 -27.95 -6.29
CA ARG D 31 -16.18 -28.11 -6.16
C ARG D 31 -15.45 -26.86 -6.61
N ASN D 32 -15.85 -26.29 -7.75
CA ASN D 32 -15.23 -25.08 -8.27
C ASN D 32 -16.00 -23.86 -7.75
N LEU D 33 -15.84 -23.62 -6.45
CA LEU D 33 -16.52 -22.53 -5.77
C LEU D 33 -15.52 -21.62 -5.06
N LEU D 34 -14.43 -22.20 -4.57
CA LEU D 34 -13.39 -21.45 -3.89
C LEU D 34 -12.01 -21.66 -4.48
N SER D 35 -11.90 -22.38 -5.59
CA SER D 35 -10.60 -22.63 -6.22
C SER D 35 -9.99 -21.33 -6.72
N TRP D 60 -3.55 -3.42 -7.87
CA TRP D 60 -4.13 -4.36 -8.81
C TRP D 60 -3.72 -5.78 -8.41
N GLY D 61 -2.73 -5.87 -7.51
CA GLY D 61 -2.57 -7.06 -6.71
C GLY D 61 -3.51 -7.07 -5.51
N ILE D 62 -3.77 -5.88 -4.94
CA ILE D 62 -4.71 -5.77 -3.83
C ILE D 62 -6.11 -6.17 -4.26
N LYS D 63 -6.49 -5.85 -5.51
CA LYS D 63 -7.81 -6.22 -6.00
C LYS D 63 -7.99 -7.74 -5.99
N GLN D 64 -6.95 -8.47 -6.38
CA GLN D 64 -7.00 -9.93 -6.34
C GLN D 64 -7.19 -10.42 -4.92
N LEU D 65 -6.43 -9.86 -3.96
CA LEU D 65 -6.50 -10.35 -2.60
C LEU D 65 -7.89 -10.14 -2.00
N GLN D 66 -8.49 -8.97 -2.23
CA GLN D 66 -9.81 -8.71 -1.70
C GLN D 66 -10.86 -9.67 -2.27
N ALA D 67 -10.68 -10.14 -3.50
CA ALA D 67 -11.60 -11.11 -4.07
C ALA D 67 -11.42 -12.48 -3.43
N ARG D 68 -10.17 -12.88 -3.18
CA ARG D 68 -9.92 -14.18 -2.58
C ARG D 68 -10.54 -14.28 -1.18
N VAL D 69 -10.38 -13.22 -0.37
CA VAL D 69 -10.97 -13.23 0.96
C VAL D 69 -12.49 -13.27 0.87
N LEU D 70 -13.06 -12.49 -0.05
CA LEU D 70 -14.51 -12.51 -0.24
C LEU D 70 -14.97 -13.89 -0.71
N ALA D 71 -14.22 -14.50 -1.63
CA ALA D 71 -14.61 -15.81 -2.15
C ALA D 71 -14.65 -16.86 -1.04
N VAL D 72 -13.56 -16.95 -0.26
CA VAL D 72 -13.53 -17.93 0.82
C VAL D 72 -14.55 -17.57 1.89
N GLU D 73 -14.67 -16.28 2.21
CA GLU D 73 -15.61 -15.86 3.24
C GLU D 73 -17.04 -16.20 2.84
N ARG D 74 -17.37 -16.02 1.56
CA ARG D 74 -18.71 -16.37 1.09
C ARG D 74 -18.99 -17.85 1.26
N TYR D 75 -18.00 -18.69 0.99
CA TYR D 75 -18.20 -20.14 1.11
C TYR D 75 -18.50 -20.53 2.55
N LEU D 76 -17.80 -19.92 3.52
CA LEU D 76 -18.04 -20.26 4.92
C LEU D 76 -19.48 -19.95 5.32
N ARG D 77 -20.04 -18.85 4.80
CA ARG D 77 -21.41 -18.49 5.15
C ARG D 77 -22.38 -19.60 4.75
N ASP D 78 -22.22 -20.14 3.53
CA ASP D 78 -23.10 -21.21 3.09
C ASP D 78 -22.92 -22.46 3.94
N GLN D 79 -21.67 -22.81 4.25
CA GLN D 79 -21.43 -24.01 5.05
C GLN D 79 -22.02 -23.86 6.44
N GLN D 80 -21.83 -22.70 7.09
CA GLN D 80 -22.39 -22.49 8.42
C GLN D 80 -23.91 -22.54 8.38
N LEU D 81 -24.53 -21.93 7.37
CA LEU D 81 -25.98 -21.97 7.27
C LEU D 81 -26.48 -23.39 7.15
N LEU D 82 -25.71 -24.28 6.52
CA LEU D 82 -26.05 -25.69 6.53
C LEU D 82 -25.75 -26.32 7.88
N GLY D 83 -24.69 -25.87 8.55
CA GLY D 83 -24.31 -26.49 9.81
C GLY D 83 -25.37 -26.35 10.88
N ILE D 84 -25.97 -25.16 10.99
CA ILE D 84 -26.98 -24.94 12.03
C ILE D 84 -28.21 -25.81 11.79
N TRP D 85 -28.41 -26.31 10.58
CA TRP D 85 -29.49 -27.25 10.31
C TRP D 85 -29.00 -28.67 10.58
N GLY D 86 -29.88 -29.65 10.33
CA GLY D 86 -29.56 -31.03 10.66
C GLY D 86 -28.67 -31.72 9.66
N CYS D 87 -27.54 -31.09 9.33
CA CYS D 87 -26.59 -31.67 8.38
C CYS D 87 -25.34 -30.80 8.27
N SER D 88 -24.21 -31.40 7.94
CA SER D 88 -22.94 -30.69 7.84
C SER D 88 -22.40 -30.66 6.42
N GLY D 89 -22.20 -31.82 5.80
CA GLY D 89 -21.66 -31.89 4.46
C GLY D 89 -22.27 -33.00 3.63
N LYS D 90 -23.51 -33.38 3.96
CA LYS D 90 -24.15 -34.48 3.26
C LYS D 90 -24.32 -34.19 1.78
N LEU D 91 -24.58 -32.94 1.42
CA LEU D 91 -24.83 -32.45 0.07
C LEU D 91 -26.24 -32.80 -0.41
N ILE D 92 -26.99 -33.63 0.32
CA ILE D 92 -28.41 -33.81 0.09
C ILE D 92 -29.09 -33.83 1.45
N CYS D 93 -29.58 -32.69 1.89
CA CYS D 93 -30.07 -32.50 3.25
C CYS D 93 -31.58 -32.36 3.20
N CYS D 94 -32.29 -33.39 3.64
CA CYS D 94 -33.74 -33.45 3.60
C CYS D 94 -34.27 -33.31 5.02
N THR D 95 -34.91 -32.17 5.30
CA THR D 95 -35.40 -31.86 6.63
C THR D 95 -36.84 -32.35 6.80
N ASN D 96 -37.25 -32.46 8.07
CA ASN D 96 -38.56 -32.98 8.42
C ASN D 96 -39.60 -31.89 8.62
N VAL D 97 -39.27 -30.63 8.40
CA VAL D 97 -40.27 -29.57 8.57
C VAL D 97 -41.32 -29.69 7.47
N PRO D 98 -42.60 -29.47 7.75
CA PRO D 98 -43.61 -29.64 6.71
C PRO D 98 -43.48 -28.63 5.60
N TRP D 99 -43.90 -29.04 4.41
CA TRP D 99 -43.98 -28.16 3.25
C TRP D 99 -45.34 -27.48 3.21
N ASN D 100 -45.40 -26.37 2.47
CA ASN D 100 -46.63 -25.58 2.32
C ASN D 100 -47.09 -25.64 0.88
N SER D 101 -48.36 -26.01 0.67
CA SER D 101 -48.92 -26.01 -0.67
C SER D 101 -49.10 -24.58 -1.17
N SER D 102 -49.36 -23.63 -0.29
CA SER D 102 -49.58 -22.25 -0.71
C SER D 102 -48.33 -21.66 -1.37
N TRP D 103 -47.15 -22.02 -0.87
CA TRP D 103 -45.91 -21.45 -1.39
C TRP D 103 -45.73 -21.79 -2.87
N SER D 104 -46.00 -23.05 -3.24
CA SER D 104 -45.79 -23.52 -4.60
C SER D 104 -47.06 -23.97 -5.29
N ASN D 105 -47.93 -24.71 -4.59
CA ASN D 105 -49.18 -25.25 -5.16
C ASN D 105 -48.96 -25.88 -6.52
N ARG D 106 -47.82 -26.56 -6.68
CA ARG D 106 -47.48 -27.29 -7.90
C ARG D 106 -47.33 -28.77 -7.58
N ASN D 107 -47.78 -29.62 -8.51
CA ASN D 107 -47.68 -31.05 -8.32
C ASN D 107 -46.21 -31.47 -8.19
N LEU D 108 -45.96 -32.43 -7.30
CA LEU D 108 -44.58 -32.84 -7.03
C LEU D 108 -43.91 -33.37 -8.29
N SER D 109 -44.58 -34.25 -9.02
CA SER D 109 -44.00 -34.83 -10.22
C SER D 109 -43.98 -33.86 -11.40
N GLU D 110 -44.81 -32.81 -11.37
CA GLU D 110 -44.89 -31.87 -12.47
C GLU D 110 -43.70 -30.91 -12.52
N ILE D 111 -43.00 -30.73 -11.42
CA ILE D 111 -41.92 -29.75 -11.34
C ILE D 111 -40.57 -30.43 -11.46
N TRP D 112 -40.50 -31.70 -11.05
CA TRP D 112 -39.23 -32.43 -11.01
C TRP D 112 -38.92 -33.13 -12.34
N ASP D 113 -39.67 -32.84 -13.40
CA ASP D 113 -39.49 -33.55 -14.66
C ASP D 113 -39.23 -32.60 -15.83
N ASN D 114 -39.80 -31.40 -15.78
CA ASN D 114 -39.75 -30.49 -16.93
C ASN D 114 -39.20 -29.11 -16.60
N MET D 115 -39.50 -28.58 -15.42
CA MET D 115 -39.19 -27.18 -15.10
C MET D 115 -37.80 -27.06 -14.51
N THR D 116 -37.03 -26.11 -15.02
CA THR D 116 -35.62 -25.98 -14.67
C THR D 116 -35.44 -25.26 -13.33
N TRP D 117 -34.22 -25.31 -12.81
CA TRP D 117 -33.92 -24.70 -11.53
C TRP D 117 -34.02 -23.18 -11.59
N LEU D 118 -33.55 -22.58 -12.68
CA LEU D 118 -33.55 -21.12 -12.77
C LEU D 118 -34.97 -20.58 -12.66
N GLN D 119 -35.92 -21.19 -13.38
CA GLN D 119 -37.31 -20.78 -13.23
C GLN D 119 -37.84 -21.10 -11.83
N TRP D 120 -37.37 -22.20 -11.23
CA TRP D 120 -37.83 -22.56 -9.90
C TRP D 120 -37.49 -21.48 -8.88
N ASP D 121 -36.28 -20.93 -8.96
CA ASP D 121 -35.84 -19.96 -7.95
C ASP D 121 -36.74 -18.73 -7.95
N LYS D 122 -37.13 -18.24 -9.13
CA LYS D 122 -37.95 -17.04 -9.19
C LYS D 122 -39.30 -17.26 -8.52
N GLU D 123 -39.86 -18.47 -8.65
CA GLU D 123 -41.17 -18.74 -8.07
C GLU D 123 -41.14 -18.59 -6.55
N ILE D 124 -40.08 -19.08 -5.91
CA ILE D 124 -39.93 -19.03 -4.46
C ILE D 124 -38.94 -17.97 -4.03
N SER D 125 -38.47 -17.13 -4.96
CA SER D 125 -37.57 -16.04 -4.59
C SER D 125 -38.24 -15.12 -3.58
N ASN D 126 -39.51 -14.80 -3.79
CA ASN D 126 -40.24 -13.97 -2.83
C ASN D 126 -40.34 -14.67 -1.48
N TYR D 127 -40.64 -15.97 -1.47
CA TYR D 127 -40.82 -16.72 -0.23
C TYR D 127 -39.48 -17.30 0.20
N THR D 128 -38.60 -16.40 0.64
CA THR D 128 -37.28 -16.76 1.12
C THR D 128 -37.01 -15.99 2.40
N GLN D 129 -36.06 -16.50 3.19
CA GLN D 129 -35.73 -16.01 4.52
C GLN D 129 -36.80 -16.34 5.56
N ILE D 130 -37.82 -17.12 5.17
CA ILE D 130 -38.80 -17.62 6.12
C ILE D 130 -38.70 -19.13 6.29
N ILE D 131 -38.27 -19.86 5.25
CA ILE D 131 -37.98 -21.28 5.40
C ILE D 131 -36.73 -21.46 6.26
N TYR D 132 -35.74 -20.59 6.08
CA TYR D 132 -34.50 -20.72 6.84
C TYR D 132 -34.76 -20.60 8.34
N GLY D 133 -35.61 -19.66 8.74
CA GLY D 133 -35.97 -19.55 10.14
C GLY D 133 -36.66 -20.81 10.64
N LEU D 134 -37.58 -21.37 9.85
CA LEU D 134 -38.25 -22.58 10.25
C LEU D 134 -37.27 -23.74 10.41
N LEU D 135 -36.29 -23.84 9.50
CA LEU D 135 -35.33 -24.93 9.57
C LEU D 135 -34.54 -24.88 10.87
N GLU D 136 -34.13 -23.68 11.29
CA GLU D 136 -33.35 -23.55 12.52
C GLU D 136 -34.15 -24.03 13.72
N GLU D 137 -35.42 -23.63 13.82
CA GLU D 137 -36.26 -24.06 14.93
C GLU D 137 -36.45 -25.58 14.91
N SER D 138 -36.70 -26.14 13.74
CA SER D 138 -36.91 -27.58 13.64
C SER D 138 -35.66 -28.38 13.96
N GLN D 139 -34.49 -27.75 13.91
CA GLN D 139 -33.24 -28.44 14.23
C GLN D 139 -32.86 -28.29 15.70
N ASN D 140 -32.88 -27.06 16.21
CA ASN D 140 -32.54 -26.83 17.61
C ASN D 140 -33.50 -27.58 18.53
N GLN D 141 -34.79 -27.55 18.21
CA GLN D 141 -35.76 -28.32 18.99
C GLN D 141 -35.45 -29.81 18.93
N GLN D 142 -35.15 -30.31 17.73
CA GLN D 142 -34.87 -31.74 17.57
C GLN D 142 -33.60 -32.13 18.33
N GLU D 143 -32.57 -31.28 18.28
CA GLU D 143 -31.30 -31.61 18.93
C GLU D 143 -31.49 -31.79 20.43
N LYS D 144 -32.23 -30.89 21.07
CA LYS D 144 -32.43 -31.00 22.51
C LYS D 144 -33.21 -32.25 22.85
N ASN D 145 -34.25 -32.57 22.07
CA ASN D 145 -34.99 -33.81 22.29
C ASN D 145 -34.08 -35.02 22.17
N GLU D 146 -33.05 -34.93 21.33
CA GLU D 146 -32.09 -36.03 21.22
C GLU D 146 -31.13 -36.03 22.39
N GLN D 147 -30.77 -34.85 22.90
CA GLN D 147 -29.80 -34.75 23.99
C GLN D 147 -30.35 -35.38 25.27
N ASP D 148 -31.55 -34.98 25.68
CA ASP D 148 -32.12 -35.54 26.90
C ASP D 148 -32.51 -37.00 26.73
N LEU D 149 -32.82 -37.41 25.50
CA LEU D 149 -33.13 -38.81 25.25
C LEU D 149 -31.92 -39.70 25.55
N LEU D 150 -30.72 -39.22 25.24
CA LEU D 150 -29.51 -39.95 25.58
C LEU D 150 -29.12 -39.83 27.04
N ALA D 151 -29.76 -38.93 27.79
CA ALA D 151 -29.42 -38.72 29.19
C ALA D 151 -30.26 -39.55 30.15
N LEU D 152 -31.49 -39.90 29.76
CA LEU D 152 -32.37 -40.65 30.65
C LEU D 152 -31.84 -42.06 30.92
N ASP D 153 -30.92 -42.55 30.09
CA ASP D 153 -30.33 -43.87 30.30
C ASP D 153 -29.67 -43.96 31.66
N GLU E 2 -51.37 -37.87 0.90
CA GLU E 2 -50.26 -37.28 0.16
C GLU E 2 -49.60 -36.17 0.98
N ASN E 3 -48.50 -36.50 1.64
CA ASN E 3 -47.73 -35.54 2.43
C ASN E 3 -46.28 -35.57 1.96
N LEU E 4 -45.73 -34.39 1.71
CA LEU E 4 -44.35 -34.27 1.26
C LEU E 4 -43.69 -33.13 2.04
N TRP E 5 -42.37 -33.23 2.19
CA TRP E 5 -41.59 -32.32 3.02
C TRP E 5 -40.62 -31.53 2.15
N VAL E 6 -39.79 -30.72 2.80
CA VAL E 6 -38.87 -29.83 2.12
C VAL E 6 -37.45 -30.35 2.28
N THR E 7 -36.61 -30.05 1.30
CA THR E 7 -35.19 -30.38 1.34
C THR E 7 -34.40 -29.19 0.82
N VAL E 8 -33.14 -29.12 1.23
CA VAL E 8 -32.23 -28.07 0.79
C VAL E 8 -31.12 -28.71 -0.01
N TYR E 9 -30.93 -28.23 -1.24
CA TYR E 9 -29.93 -28.77 -2.16
C TYR E 9 -28.76 -27.80 -2.23
N TYR E 10 -27.59 -28.28 -1.85
CA TYR E 10 -26.37 -27.47 -1.95
C TYR E 10 -25.73 -27.68 -3.32
N GLY E 11 -25.03 -26.64 -3.77
CA GLY E 11 -24.41 -26.69 -5.09
C GLY E 11 -25.40 -26.80 -6.22
N VAL E 12 -26.49 -26.05 -6.13
CA VAL E 12 -27.53 -26.04 -7.17
C VAL E 12 -27.24 -24.89 -8.12
N PRO E 13 -27.33 -25.09 -9.45
CA PRO E 13 -26.98 -24.01 -10.37
C PRO E 13 -28.08 -22.95 -10.53
N VAL E 14 -27.87 -21.79 -9.92
CA VAL E 14 -28.74 -20.63 -10.11
C VAL E 14 -27.90 -19.39 -9.88
N TRP E 15 -28.23 -18.32 -10.60
CA TRP E 15 -27.43 -17.10 -10.58
C TRP E 15 -28.31 -15.88 -10.40
N LYS E 16 -27.69 -14.82 -9.88
CA LYS E 16 -28.31 -13.51 -9.75
C LYS E 16 -27.39 -12.45 -10.34
N ASP E 17 -27.97 -11.45 -10.99
CA ASP E 17 -27.18 -10.34 -11.50
C ASP E 17 -26.54 -9.60 -10.34
N ALA E 18 -25.25 -9.32 -10.47
CA ALA E 18 -24.50 -8.62 -9.43
C ALA E 18 -23.22 -8.07 -10.06
N GLU E 19 -22.32 -7.58 -9.21
CA GLU E 19 -21.06 -7.03 -9.68
C GLU E 19 -19.99 -7.28 -8.63
N THR E 20 -18.73 -7.27 -9.07
CA THR E 20 -17.59 -7.52 -8.20
C THR E 20 -16.35 -6.97 -8.88
N THR E 21 -15.18 -7.30 -8.33
CA THR E 21 -13.90 -6.85 -8.84
C THR E 21 -13.20 -8.00 -9.54
N LEU E 22 -12.76 -7.77 -10.78
CA LEU E 22 -12.09 -8.79 -11.57
C LEU E 22 -10.58 -8.61 -11.44
N PHE E 23 -9.80 -9.34 -12.23
CA PHE E 23 -8.35 -9.35 -12.05
C PHE E 23 -7.67 -9.64 -13.38
N CYS E 24 -6.36 -9.87 -13.31
CA CYS E 24 -5.56 -10.03 -14.52
C CYS E 24 -5.89 -11.33 -15.24
N ALA E 25 -5.68 -11.31 -16.55
CA ALA E 25 -5.48 -12.55 -17.31
C ALA E 25 -4.75 -12.16 -18.60
N SER E 26 -3.44 -12.41 -18.63
CA SER E 26 -2.59 -12.02 -19.74
C SER E 26 -1.78 -13.21 -20.23
N ASP E 27 -1.44 -13.19 -21.52
CA ASP E 27 -0.69 -14.28 -22.11
C ASP E 27 0.71 -14.35 -21.50
N ALA E 28 1.18 -15.57 -21.29
CA ALA E 28 2.50 -15.80 -20.70
C ALA E 28 3.61 -15.84 -21.74
N LYS E 29 3.29 -15.78 -23.03
CA LYS E 29 4.32 -15.83 -24.06
C LYS E 29 5.27 -14.65 -23.96
N ALA E 30 4.74 -13.47 -23.68
CA ALA E 30 5.54 -12.24 -23.63
C ALA E 30 6.14 -12.00 -22.24
N TYR E 31 5.97 -12.92 -21.30
CA TYR E 31 6.52 -12.70 -19.97
C TYR E 31 8.04 -12.62 -20.01
N GLU E 32 8.69 -13.47 -20.81
CA GLU E 32 10.14 -13.43 -20.91
C GLU E 32 10.63 -12.08 -21.42
N THR E 33 9.89 -11.46 -22.33
CA THR E 33 10.24 -10.13 -22.83
C THR E 33 9.97 -9.13 -21.72
N GLU E 34 11.02 -8.80 -20.97
CA GLU E 34 10.87 -7.93 -19.80
C GLU E 34 10.40 -6.54 -20.21
N LYS E 35 9.14 -6.23 -19.89
CA LYS E 35 8.55 -4.93 -20.22
C LYS E 35 7.67 -4.51 -19.06
N HIS E 36 8.17 -3.59 -18.23
CA HIS E 36 7.39 -3.05 -17.13
C HIS E 36 6.53 -1.90 -17.63
N ASN E 37 5.75 -2.14 -18.68
CA ASN E 37 4.95 -1.12 -19.32
C ASN E 37 3.57 -1.04 -18.67
N VAL E 38 2.75 -0.10 -19.16
CA VAL E 38 1.37 -0.05 -18.72
C VAL E 38 0.68 -1.37 -19.09
N TRP E 39 -0.39 -1.67 -18.36
CA TRP E 39 -1.17 -2.88 -18.60
C TRP E 39 -0.27 -4.10 -18.38
N ALA E 40 0.34 -4.12 -17.20
CA ALA E 40 1.52 -4.94 -16.95
C ALA E 40 1.20 -6.43 -17.02
N THR E 41 2.22 -7.21 -17.40
CA THR E 41 2.19 -8.66 -17.31
C THR E 41 3.11 -9.20 -16.22
N HIS E 42 4.05 -8.39 -15.73
CA HIS E 42 4.99 -8.86 -14.72
C HIS E 42 4.31 -9.09 -13.38
N ALA E 43 3.19 -8.41 -13.12
CA ALA E 43 2.44 -8.55 -11.88
C ALA E 43 0.99 -8.88 -12.22
N CYS E 44 0.73 -10.16 -12.47
CA CYS E 44 -0.59 -10.63 -12.90
C CYS E 44 -0.66 -12.14 -12.81
N VAL E 45 -1.89 -12.64 -12.69
CA VAL E 45 -2.15 -14.07 -12.81
C VAL E 45 -2.00 -14.50 -14.27
N PRO E 46 -1.15 -15.47 -14.58
CA PRO E 46 -1.08 -15.93 -15.98
C PRO E 46 -2.40 -16.49 -16.44
N THR E 47 -2.70 -16.28 -17.73
CA THR E 47 -3.95 -16.75 -18.29
C THR E 47 -3.94 -18.28 -18.40
N ASP E 48 -5.02 -18.82 -18.94
CA ASP E 48 -5.17 -20.25 -19.15
C ASP E 48 -5.41 -20.54 -20.62
N PRO E 49 -4.77 -21.57 -21.19
CA PRO E 49 -4.96 -21.85 -22.62
C PRO E 49 -6.34 -22.46 -22.87
N ASN E 50 -7.10 -21.81 -23.76
CA ASN E 50 -8.42 -22.28 -24.12
C ASN E 50 -9.28 -22.47 -22.87
N PRO E 51 -9.73 -21.38 -22.23
CA PRO E 51 -10.53 -21.52 -21.01
C PRO E 51 -11.75 -22.42 -21.19
N GLN E 52 -12.39 -22.80 -20.08
CA GLN E 52 -13.47 -23.77 -20.12
C GLN E 52 -14.74 -23.16 -20.71
N GLU E 53 -14.69 -22.82 -22.00
CA GLU E 53 -15.86 -22.29 -22.70
C GLU E 53 -16.74 -23.48 -23.07
N ILE E 54 -17.83 -23.66 -22.32
CA ILE E 54 -18.73 -24.79 -22.49
C ILE E 54 -20.13 -24.25 -22.77
N HIS E 55 -20.77 -24.80 -23.80
CA HIS E 55 -22.05 -24.31 -24.25
C HIS E 55 -23.15 -24.66 -23.25
N LEU E 56 -24.27 -23.92 -23.34
CA LEU E 56 -25.44 -24.16 -22.53
C LEU E 56 -26.66 -24.29 -23.44
N GLU E 57 -27.64 -25.06 -22.99
CA GLU E 57 -28.85 -25.31 -23.76
C GLU E 57 -30.08 -25.04 -22.90
N ASN E 58 -31.19 -24.72 -23.56
CA ASN E 58 -32.46 -24.48 -22.89
C ASN E 58 -32.32 -23.38 -21.83
N VAL E 59 -31.54 -22.35 -22.15
CA VAL E 59 -31.27 -21.24 -21.25
C VAL E 59 -31.55 -19.94 -21.97
N THR E 60 -32.23 -19.01 -21.29
CA THR E 60 -32.53 -17.69 -21.83
C THR E 60 -32.04 -16.64 -20.84
N GLU E 61 -31.20 -15.72 -21.32
CA GLU E 61 -30.66 -14.66 -20.48
C GLU E 61 -30.72 -13.34 -21.26
N GLU E 62 -30.90 -12.25 -20.52
CA GLU E 62 -31.02 -10.92 -21.10
C GLU E 62 -29.82 -10.07 -20.70
N PHE E 63 -29.28 -9.34 -21.67
CA PHE E 63 -28.11 -8.49 -21.50
C PHE E 63 -28.49 -7.03 -21.63
N ASN E 64 -27.58 -6.16 -21.18
CA ASN E 64 -27.78 -4.72 -21.32
C ASN E 64 -26.42 -4.06 -21.24
N MET E 65 -25.95 -3.50 -22.36
CA MET E 65 -24.65 -2.84 -22.36
C MET E 65 -24.70 -1.52 -21.63
N TRP E 66 -25.76 -0.73 -21.85
CA TRP E 66 -25.80 0.66 -21.42
C TRP E 66 -25.86 0.80 -19.90
N LYS E 67 -26.13 -0.29 -19.16
CA LYS E 67 -26.07 -0.29 -17.71
C LYS E 67 -25.12 -1.36 -17.19
N ASN E 68 -24.21 -1.83 -18.04
CA ASN E 68 -23.24 -2.83 -17.62
C ASN E 68 -22.26 -2.24 -16.62
N ASN E 69 -21.74 -3.10 -15.73
CA ASN E 69 -20.82 -2.66 -14.70
C ASN E 69 -19.36 -2.89 -15.05
N MET E 70 -19.05 -3.90 -15.87
CA MET E 70 -17.65 -4.18 -16.19
C MET E 70 -17.04 -3.03 -16.96
N VAL E 71 -17.80 -2.41 -17.86
CA VAL E 71 -17.29 -1.26 -18.59
C VAL E 71 -16.94 -0.13 -17.63
N GLU E 72 -17.79 0.10 -16.62
CA GLU E 72 -17.50 1.12 -15.63
C GLU E 72 -16.27 0.74 -14.81
N GLN E 73 -16.19 -0.50 -14.35
CA GLN E 73 -15.05 -0.92 -13.54
C GLN E 73 -13.77 -0.92 -14.36
N MET E 74 -13.87 -1.29 -15.64
CA MET E 74 -12.69 -1.28 -16.51
C MET E 74 -12.12 0.13 -16.61
N HIS E 75 -12.98 1.14 -16.74
CA HIS E 75 -12.51 2.51 -16.85
C HIS E 75 -11.63 2.89 -15.66
N THR E 76 -12.13 2.66 -14.44
CA THR E 76 -11.32 2.96 -13.27
C THR E 76 -10.03 2.15 -13.24
N ASP E 77 -10.05 0.96 -13.85
CA ASP E 77 -8.82 0.17 -13.94
C ASP E 77 -7.78 0.87 -14.78
N ILE E 78 -8.18 1.45 -15.92
CA ILE E 78 -7.24 2.16 -16.77
C ILE E 78 -6.79 3.45 -16.11
N ILE E 79 -7.73 4.19 -15.53
CA ILE E 79 -7.38 5.47 -14.89
C ILE E 79 -6.39 5.23 -13.76
N SER E 80 -6.69 4.24 -12.91
CA SER E 80 -5.82 3.96 -11.77
C SER E 80 -4.46 3.43 -12.20
N LEU E 81 -4.35 2.90 -13.41
CA LEU E 81 -3.09 2.34 -13.89
C LEU E 81 -2.17 3.39 -14.49
N TRP E 82 -2.72 4.29 -15.32
CA TRP E 82 -1.88 5.30 -15.96
C TRP E 82 -1.22 6.19 -14.93
N ASP E 83 -1.96 6.59 -13.89
CA ASP E 83 -1.38 7.41 -12.85
C ASP E 83 -0.23 6.69 -12.16
N GLN E 84 -0.40 5.40 -11.88
CA GLN E 84 0.67 4.64 -11.24
C GLN E 84 1.88 4.50 -12.14
N SER E 85 1.67 4.43 -13.46
CA SER E 85 2.77 4.22 -14.39
C SER E 85 3.61 5.48 -14.64
N LEU E 86 3.14 6.65 -14.20
CA LEU E 86 3.87 7.89 -14.39
C LEU E 86 4.56 8.40 -13.13
N LYS E 87 4.34 7.75 -11.99
CA LYS E 87 5.01 8.19 -10.76
C LYS E 87 6.53 8.17 -10.89
N PRO E 88 7.16 7.09 -11.35
CA PRO E 88 8.64 7.09 -11.45
C PRO E 88 9.19 8.08 -12.46
N CYS E 89 8.37 8.60 -13.37
CA CYS E 89 8.87 9.47 -14.42
C CYS E 89 9.24 10.84 -13.85
N VAL E 90 9.89 11.64 -14.68
CA VAL E 90 10.44 12.93 -14.27
C VAL E 90 9.44 14.03 -14.56
N LYS E 91 9.40 15.02 -13.69
CA LYS E 91 8.55 16.19 -13.89
C LYS E 91 9.20 17.15 -14.88
N LEU E 92 8.40 18.11 -15.37
CA LEU E 92 8.86 19.10 -16.33
C LEU E 92 8.83 20.51 -15.75
N THR E 93 8.78 20.66 -14.43
CA THR E 93 8.79 22.00 -13.85
C THR E 93 9.99 22.84 -14.28
N PRO E 94 11.22 22.33 -14.33
CA PRO E 94 12.34 23.21 -14.72
C PRO E 94 12.27 23.68 -16.16
N LEU E 95 11.49 23.01 -17.01
CA LEU E 95 11.46 23.36 -18.43
C LEU E 95 10.59 24.57 -18.73
N CYS E 96 9.75 25.00 -17.79
CA CYS E 96 8.86 26.14 -18.01
C CYS E 96 9.70 27.42 -17.99
N VAL E 97 10.32 27.72 -19.12
CA VAL E 97 11.19 28.87 -19.27
C VAL E 97 10.80 29.63 -20.52
N THR E 98 11.07 30.93 -20.53
CA THR E 98 10.82 31.75 -21.71
C THR E 98 11.70 31.29 -22.85
N LEU E 99 11.10 31.13 -24.03
CA LEU E 99 11.80 30.62 -25.20
C LEU E 99 11.93 31.70 -26.27
N GLN E 100 13.05 31.66 -26.99
CA GLN E 100 13.29 32.50 -28.16
C GLN E 100 13.15 31.60 -29.38
N CYS E 101 12.08 31.80 -30.15
CA CYS E 101 11.72 30.90 -31.24
C CYS E 101 11.64 31.66 -32.56
N THR E 102 11.76 30.91 -33.65
CA THR E 102 11.67 31.47 -34.99
C THR E 102 11.27 30.35 -35.94
N ASN E 103 10.79 30.75 -37.12
CA ASN E 103 10.38 29.77 -38.12
C ASN E 103 11.57 28.94 -38.57
N VAL E 104 11.28 27.71 -39.00
CA VAL E 104 12.29 26.81 -39.57
C VAL E 104 11.94 26.61 -41.04
N THR E 105 12.90 26.89 -41.92
CA THR E 105 12.71 26.76 -43.36
C THR E 105 13.92 26.06 -43.96
N ASN E 106 13.90 24.73 -43.95
CA ASN E 106 14.84 23.91 -44.71
C ASN E 106 14.11 23.42 -45.95
N ASN E 107 13.94 24.34 -46.91
CA ASN E 107 13.09 24.15 -48.08
C ASN E 107 11.82 23.38 -47.72
N ILE E 108 11.11 23.92 -46.74
CA ILE E 108 9.89 23.29 -46.24
C ILE E 108 8.83 23.28 -47.34
N THR E 109 8.00 22.23 -47.33
CA THR E 109 6.94 22.11 -48.31
C THR E 109 5.88 23.18 -48.08
N ASP E 110 5.17 23.52 -49.16
CA ASP E 110 4.13 24.54 -49.09
C ASP E 110 2.91 24.08 -48.31
N ASP E 111 2.79 22.78 -48.02
CA ASP E 111 1.62 22.29 -47.30
C ASP E 111 1.51 22.92 -45.92
N MET E 112 2.62 23.03 -45.20
CA MET E 112 2.65 23.59 -43.86
C MET E 112 3.78 24.61 -43.77
N ARG E 113 3.48 25.77 -43.19
CA ARG E 113 4.48 26.82 -42.97
C ARG E 113 4.72 27.06 -41.49
N GLY E 114 3.68 27.40 -40.73
CA GLY E 114 3.81 27.62 -39.31
C GLY E 114 3.49 26.40 -38.48
N GLU E 115 4.16 25.29 -38.76
CA GLU E 115 3.92 24.03 -38.06
C GLU E 115 5.06 23.64 -37.13
N LEU E 116 6.30 23.86 -37.52
CA LEU E 116 7.46 23.57 -36.69
C LEU E 116 8.16 24.86 -36.31
N LYS E 117 8.38 25.06 -35.01
CA LYS E 117 9.04 26.24 -34.49
C LYS E 117 10.38 25.84 -33.89
N ASN E 118 11.42 26.61 -34.21
CA ASN E 118 12.78 26.35 -33.74
C ASN E 118 13.03 27.23 -32.52
N CYS E 119 12.97 26.62 -31.32
CA CYS E 119 13.07 27.35 -30.07
C CYS E 119 14.41 27.07 -29.40
N SER E 120 14.91 28.09 -28.70
CA SER E 120 16.14 27.99 -27.92
C SER E 120 15.92 28.62 -26.56
N PHE E 121 16.40 27.96 -25.51
CA PHE E 121 16.18 28.42 -24.15
C PHE E 121 17.35 28.02 -23.28
N ASN E 122 17.59 28.80 -22.22
CA ASN E 122 18.60 28.47 -21.24
C ASN E 122 18.10 27.35 -20.33
N MET E 123 19.00 26.46 -19.92
CA MET E 123 18.64 25.33 -19.10
C MET E 123 19.80 25.02 -18.15
N THR E 124 19.47 24.44 -17.00
CA THR E 124 20.48 24.10 -16.00
C THR E 124 21.15 22.78 -16.36
N THR E 125 22.48 22.78 -16.39
CA THR E 125 23.24 21.58 -16.68
C THR E 125 23.32 20.72 -15.41
N GLU E 126 24.18 19.70 -15.44
CA GLU E 126 24.28 18.81 -14.28
C GLU E 126 24.75 19.57 -13.05
N LEU E 127 25.63 20.55 -13.23
CA LEU E 127 26.07 21.41 -12.14
C LEU E 127 25.07 22.55 -11.97
N ARG E 128 24.65 22.77 -10.72
CA ARG E 128 23.63 23.78 -10.46
C ARG E 128 24.11 25.18 -10.80
N ASP E 129 25.41 25.44 -10.66
CA ASP E 129 25.93 26.78 -10.88
C ASP E 129 25.85 27.17 -12.36
N LYS E 130 26.29 26.28 -13.24
CA LYS E 130 26.40 26.62 -14.65
C LYS E 130 25.06 26.47 -15.36
N LYS E 131 24.99 27.07 -16.56
CA LYS E 131 23.81 27.00 -17.40
C LYS E 131 24.24 26.84 -18.85
N GLN E 132 23.36 26.25 -19.65
CA GLN E 132 23.65 25.96 -21.05
C GLN E 132 22.52 26.48 -21.93
N LYS E 133 22.86 26.84 -23.16
CA LYS E 133 21.91 27.34 -24.15
C LYS E 133 21.65 26.24 -25.16
N VAL E 134 20.53 25.54 -24.99
CA VAL E 134 20.16 24.44 -25.87
C VAL E 134 18.94 24.84 -26.68
N TYR E 135 18.75 24.16 -27.81
CA TYR E 135 17.65 24.44 -28.71
C TYR E 135 16.95 23.15 -29.12
N SER E 136 15.68 23.28 -29.49
CA SER E 136 14.89 22.14 -29.95
C SER E 136 13.77 22.68 -30.83
N LEU E 137 13.07 21.74 -31.47
CA LEU E 137 11.95 22.06 -32.36
C LEU E 137 10.65 21.64 -31.70
N PHE E 138 9.70 22.57 -31.64
CA PHE E 138 8.39 22.34 -31.03
C PHE E 138 7.31 22.61 -32.05
N TYR E 139 6.26 21.78 -32.03
CA TYR E 139 5.14 21.97 -32.94
C TYR E 139 4.35 23.22 -32.56
N ARG E 140 3.67 23.80 -33.56
CA ARG E 140 3.00 25.07 -33.35
C ARG E 140 1.90 24.99 -32.28
N LEU E 141 1.41 23.80 -31.99
CA LEU E 141 0.33 23.62 -31.02
C LEU E 141 0.84 23.50 -29.60
N ASP E 142 2.14 23.67 -29.37
CA ASP E 142 2.73 23.54 -28.04
C ASP E 142 3.39 24.83 -27.56
N VAL E 143 3.21 25.93 -28.29
CA VAL E 143 3.83 27.20 -27.94
C VAL E 143 2.82 28.32 -28.15
N VAL E 144 2.80 29.29 -27.23
CA VAL E 144 1.93 30.44 -27.33
C VAL E 144 2.77 31.69 -27.14
N GLN E 145 2.29 32.81 -27.70
CA GLN E 145 3.02 34.07 -27.65
C GLN E 145 2.60 34.86 -26.42
N ILE E 146 3.58 35.53 -25.81
CA ILE E 146 3.36 36.39 -24.65
C ILE E 146 4.03 37.74 -24.92
N ASN E 147 3.32 38.81 -24.61
CA ASN E 147 3.84 40.16 -24.82
C ASN E 147 3.09 41.17 -23.96
N ASN E 158 7.69 40.07 -32.86
CA ASN E 158 8.29 39.64 -31.60
C ASN E 158 8.43 38.12 -31.56
N LYS E 159 9.29 37.63 -30.67
CA LYS E 159 9.53 36.20 -30.55
C LYS E 159 9.82 35.90 -29.07
N GLU E 160 8.79 35.50 -28.34
CA GLU E 160 8.94 35.11 -26.94
C GLU E 160 7.80 34.15 -26.62
N TYR E 161 8.09 32.85 -26.66
CA TYR E 161 7.08 31.81 -26.49
C TYR E 161 7.34 31.02 -25.22
N ARG E 162 6.28 30.38 -24.74
CA ARG E 162 6.35 29.45 -23.62
C ARG E 162 5.46 28.26 -23.93
N LEU E 163 5.75 27.14 -23.27
CA LEU E 163 4.92 25.95 -23.44
C LEU E 163 3.48 26.27 -23.05
N ILE E 164 2.53 25.76 -23.85
CA ILE E 164 1.13 26.13 -23.67
C ILE E 164 0.62 25.73 -22.30
N ASN E 165 1.19 24.70 -21.69
CA ASN E 165 0.71 24.14 -20.44
C ASN E 165 1.69 24.39 -19.29
N CYS E 166 2.29 25.58 -19.26
CA CYS E 166 3.15 25.98 -18.16
C CYS E 166 2.49 27.03 -17.25
N ASN E 167 1.21 27.32 -17.47
CA ASN E 167 0.47 28.21 -16.59
C ASN E 167 -0.81 27.60 -16.05
N THR E 168 -1.07 26.32 -16.35
CA THR E 168 -2.22 25.59 -15.80
C THR E 168 -1.79 24.47 -14.87
N SER E 169 -0.94 23.56 -15.35
CA SER E 169 -0.43 22.48 -14.51
C SER E 169 0.73 21.77 -15.19
N ALA E 170 1.84 21.62 -14.47
CA ALA E 170 2.96 20.86 -15.00
C ALA E 170 2.63 19.37 -15.02
N CYS E 171 3.25 18.64 -15.94
CA CYS E 171 3.02 17.21 -16.05
C CYS E 171 4.34 16.51 -16.37
N THR E 172 4.35 15.21 -16.13
CA THR E 172 5.57 14.41 -16.19
C THR E 172 5.79 13.87 -17.59
N GLN E 173 7.06 13.62 -17.91
CA GLN E 173 7.43 13.01 -19.17
C GLN E 173 7.00 11.55 -19.20
N ALA E 174 6.64 11.07 -20.39
CA ALA E 174 6.36 9.65 -20.56
C ALA E 174 7.66 8.88 -20.52
N CYS E 175 7.76 7.93 -19.60
CA CYS E 175 9.01 7.20 -19.42
C CYS E 175 9.35 6.42 -20.69
N PRO E 176 10.57 6.52 -21.20
CA PRO E 176 10.91 5.73 -22.40
C PRO E 176 10.77 4.23 -22.18
N LYS E 177 10.97 3.76 -20.96
CA LYS E 177 10.93 2.33 -20.70
C LYS E 177 9.54 1.76 -21.01
N VAL E 178 8.49 2.46 -20.59
CA VAL E 178 7.14 1.96 -20.81
C VAL E 178 6.73 2.17 -22.26
N SER E 179 5.69 1.46 -22.68
CA SER E 179 5.19 1.51 -24.04
C SER E 179 3.69 1.76 -24.02
N PHE E 180 3.21 2.39 -25.09
CA PHE E 180 1.80 2.77 -25.20
C PHE E 180 1.01 1.84 -26.11
N GLU E 181 1.65 0.87 -26.76
CA GLU E 181 0.93 -0.02 -27.66
C GLU E 181 -0.05 -0.88 -26.86
N PRO E 182 -1.19 -1.24 -27.46
CA PRO E 182 -2.20 -2.01 -26.72
C PRO E 182 -1.81 -3.49 -26.64
N ILE E 183 -1.85 -4.03 -25.44
CA ILE E 183 -1.61 -5.44 -25.18
C ILE E 183 -2.94 -6.08 -24.82
N PRO E 184 -3.30 -7.23 -25.42
CA PRO E 184 -4.59 -7.84 -25.07
C PRO E 184 -4.67 -8.16 -23.59
N ILE E 185 -5.84 -7.90 -23.01
CA ILE E 185 -6.09 -8.16 -21.59
C ILE E 185 -7.38 -8.95 -21.48
N HIS E 186 -7.28 -10.18 -21.00
CA HIS E 186 -8.46 -10.99 -20.73
C HIS E 186 -8.95 -10.68 -19.32
N TYR E 187 -10.27 -10.80 -19.14
CA TYR E 187 -10.91 -10.56 -17.85
C TYR E 187 -11.52 -11.87 -17.35
N CYS E 188 -11.24 -12.21 -16.09
CA CYS E 188 -11.72 -13.44 -15.48
C CYS E 188 -12.37 -13.13 -14.15
N ALA E 189 -13.46 -13.83 -13.84
CA ALA E 189 -14.13 -13.63 -12.57
C ALA E 189 -13.41 -14.39 -11.46
N PRO E 190 -13.55 -13.96 -10.21
CA PRO E 190 -12.93 -14.68 -9.10
C PRO E 190 -13.75 -15.91 -8.73
N ALA E 191 -13.24 -16.66 -7.76
CA ALA E 191 -13.93 -17.87 -7.33
C ALA E 191 -15.32 -17.53 -6.79
N GLY E 192 -16.30 -18.36 -7.14
CA GLY E 192 -17.67 -18.14 -6.75
C GLY E 192 -18.50 -17.33 -7.72
N PHE E 193 -17.87 -16.75 -8.74
CA PHE E 193 -18.56 -15.97 -9.76
C PHE E 193 -18.43 -16.67 -11.11
N ALA E 194 -19.13 -16.12 -12.11
CA ALA E 194 -19.09 -16.65 -13.45
C ALA E 194 -19.41 -15.54 -14.44
N ILE E 195 -18.82 -15.64 -15.63
CA ILE E 195 -19.00 -14.66 -16.69
C ILE E 195 -19.76 -15.33 -17.83
N LEU E 196 -20.95 -14.81 -18.13
CA LEU E 196 -21.72 -15.30 -19.25
C LEU E 196 -21.18 -14.68 -20.55
N LYS E 197 -21.73 -15.13 -21.67
CA LYS E 197 -21.30 -14.63 -22.98
C LYS E 197 -22.39 -14.92 -23.99
N CYS E 198 -23.00 -13.87 -24.53
CA CYS E 198 -24.00 -14.06 -25.57
C CYS E 198 -23.33 -14.51 -26.86
N LYS E 199 -24.12 -15.17 -27.71
CA LYS E 199 -23.61 -15.70 -28.97
C LYS E 199 -24.56 -15.50 -30.14
N ASP E 200 -25.69 -14.85 -29.96
CA ASP E 200 -26.62 -14.64 -31.07
C ASP E 200 -26.03 -13.67 -32.08
N LYS E 201 -26.02 -14.06 -33.35
CA LYS E 201 -25.48 -13.20 -34.38
C LYS E 201 -26.30 -11.92 -34.52
N LYS E 202 -27.63 -12.03 -34.45
CA LYS E 202 -28.52 -10.88 -34.55
C LYS E 202 -28.83 -10.30 -33.18
N PHE E 203 -27.79 -10.01 -32.42
CA PHE E 203 -27.91 -9.47 -31.06
C PHE E 203 -27.75 -7.96 -31.14
N ASN E 204 -28.85 -7.23 -30.88
CA ASN E 204 -28.86 -5.78 -31.00
C ASN E 204 -28.54 -5.08 -29.68
N GLY E 205 -27.87 -5.75 -28.75
CA GLY E 205 -27.40 -5.12 -27.55
C GLY E 205 -28.26 -5.35 -26.33
N THR E 206 -29.58 -5.33 -26.50
CA THR E 206 -30.52 -5.49 -25.40
C THR E 206 -31.57 -6.52 -25.78
N GLY E 207 -32.04 -7.26 -24.77
CA GLY E 207 -33.04 -8.28 -24.97
C GLY E 207 -32.49 -9.67 -24.69
N PRO E 208 -33.36 -10.67 -24.64
CA PRO E 208 -32.90 -12.03 -24.36
C PRO E 208 -31.94 -12.55 -25.42
N CYS E 209 -30.91 -13.25 -24.97
CA CYS E 209 -29.96 -13.91 -25.85
C CYS E 209 -30.16 -15.42 -25.74
N PRO E 210 -30.71 -16.09 -26.76
CA PRO E 210 -31.05 -17.52 -26.57
C PRO E 210 -29.83 -18.40 -26.32
N SER E 211 -28.83 -18.35 -27.18
CA SER E 211 -27.68 -19.25 -27.09
C SER E 211 -26.57 -18.68 -26.21
N VAL E 212 -26.92 -18.31 -24.97
CA VAL E 212 -25.92 -17.81 -24.05
C VAL E 212 -25.04 -18.95 -23.58
N SER E 213 -23.74 -18.66 -23.41
CA SER E 213 -22.78 -19.65 -22.94
C SER E 213 -21.89 -19.02 -21.89
N THR E 214 -21.37 -19.85 -21.00
CA THR E 214 -20.52 -19.40 -19.90
C THR E 214 -19.05 -19.63 -20.24
N VAL E 215 -18.20 -18.86 -19.58
CA VAL E 215 -16.75 -18.98 -19.75
C VAL E 215 -16.07 -18.32 -18.56
N GLN E 216 -15.01 -18.94 -18.08
CA GLN E 216 -14.28 -18.40 -16.93
C GLN E 216 -13.47 -17.17 -17.28
N CYS E 217 -13.18 -16.95 -18.57
CA CYS E 217 -12.33 -15.84 -18.98
C CYS E 217 -12.79 -15.32 -20.33
N THR E 218 -12.75 -14.00 -20.48
CA THR E 218 -13.13 -13.38 -21.74
C THR E 218 -12.03 -13.55 -22.78
N HIS E 219 -12.41 -13.38 -24.05
CA HIS E 219 -11.46 -13.50 -25.14
C HIS E 219 -10.48 -12.34 -25.12
N GLY E 220 -9.56 -12.34 -26.07
CA GLY E 220 -8.56 -11.30 -26.16
C GLY E 220 -9.18 -9.93 -26.36
N ILE E 221 -9.14 -9.10 -25.32
CA ILE E 221 -9.67 -7.73 -25.36
C ILE E 221 -8.49 -6.78 -25.35
N LYS E 222 -8.39 -5.95 -26.38
CA LYS E 222 -7.32 -4.97 -26.49
C LYS E 222 -7.92 -3.57 -26.46
N PRO E 223 -8.07 -2.95 -25.28
CA PRO E 223 -8.68 -1.62 -25.25
C PRO E 223 -7.81 -0.58 -25.93
N VAL E 224 -8.33 0.02 -26.99
CA VAL E 224 -7.60 1.04 -27.72
C VAL E 224 -8.07 2.41 -27.27
N VAL E 225 -7.24 3.43 -27.52
CA VAL E 225 -7.57 4.80 -27.15
C VAL E 225 -7.80 5.61 -28.42
N SER E 226 -9.06 5.67 -28.86
CA SER E 226 -9.44 6.44 -30.03
C SER E 226 -10.77 7.12 -29.76
N THR E 227 -10.98 8.27 -30.40
CA THR E 227 -12.21 9.03 -30.21
C THR E 227 -13.31 8.56 -31.16
N GLN E 228 -13.06 8.67 -32.46
CA GLN E 228 -13.96 8.16 -33.48
C GLN E 228 -13.18 7.25 -34.42
N LEU E 229 -13.91 6.38 -35.11
CA LEU E 229 -13.29 5.34 -35.94
C LEU E 229 -12.37 4.46 -35.07
N LEU E 230 -12.97 3.85 -34.05
CA LEU E 230 -12.21 3.00 -33.15
C LEU E 230 -11.53 1.89 -33.93
N LEU E 231 -10.26 1.65 -33.64
CA LEU E 231 -9.41 0.78 -34.43
C LEU E 231 -9.17 -0.55 -33.70
N ASN E 232 -8.87 -1.58 -34.49
CA ASN E 232 -8.50 -2.89 -33.96
C ASN E 232 -9.58 -3.47 -33.06
N GLY E 233 -10.84 -3.22 -33.41
CA GLY E 233 -11.93 -3.82 -32.67
C GLY E 233 -12.23 -5.23 -33.14
N SER E 234 -13.17 -5.88 -32.45
CA SER E 234 -13.60 -7.23 -32.77
C SER E 234 -14.70 -7.16 -33.81
N LEU E 235 -14.45 -7.71 -35.00
CA LEU E 235 -15.39 -7.61 -36.09
C LEU E 235 -16.67 -8.39 -35.77
N ALA E 236 -17.79 -7.85 -36.24
CA ALA E 236 -19.06 -8.57 -36.15
C ALA E 236 -19.09 -9.69 -37.18
N GLU E 237 -19.89 -10.72 -36.90
CA GLU E 237 -19.91 -11.90 -37.75
C GLU E 237 -20.60 -11.61 -39.08
N GLU E 238 -21.76 -10.96 -39.03
CA GLU E 238 -22.55 -10.71 -40.24
C GLU E 238 -23.40 -9.46 -40.02
N GLU E 239 -23.94 -8.93 -41.12
CA GLU E 239 -25.04 -7.98 -41.02
C GLU E 239 -24.68 -6.78 -40.18
N VAL E 240 -23.86 -5.86 -40.73
CA VAL E 240 -23.38 -4.70 -40.00
C VAL E 240 -24.49 -4.15 -39.13
N MET E 241 -24.21 -4.03 -37.83
CA MET E 241 -25.24 -3.86 -36.82
C MET E 241 -25.12 -2.47 -36.20
N ILE E 242 -26.27 -1.84 -35.98
CA ILE E 242 -26.34 -0.52 -35.37
C ILE E 242 -26.82 -0.70 -33.93
N ARG E 243 -25.94 -0.44 -32.98
CA ARG E 243 -26.25 -0.60 -31.56
C ARG E 243 -26.49 0.76 -30.94
N SER E 244 -27.57 0.89 -30.18
CA SER E 244 -27.94 2.14 -29.56
C SER E 244 -28.67 1.86 -28.26
N GLU E 245 -29.06 2.93 -27.56
CA GLU E 245 -29.81 2.83 -26.32
C GLU E 245 -31.25 3.30 -26.52
N ASN E 246 -31.44 4.52 -27.00
CA ASN E 246 -32.76 5.06 -27.35
C ASN E 246 -32.59 5.74 -28.70
N ILE E 247 -32.77 4.97 -29.78
CA ILE E 247 -32.50 5.49 -31.11
C ILE E 247 -33.44 6.64 -31.44
N THR E 248 -34.63 6.67 -30.83
CA THR E 248 -35.52 7.80 -31.01
C THR E 248 -34.88 9.08 -30.49
N ASN E 249 -34.23 9.01 -29.33
CA ASN E 249 -33.49 10.15 -28.81
C ASN E 249 -32.18 10.31 -29.58
N ASN E 250 -31.83 11.55 -29.88
CA ASN E 250 -30.61 11.86 -30.63
C ASN E 250 -29.44 12.21 -29.73
N ALA E 251 -29.64 12.29 -28.42
CA ALA E 251 -28.55 12.62 -27.51
C ALA E 251 -27.65 11.41 -27.20
N LYS E 252 -28.06 10.21 -27.59
CA LYS E 252 -27.31 9.00 -27.32
C LYS E 252 -26.50 8.60 -28.54
N ASN E 253 -25.25 8.18 -28.30
CA ASN E 253 -24.36 7.80 -29.39
C ASN E 253 -24.89 6.53 -30.08
N ILE E 254 -24.38 6.29 -31.29
CA ILE E 254 -24.71 5.12 -32.08
C ILE E 254 -23.39 4.44 -32.43
N LEU E 255 -23.20 3.22 -31.94
CA LEU E 255 -21.95 2.48 -32.12
C LEU E 255 -22.13 1.51 -33.28
N VAL E 256 -21.75 1.96 -34.47
CA VAL E 256 -21.82 1.11 -35.66
C VAL E 256 -20.60 0.20 -35.68
N GLN E 257 -20.84 -1.09 -35.86
CA GLN E 257 -19.78 -2.09 -35.96
C GLN E 257 -20.05 -2.92 -37.21
N PHE E 258 -19.08 -2.94 -38.12
CA PHE E 258 -19.22 -3.62 -39.39
C PHE E 258 -18.22 -4.75 -39.55
N ASN E 259 -18.56 -5.69 -40.43
CA ASN E 259 -17.90 -7.00 -40.45
C ASN E 259 -16.54 -6.94 -41.15
N THR E 260 -16.50 -6.49 -42.40
CA THR E 260 -15.25 -6.51 -43.15
C THR E 260 -14.46 -5.23 -42.86
N PRO E 261 -13.26 -5.33 -42.27
CA PRO E 261 -12.55 -4.11 -41.88
C PRO E 261 -11.89 -3.44 -43.06
N VAL E 262 -11.84 -2.11 -43.01
CA VAL E 262 -11.18 -1.29 -44.02
C VAL E 262 -9.81 -0.91 -43.47
N GLN E 263 -8.76 -1.22 -44.22
CA GLN E 263 -7.41 -0.96 -43.76
C GLN E 263 -7.05 0.51 -43.92
N ILE E 264 -6.40 1.06 -42.89
CA ILE E 264 -5.95 2.45 -42.89
C ILE E 264 -4.47 2.46 -42.63
N ASN E 265 -3.73 3.20 -43.45
CA ASN E 265 -2.29 3.36 -43.32
C ASN E 265 -1.99 4.80 -42.92
N CYS E 266 -1.26 4.97 -41.83
CA CYS E 266 -0.90 6.28 -41.31
C CYS E 266 0.61 6.35 -41.16
N THR E 267 1.21 7.44 -41.63
CA THR E 267 2.66 7.56 -41.66
C THR E 267 3.06 8.97 -41.25
N ARG E 268 4.31 9.09 -40.79
CA ARG E 268 4.93 10.38 -40.46
C ARG E 268 6.24 10.45 -41.22
N PRO E 269 6.21 10.95 -42.48
CA PRO E 269 7.43 10.88 -43.31
C PRO E 269 8.60 11.66 -42.75
N ASN E 270 8.38 12.61 -41.85
CA ASN E 270 9.48 13.37 -41.28
C ASN E 270 10.48 12.45 -40.60
N ASN E 271 11.77 12.67 -40.86
CA ASN E 271 12.83 11.84 -40.28
C ASN E 271 13.29 12.51 -38.97
N ASN E 272 12.47 12.37 -37.95
CA ASN E 272 12.79 12.96 -36.66
C ASN E 272 14.00 12.28 -36.03
N THR E 273 14.79 13.07 -35.29
CA THR E 273 15.95 12.58 -34.58
C THR E 273 15.88 13.03 -33.13
N ARG E 274 16.20 12.12 -32.22
CA ARG E 274 16.11 12.39 -30.79
C ARG E 274 17.41 12.94 -30.25
N LYS E 275 17.30 13.92 -29.34
CA LYS E 275 18.45 14.52 -28.68
C LYS E 275 18.20 14.50 -27.18
N SER E 276 19.24 14.17 -26.41
CA SER E 276 19.14 14.06 -24.97
C SER E 276 19.72 15.31 -24.31
N ILE E 277 18.97 15.87 -23.37
CA ILE E 277 19.38 17.06 -22.62
C ILE E 277 19.30 16.73 -21.15
N ARG E 278 20.35 17.07 -20.40
CA ARG E 278 20.42 16.78 -18.97
C ARG E 278 19.80 17.94 -18.19
N ILE E 279 18.59 17.73 -17.68
CA ILE E 279 17.97 18.74 -16.84
C ILE E 279 18.71 18.85 -15.51
N GLY E 280 19.01 17.71 -14.90
CA GLY E 280 19.71 17.68 -13.65
C GLY E 280 20.46 16.38 -13.47
N PRO E 281 20.86 16.07 -12.24
CA PRO E 281 21.57 14.80 -12.01
C PRO E 281 20.64 13.60 -12.16
N GLY E 282 20.81 12.85 -13.25
CA GLY E 282 19.96 11.72 -13.53
C GLY E 282 18.63 12.06 -14.17
N GLN E 283 18.35 13.34 -14.39
CA GLN E 283 17.09 13.79 -14.98
C GLN E 283 17.35 14.07 -16.45
N ALA E 284 16.91 13.14 -17.32
CA ALA E 284 17.13 13.25 -18.75
C ALA E 284 15.85 13.71 -19.44
N PHE E 285 15.97 14.68 -20.33
CA PHE E 285 14.85 15.22 -21.09
C PHE E 285 15.18 15.10 -22.56
N TYR E 286 14.30 14.46 -23.33
CA TYR E 286 14.50 14.25 -24.76
C TYR E 286 13.72 15.30 -25.54
N ALA E 287 14.29 15.75 -26.65
CA ALA E 287 13.67 16.77 -27.48
C ALA E 287 14.06 16.54 -28.93
N THR E 288 13.25 17.09 -29.84
CA THR E 288 13.51 16.94 -31.26
C THR E 288 14.82 17.63 -31.64
N GLY E 289 15.62 16.96 -32.46
CA GLY E 289 16.87 17.52 -32.93
C GLY E 289 16.71 18.27 -34.23
N ASP E 290 17.46 17.85 -35.26
CA ASP E 290 17.40 18.46 -36.57
C ASP E 290 16.69 17.50 -37.53
N ILE E 291 15.72 18.02 -38.27
CA ILE E 291 14.98 17.23 -39.23
C ILE E 291 15.85 16.98 -40.46
N ILE E 292 16.02 15.71 -40.81
CA ILE E 292 16.85 15.29 -41.94
C ILE E 292 15.96 15.08 -43.14
N GLY E 293 16.31 15.71 -44.26
CA GLY E 293 15.51 15.62 -45.47
C GLY E 293 14.37 16.63 -45.47
N ASP E 294 13.57 16.56 -46.52
CA ASP E 294 12.45 17.47 -46.66
C ASP E 294 11.37 17.14 -45.62
N ILE E 295 10.55 18.15 -45.32
CA ILE E 295 9.47 18.03 -44.35
C ILE E 295 8.17 17.79 -45.11
N ARG E 296 7.47 16.71 -44.77
CA ARG E 296 6.22 16.35 -45.41
C ARG E 296 5.15 16.12 -44.37
N GLN E 297 3.94 16.58 -44.66
CA GLN E 297 2.85 16.50 -43.70
C GLN E 297 2.47 15.04 -43.44
N ALA E 298 2.19 14.73 -42.18
CA ALA E 298 1.73 13.40 -41.83
C ALA E 298 0.29 13.21 -42.27
N HIS E 299 0.01 12.11 -42.95
CA HIS E 299 -1.30 11.86 -43.53
C HIS E 299 -1.67 10.40 -43.34
N CYS E 300 -2.92 10.07 -43.72
CA CYS E 300 -3.42 8.70 -43.66
C CYS E 300 -4.14 8.39 -44.95
N ASN E 301 -4.24 7.09 -45.26
CA ASN E 301 -4.87 6.62 -46.49
C ASN E 301 -5.86 5.52 -46.17
N VAL E 302 -7.01 5.57 -46.83
CA VAL E 302 -8.01 4.51 -46.76
C VAL E 302 -8.53 4.27 -48.17
N SER E 303 -8.73 3.00 -48.52
CA SER E 303 -9.11 2.64 -49.87
C SER E 303 -10.42 3.32 -50.25
N LYS E 304 -10.45 3.91 -51.44
CA LYS E 304 -11.64 4.62 -51.90
C LYS E 304 -12.79 3.66 -52.14
N ALA E 305 -12.52 2.54 -52.84
CA ALA E 305 -13.59 1.64 -53.23
C ALA E 305 -14.23 0.97 -52.01
N THR E 306 -13.40 0.41 -51.13
CA THR E 306 -13.94 -0.32 -49.99
C THR E 306 -14.72 0.61 -49.06
N TRP E 307 -14.21 1.82 -48.81
CA TRP E 307 -14.88 2.73 -47.90
C TRP E 307 -16.27 3.09 -48.40
N ASN E 308 -16.40 3.38 -49.69
CA ASN E 308 -17.72 3.70 -50.23
C ASN E 308 -18.67 2.52 -50.09
N GLU E 309 -18.17 1.31 -50.34
CA GLU E 309 -18.99 0.12 -50.12
C GLU E 309 -19.34 -0.04 -48.65
N THR E 310 -18.38 0.22 -47.75
CA THR E 310 -18.64 0.05 -46.33
C THR E 310 -19.76 0.97 -45.87
N LEU E 311 -19.75 2.23 -46.31
CA LEU E 311 -20.85 3.12 -45.98
C LEU E 311 -22.16 2.64 -46.59
N GLY E 312 -22.08 1.95 -47.73
CA GLY E 312 -23.29 1.41 -48.33
C GLY E 312 -23.99 0.41 -47.41
N LYS E 313 -23.21 -0.47 -46.79
CA LYS E 313 -23.79 -1.42 -45.85
C LYS E 313 -24.42 -0.70 -44.66
N VAL E 314 -23.72 0.30 -44.12
CA VAL E 314 -24.23 1.01 -42.95
C VAL E 314 -25.53 1.72 -43.28
N VAL E 315 -25.59 2.39 -44.43
CA VAL E 315 -26.80 3.11 -44.80
C VAL E 315 -27.96 2.14 -44.97
N LYS E 316 -27.73 1.02 -45.65
CA LYS E 316 -28.80 0.04 -45.83
C LYS E 316 -29.27 -0.52 -44.49
N GLN E 317 -28.33 -0.83 -43.59
CA GLN E 317 -28.69 -1.38 -42.29
C GLN E 317 -29.31 -0.33 -41.38
N LEU E 318 -29.17 0.96 -41.70
CA LEU E 318 -29.74 2.02 -40.88
C LEU E 318 -31.17 2.36 -41.25
N ARG E 319 -31.58 2.10 -42.50
CA ARG E 319 -32.94 2.43 -42.91
C ARG E 319 -33.98 1.58 -42.19
N LYS E 320 -33.58 0.44 -41.63
CA LYS E 320 -34.54 -0.41 -40.93
C LYS E 320 -35.16 0.29 -39.72
N HIS E 321 -34.52 1.34 -39.22
CA HIS E 321 -35.03 2.07 -38.07
C HIS E 321 -35.71 3.38 -38.44
N PHE E 322 -35.36 3.98 -39.58
CA PHE E 322 -35.89 5.27 -40.00
C PHE E 322 -36.65 5.17 -41.33
N GLY E 323 -37.22 4.00 -41.61
CA GLY E 323 -37.98 3.81 -42.83
C GLY E 323 -37.09 3.64 -44.05
N ASN E 324 -37.74 3.49 -45.19
CA ASN E 324 -37.04 3.27 -46.46
C ASN E 324 -36.93 4.53 -47.31
N ASN E 325 -37.93 5.40 -47.28
CA ASN E 325 -37.89 6.64 -48.06
C ASN E 325 -37.34 7.80 -47.21
N THR E 326 -36.08 7.62 -46.79
CA THR E 326 -35.37 8.62 -46.00
C THR E 326 -34.05 8.94 -46.68
N ILE E 327 -33.78 10.23 -46.83
CA ILE E 327 -32.56 10.69 -47.51
C ILE E 327 -31.47 10.77 -46.45
N ILE E 328 -30.71 9.69 -46.31
CA ILE E 328 -29.62 9.63 -45.34
C ILE E 328 -28.38 10.24 -45.98
N ARG E 329 -27.80 11.23 -45.31
CA ARG E 329 -26.58 11.88 -45.78
C ARG E 329 -25.67 12.16 -44.59
N PHE E 330 -24.39 11.87 -44.76
CA PHE E 330 -23.40 12.09 -43.72
C PHE E 330 -22.85 13.51 -43.81
N ALA E 331 -22.28 13.97 -42.70
CA ALA E 331 -21.64 15.27 -42.62
C ALA E 331 -20.38 15.15 -41.78
N ASN E 332 -19.46 16.08 -41.99
CA ASN E 332 -18.19 16.04 -41.29
C ASN E 332 -18.41 16.34 -39.79
N SER E 333 -17.31 16.35 -39.05
CA SER E 333 -17.39 16.46 -37.60
C SER E 333 -18.12 17.72 -37.19
N SER E 334 -18.55 17.74 -35.92
CA SER E 334 -19.39 18.83 -35.42
C SER E 334 -18.62 20.14 -35.33
N GLY E 335 -17.56 20.16 -34.53
CA GLY E 335 -16.81 21.38 -34.29
C GLY E 335 -16.70 21.70 -32.81
N GLY E 336 -15.48 21.82 -32.31
CA GLY E 336 -15.26 22.05 -30.90
C GLY E 336 -13.83 21.79 -30.49
N ASP E 337 -13.65 21.02 -29.42
CA ASP E 337 -12.32 20.69 -28.96
C ASP E 337 -11.56 19.92 -30.04
N LEU E 338 -10.25 20.17 -30.12
CA LEU E 338 -9.43 19.59 -31.18
C LEU E 338 -9.44 18.07 -31.14
N GLU E 339 -9.73 17.46 -29.99
CA GLU E 339 -9.73 16.02 -29.85
C GLU E 339 -11.09 15.39 -30.17
N VAL E 340 -12.07 16.18 -30.58
CA VAL E 340 -13.38 15.67 -30.96
C VAL E 340 -13.67 16.00 -32.41
N THR E 341 -13.09 17.10 -32.90
CA THR E 341 -13.23 17.43 -34.31
C THR E 341 -12.55 16.39 -35.18
N THR E 342 -11.24 16.22 -35.01
CA THR E 342 -10.50 15.16 -35.66
C THR E 342 -10.69 13.87 -34.87
N HIS E 343 -9.93 12.83 -35.20
CA HIS E 343 -9.89 11.61 -34.41
C HIS E 343 -8.44 11.35 -34.00
N SER E 344 -8.23 11.16 -32.71
CA SER E 344 -6.90 11.02 -32.13
C SER E 344 -6.63 9.56 -31.84
N PHE E 345 -5.53 9.05 -32.36
CA PHE E 345 -5.15 7.65 -32.16
C PHE E 345 -3.65 7.58 -31.94
N ASN E 346 -3.24 6.76 -30.98
CA ASN E 346 -1.82 6.55 -30.72
C ASN E 346 -1.24 5.63 -31.77
N CYS E 347 -0.01 5.92 -32.20
CA CYS E 347 0.67 5.12 -33.21
C CYS E 347 2.17 5.18 -32.95
N GLY E 348 2.72 4.10 -32.43
CA GLY E 348 4.16 4.05 -32.19
C GLY E 348 4.65 5.06 -31.18
N GLY E 349 3.85 5.34 -30.16
CA GLY E 349 4.25 6.24 -29.10
C GLY E 349 4.03 7.71 -29.37
N GLU E 350 3.50 8.07 -30.54
CA GLU E 350 3.21 9.45 -30.89
C GLU E 350 1.72 9.61 -31.18
N PHE E 351 1.15 10.69 -30.67
CA PHE E 351 -0.29 10.92 -30.77
C PHE E 351 -0.60 11.73 -32.03
N PHE E 352 -1.58 11.26 -32.79
CA PHE E 352 -1.98 11.90 -34.04
C PHE E 352 -3.28 12.67 -33.86
N TYR E 353 -3.57 13.51 -34.86
CA TYR E 353 -4.84 14.22 -34.92
C TYR E 353 -5.18 14.39 -36.40
N CYS E 354 -5.99 13.49 -36.92
CA CYS E 354 -6.21 13.35 -38.36
C CYS E 354 -7.56 13.93 -38.75
N ASN E 355 -7.54 14.92 -39.65
CA ASN E 355 -8.76 15.48 -40.19
C ASN E 355 -9.55 14.41 -40.92
N THR E 356 -10.86 14.33 -40.62
CA THR E 356 -11.73 13.29 -41.17
C THR E 356 -12.87 13.87 -41.99
N SER E 357 -12.75 15.12 -42.44
CA SER E 357 -13.84 15.72 -43.22
C SER E 357 -13.96 15.10 -44.60
N GLY E 358 -12.95 14.36 -45.05
CA GLY E 358 -13.00 13.75 -46.37
C GLY E 358 -13.77 12.46 -46.45
N LEU E 359 -14.13 11.87 -45.32
CA LEU E 359 -14.84 10.59 -45.30
C LEU E 359 -16.36 10.81 -45.20
N PHE E 360 -16.81 11.48 -44.15
CA PHE E 360 -18.24 11.68 -43.91
C PHE E 360 -18.72 12.89 -44.72
N ASN E 361 -18.76 12.69 -46.03
CA ASN E 361 -19.19 13.75 -46.95
C ASN E 361 -19.85 13.06 -48.15
N SER E 362 -21.17 12.92 -48.10
CA SER E 362 -21.92 12.26 -49.16
C SER E 362 -23.40 12.34 -48.81
N THR E 363 -24.23 11.91 -49.76
CA THR E 363 -25.66 11.82 -49.58
C THR E 363 -26.17 10.60 -50.33
N TRP E 364 -27.17 9.93 -49.75
CA TRP E 364 -27.71 8.68 -50.30
C TRP E 364 -29.20 8.82 -50.52
N ILE E 365 -29.66 8.42 -51.70
CA ILE E 365 -31.07 8.42 -52.04
C ILE E 365 -31.57 6.99 -52.01
N SER E 366 -32.88 6.84 -51.78
CA SER E 366 -33.50 5.53 -51.65
C SER E 366 -33.91 4.93 -52.99
N ASN E 367 -33.29 5.36 -54.08
CA ASN E 367 -33.60 4.81 -55.40
C ASN E 367 -33.34 3.31 -55.44
N ASN E 379 -9.13 1.06 -56.17
CA ASN E 379 -8.28 1.77 -57.13
C ASN E 379 -7.69 3.03 -56.49
N ASP E 380 -8.51 4.07 -56.40
CA ASP E 380 -8.06 5.32 -55.80
C ASP E 380 -7.97 5.18 -54.28
N SER E 381 -7.27 6.13 -53.67
CA SER E 381 -7.08 6.16 -52.22
C SER E 381 -7.42 7.55 -51.70
N ILE E 382 -8.23 7.59 -50.65
CA ILE E 382 -8.59 8.87 -50.02
C ILE E 382 -7.44 9.33 -49.14
N THR E 383 -6.99 10.55 -49.35
CA THR E 383 -5.92 11.15 -48.57
C THR E 383 -6.48 12.25 -47.69
N LEU E 384 -6.05 12.25 -46.43
CA LEU E 384 -6.49 13.25 -45.46
C LEU E 384 -5.28 13.73 -44.67
N PRO E 385 -5.28 14.99 -44.24
CA PRO E 385 -4.14 15.52 -43.48
C PRO E 385 -4.25 15.16 -42.00
N CYS E 386 -3.16 15.39 -41.29
CA CYS E 386 -3.11 15.14 -39.85
C CYS E 386 -2.19 16.14 -39.19
N ARG E 387 -2.37 16.30 -37.88
CA ARG E 387 -1.54 17.16 -37.05
C ARG E 387 -1.05 16.36 -35.86
N ILE E 388 0.11 16.75 -35.34
CA ILE E 388 0.77 16.02 -34.25
C ILE E 388 1.03 16.98 -33.11
N LYS E 389 0.81 16.51 -31.89
CA LYS E 389 1.07 17.28 -30.68
C LYS E 389 1.98 16.46 -29.77
N GLN E 390 3.13 17.03 -29.41
CA GLN E 390 4.03 16.34 -28.49
C GLN E 390 3.40 16.17 -27.11
N ILE E 391 2.72 17.21 -26.62
CA ILE E 391 2.04 17.18 -25.33
C ILE E 391 0.54 17.03 -25.58
N ILE E 392 -0.12 16.32 -24.69
CA ILE E 392 -1.55 16.07 -24.80
C ILE E 392 -2.19 16.25 -23.43
N ASN E 393 -3.37 16.85 -23.41
CA ASN E 393 -4.16 16.95 -22.18
C ASN E 393 -4.79 15.59 -21.93
N MET E 394 -4.27 14.87 -20.93
CA MET E 394 -4.69 13.49 -20.71
C MET E 394 -6.19 13.42 -20.47
N TRP E 395 -6.84 12.45 -21.13
CA TRP E 395 -8.25 12.22 -20.91
C TRP E 395 -8.52 11.61 -19.53
N GLN E 396 -7.50 11.10 -18.86
CA GLN E 396 -7.70 10.51 -17.54
C GLN E 396 -8.21 11.54 -16.55
N ARG E 397 -7.63 12.73 -16.55
CA ARG E 397 -8.03 13.81 -15.66
C ARG E 397 -7.87 15.14 -16.40
N ILE E 398 -8.60 16.14 -15.91
CA ILE E 398 -8.61 17.44 -16.59
C ILE E 398 -7.24 18.11 -16.44
N GLY E 399 -6.69 18.11 -15.24
CA GLY E 399 -5.48 18.86 -14.97
C GLY E 399 -4.22 18.31 -15.60
N GLN E 400 -3.78 17.14 -15.15
CA GLN E 400 -2.46 16.64 -15.52
C GLN E 400 -2.40 16.32 -17.01
N CYS E 401 -1.39 16.88 -17.68
CA CYS E 401 -1.09 16.58 -19.07
C CYS E 401 -0.06 15.46 -19.14
N MET E 402 0.54 15.27 -20.33
CA MET E 402 1.63 14.32 -20.49
C MET E 402 2.46 14.74 -21.70
N TYR E 403 3.76 14.44 -21.63
CA TYR E 403 4.71 14.78 -22.68
C TYR E 403 5.12 13.51 -23.40
N ALA E 404 5.04 13.53 -24.74
CA ALA E 404 5.39 12.38 -25.54
C ALA E 404 6.77 12.60 -26.16
N PRO E 405 7.79 11.84 -25.77
CA PRO E 405 9.10 12.05 -26.39
C PRO E 405 9.05 11.73 -27.87
N PRO E 406 9.86 12.41 -28.69
CA PRO E 406 9.89 12.09 -30.11
C PRO E 406 10.47 10.71 -30.36
N ILE E 407 10.09 10.14 -31.50
CA ILE E 407 10.54 8.82 -31.92
C ILE E 407 11.39 8.97 -33.17
N GLN E 408 12.55 8.32 -33.19
CA GLN E 408 13.48 8.45 -34.28
C GLN E 408 12.92 7.84 -35.56
N GLY E 409 13.56 8.18 -36.68
CA GLY E 409 13.18 7.60 -37.95
C GLY E 409 11.81 8.08 -38.43
N VAL E 410 11.14 7.21 -39.17
CA VAL E 410 9.82 7.47 -39.73
C VAL E 410 8.84 6.49 -39.11
N ILE E 411 7.74 7.01 -38.58
CA ILE E 411 6.72 6.22 -37.92
C ILE E 411 5.64 5.87 -38.94
N ARG E 412 5.37 4.59 -39.10
CA ARG E 412 4.30 4.10 -39.96
C ARG E 412 3.62 2.93 -39.28
N CYS E 413 2.30 2.93 -39.29
CA CYS E 413 1.53 1.86 -38.65
C CYS E 413 0.21 1.69 -39.38
N VAL E 414 -0.15 0.44 -39.64
CA VAL E 414 -1.44 0.11 -40.24
C VAL E 414 -2.37 -0.38 -39.14
N SER E 415 -3.67 -0.22 -39.36
CA SER E 415 -4.65 -0.59 -38.36
C SER E 415 -5.96 -0.96 -39.04
N ASN E 416 -6.82 -1.64 -38.29
CA ASN E 416 -8.13 -2.07 -38.77
C ASN E 416 -9.18 -1.10 -38.23
N ILE E 417 -9.85 -0.40 -39.13
CA ILE E 417 -11.04 0.38 -38.78
C ILE E 417 -12.22 -0.59 -38.82
N THR E 418 -12.78 -0.90 -37.65
CA THR E 418 -13.82 -1.91 -37.53
C THR E 418 -15.19 -1.33 -37.24
N GLY E 419 -15.27 -0.14 -36.66
CA GLY E 419 -16.55 0.44 -36.28
C GLY E 419 -16.52 1.94 -36.38
N LEU E 420 -17.68 2.54 -36.10
CA LEU E 420 -17.85 3.98 -36.14
C LEU E 420 -18.68 4.42 -34.95
N ILE E 421 -18.54 5.68 -34.58
CA ILE E 421 -19.31 6.28 -33.49
C ILE E 421 -20.02 7.48 -34.09
N LEU E 422 -21.26 7.26 -34.55
CA LEU E 422 -22.05 8.29 -35.21
C LEU E 422 -23.01 8.90 -34.20
N THR E 423 -23.10 10.23 -34.20
CA THR E 423 -24.05 10.98 -33.39
C THR E 423 -25.06 11.63 -34.31
N ARG E 424 -26.34 11.34 -34.10
CA ARG E 424 -27.38 11.86 -34.96
C ARG E 424 -27.57 13.36 -34.73
N ASP E 425 -28.16 14.02 -35.71
CA ASP E 425 -28.48 15.44 -35.64
C ASP E 425 -29.94 15.61 -35.30
N GLY E 426 -30.23 16.40 -34.27
CA GLY E 426 -31.59 16.59 -33.81
C GLY E 426 -32.38 17.55 -34.67
N GLY E 427 -32.72 17.12 -35.89
CA GLY E 427 -33.52 17.93 -36.78
C GLY E 427 -35.00 17.85 -36.47
N SER E 428 -35.78 18.57 -37.27
CA SER E 428 -37.21 18.59 -37.10
C SER E 428 -37.83 17.28 -37.58
N THR E 429 -39.08 17.03 -37.15
CA THR E 429 -39.77 15.82 -37.58
C THR E 429 -39.95 15.80 -39.09
N ASN E 430 -40.33 16.92 -39.68
CA ASN E 430 -40.35 17.04 -41.13
C ASN E 430 -38.92 17.15 -41.65
N SER E 431 -38.78 17.36 -42.96
CA SER E 431 -37.46 17.43 -43.60
C SER E 431 -36.69 16.13 -43.34
N THR E 432 -37.20 15.05 -43.95
CA THR E 432 -36.78 13.69 -43.65
C THR E 432 -35.29 13.43 -43.90
N THR E 433 -34.57 14.43 -44.40
CA THR E 433 -33.12 14.29 -44.55
C THR E 433 -32.50 14.23 -43.15
N GLU E 434 -32.14 13.02 -42.72
CA GLU E 434 -31.55 12.80 -41.41
C GLU E 434 -30.03 12.79 -41.56
N THR E 435 -29.36 13.76 -40.97
CA THR E 435 -27.92 13.92 -41.09
C THR E 435 -27.22 13.30 -39.89
N PHE E 436 -26.24 12.45 -40.17
CA PHE E 436 -25.42 11.81 -39.14
C PHE E 436 -24.03 12.42 -39.13
N ARG E 437 -23.51 12.65 -37.93
CA ARG E 437 -22.19 13.20 -37.75
C ARG E 437 -21.38 12.31 -36.82
N PRO E 438 -20.06 12.26 -36.97
CA PRO E 438 -19.25 11.46 -36.06
C PRO E 438 -18.73 12.28 -34.88
N GLY E 439 -18.64 11.61 -33.73
CA GLY E 439 -18.10 12.25 -32.55
C GLY E 439 -17.71 11.24 -31.48
N GLY E 440 -16.48 11.36 -30.98
CA GLY E 440 -15.98 10.42 -30.00
C GLY E 440 -16.49 10.70 -28.60
N GLY E 441 -16.12 11.85 -28.06
CA GLY E 441 -16.56 12.22 -26.72
C GLY E 441 -16.14 11.21 -25.68
N ASP E 442 -17.10 10.46 -25.16
CA ASP E 442 -16.84 9.53 -24.07
C ASP E 442 -15.82 8.48 -24.48
N MET E 443 -14.84 8.26 -23.61
CA MET E 443 -13.86 7.19 -23.82
C MET E 443 -14.42 5.83 -23.47
N ARG E 444 -15.54 5.77 -22.74
CA ARG E 444 -16.12 4.49 -22.36
C ARG E 444 -16.61 3.72 -23.60
N ASP E 445 -17.17 4.44 -24.57
CA ASP E 445 -17.78 3.78 -25.71
C ASP E 445 -16.80 2.90 -26.46
N ASN E 446 -15.51 3.26 -26.46
CA ASN E 446 -14.51 2.45 -27.15
C ASN E 446 -14.42 1.06 -26.54
N TRP E 447 -14.62 0.94 -25.23
CA TRP E 447 -14.62 -0.35 -24.57
C TRP E 447 -15.98 -1.01 -24.60
N ARG E 448 -17.06 -0.22 -24.57
CA ARG E 448 -18.40 -0.80 -24.65
C ARG E 448 -18.62 -1.52 -25.98
N SER E 449 -17.87 -1.16 -27.02
CA SER E 449 -17.97 -1.86 -28.29
C SER E 449 -17.34 -3.24 -28.27
N GLU E 450 -16.59 -3.57 -27.21
CA GLU E 450 -15.93 -4.86 -27.09
C GLU E 450 -16.40 -5.67 -25.89
N LEU E 451 -17.06 -5.06 -24.91
CA LEU E 451 -17.64 -5.77 -23.78
C LEU E 451 -19.16 -5.91 -23.91
N TYR E 452 -19.65 -5.98 -25.15
CA TYR E 452 -21.08 -6.08 -25.40
C TYR E 452 -21.60 -7.52 -25.32
N LYS E 453 -20.72 -8.49 -25.12
CA LYS E 453 -21.12 -9.89 -25.11
C LYS E 453 -21.17 -10.49 -23.70
N TYR E 454 -20.42 -9.93 -22.77
CA TYR E 454 -20.24 -10.54 -21.45
C TYR E 454 -21.08 -9.82 -20.41
N LYS E 455 -21.58 -10.58 -19.44
CA LYS E 455 -22.14 -10.04 -18.21
C LYS E 455 -21.70 -10.90 -17.05
N VAL E 456 -21.54 -10.27 -15.88
CA VAL E 456 -21.04 -10.94 -14.68
C VAL E 456 -22.23 -11.31 -13.81
N VAL E 457 -22.24 -12.56 -13.32
CA VAL E 457 -23.32 -13.06 -12.49
C VAL E 457 -22.72 -13.70 -11.24
N LYS E 458 -23.54 -13.79 -10.20
CA LYS E 458 -23.16 -14.34 -8.91
C LYS E 458 -23.85 -15.68 -8.72
N ILE E 459 -23.06 -16.73 -8.50
CA ILE E 459 -23.61 -18.07 -8.28
C ILE E 459 -24.12 -18.16 -6.85
N GLU E 460 -25.37 -18.61 -6.70
CA GLU E 460 -26.00 -18.78 -5.39
C GLU E 460 -26.43 -20.22 -5.22
N PRO E 461 -25.60 -21.07 -4.60
CA PRO E 461 -26.03 -22.44 -4.29
C PRO E 461 -27.02 -22.44 -3.13
N LEU E 462 -27.34 -23.63 -2.61
CA LEU E 462 -28.22 -23.79 -1.46
C LEU E 462 -29.63 -23.31 -1.79
N GLY E 463 -30.26 -24.02 -2.73
CA GLY E 463 -31.64 -23.82 -3.05
C GLY E 463 -32.56 -24.62 -2.13
N VAL E 464 -33.85 -24.60 -2.47
CA VAL E 464 -34.87 -25.31 -1.70
C VAL E 464 -35.84 -25.97 -2.66
N ALA E 465 -36.21 -27.21 -2.37
CA ALA E 465 -37.16 -27.95 -3.19
C ALA E 465 -37.96 -28.88 -2.28
N PRO E 466 -39.17 -29.26 -2.69
CA PRO E 466 -39.95 -30.23 -1.92
C PRO E 466 -39.72 -31.66 -2.37
N THR E 467 -39.79 -32.56 -1.41
CA THR E 467 -39.65 -34.00 -1.67
C THR E 467 -40.27 -34.76 -0.51
N ARG E 468 -40.01 -36.06 -0.45
CA ARG E 468 -40.56 -36.94 0.58
C ARG E 468 -39.41 -37.58 1.35
N CYS E 469 -39.35 -37.32 2.65
CA CYS E 469 -38.37 -37.95 3.52
C CYS E 469 -38.93 -38.02 4.93
N LYS E 470 -38.14 -38.57 5.84
CA LYS E 470 -38.43 -38.49 7.27
C LYS E 470 -37.12 -38.74 8.01
N ARG E 471 -36.55 -37.69 8.58
CA ARG E 471 -35.26 -37.79 9.25
C ARG E 471 -35.39 -38.71 10.46
N ARG E 472 -34.83 -39.90 10.36
CA ARG E 472 -34.94 -40.87 11.45
C ARG E 472 -34.26 -40.33 12.71
N VAL E 473 -34.93 -40.49 13.84
CA VAL E 473 -34.41 -40.03 15.12
C VAL E 473 -33.56 -41.12 15.76
N GLU F 1 -26.91 10.07 -7.55
CA GLU F 1 -27.74 10.84 -8.53
C GLU F 1 -26.99 12.08 -9.00
N VAL F 2 -27.15 12.41 -10.27
CA VAL F 2 -26.49 13.56 -10.89
C VAL F 2 -27.51 14.69 -10.99
N GLN F 3 -27.17 15.85 -10.44
CA GLN F 3 -28.04 17.01 -10.50
C GLN F 3 -27.17 18.27 -10.47
N LEU F 4 -27.74 19.37 -10.94
CA LEU F 4 -27.03 20.63 -11.05
C LEU F 4 -27.89 21.76 -10.48
N VAL F 5 -27.22 22.80 -10.00
CA VAL F 5 -27.87 24.01 -9.52
C VAL F 5 -27.22 25.20 -10.21
N GLU F 6 -27.94 26.31 -10.24
CA GLU F 6 -27.52 27.51 -10.96
C GLU F 6 -27.47 28.69 -10.00
N SER F 7 -27.10 29.85 -10.55
CA SER F 7 -26.97 31.09 -9.81
C SER F 7 -28.18 31.98 -10.07
N GLY F 8 -28.13 33.20 -9.54
CA GLY F 8 -29.25 34.12 -9.65
C GLY F 8 -29.50 34.62 -11.06
N GLY F 9 -28.55 35.40 -11.60
CA GLY F 9 -28.75 36.03 -12.89
C GLY F 9 -29.58 37.30 -12.77
N GLY F 10 -30.81 37.26 -13.27
CA GLY F 10 -31.73 38.37 -13.10
C GLY F 10 -31.50 39.50 -14.09
N LEU F 11 -32.37 40.49 -13.99
CA LEU F 11 -32.30 41.64 -14.88
C LEU F 11 -31.03 42.45 -14.60
N VAL F 12 -30.37 42.89 -15.67
CA VAL F 12 -29.16 43.70 -15.57
C VAL F 12 -29.24 44.82 -16.58
N GLN F 13 -28.81 46.01 -16.17
CA GLN F 13 -28.83 47.17 -17.06
C GLN F 13 -27.89 46.95 -18.24
N ALA F 14 -28.28 47.46 -19.40
CA ALA F 14 -27.52 47.25 -20.62
C ALA F 14 -26.08 47.74 -20.46
N GLY F 15 -25.14 46.92 -20.88
CA GLY F 15 -23.73 47.24 -20.69
C GLY F 15 -23.25 47.08 -19.28
N GLY F 16 -23.94 46.31 -18.46
CA GLY F 16 -23.59 46.11 -17.07
C GLY F 16 -22.69 44.92 -16.87
N PHE F 17 -22.75 44.37 -15.65
CA PHE F 17 -21.93 43.22 -15.25
C PHE F 17 -22.81 42.17 -14.61
N LEU F 18 -22.45 40.91 -14.82
CA LEU F 18 -23.21 39.81 -14.25
C LEU F 18 -22.30 38.59 -14.15
N ARG F 19 -22.61 37.71 -13.20
CA ARG F 19 -21.86 36.48 -12.99
C ARG F 19 -22.83 35.32 -12.82
N LEU F 20 -22.55 34.22 -13.51
CA LEU F 20 -23.32 32.99 -13.41
C LEU F 20 -22.45 31.90 -12.83
N SER F 21 -23.10 30.87 -12.30
CA SER F 21 -22.39 29.75 -11.70
C SER F 21 -23.21 28.48 -11.86
N CYS F 22 -22.53 27.34 -11.77
CA CYS F 22 -23.18 26.04 -11.88
C CYS F 22 -22.36 25.03 -11.10
N GLU F 23 -22.99 24.36 -10.14
CA GLU F 23 -22.32 23.42 -9.25
C GLU F 23 -22.72 22.00 -9.62
N LEU F 24 -21.72 21.14 -9.81
CA LEU F 24 -21.93 19.73 -10.09
C LEU F 24 -21.72 18.93 -8.81
N ARG F 25 -22.77 18.27 -8.34
CA ARG F 25 -22.75 17.59 -7.05
C ARG F 25 -22.60 16.08 -7.18
N GLY F 26 -23.38 15.45 -8.06
CA GLY F 26 -23.41 14.01 -8.13
C GLY F 26 -22.11 13.37 -8.57
N SER F 27 -21.73 13.56 -9.83
CA SER F 27 -20.57 12.89 -10.38
C SER F 27 -19.28 13.62 -10.00
N ILE F 28 -18.16 13.00 -10.35
CA ILE F 28 -16.86 13.60 -10.07
C ILE F 28 -16.69 14.84 -10.94
N PHE F 29 -16.02 15.85 -10.38
CA PHE F 29 -15.84 17.11 -11.09
C PHE F 29 -14.65 17.11 -12.03
N ASN F 30 -13.59 16.35 -11.71
CA ASN F 30 -12.40 16.30 -12.54
C ASN F 30 -12.47 15.21 -13.60
N GLN F 31 -13.68 14.81 -14.01
CA GLN F 31 -13.86 13.79 -15.04
C GLN F 31 -14.86 14.22 -16.11
N TYR F 32 -15.35 15.46 -16.06
CA TYR F 32 -16.32 15.93 -17.04
C TYR F 32 -16.09 17.42 -17.28
N ALA F 33 -16.55 17.89 -18.44
CA ALA F 33 -16.43 19.28 -18.84
C ALA F 33 -17.81 19.90 -18.95
N MET F 34 -17.98 21.06 -18.34
CA MET F 34 -19.26 21.76 -18.31
C MET F 34 -19.26 22.91 -19.31
N ALA F 35 -20.45 23.24 -19.80
CA ALA F 35 -20.60 24.31 -20.78
C ALA F 35 -21.97 24.95 -20.62
N TRP F 36 -22.10 26.16 -21.16
CA TRP F 36 -23.31 26.95 -21.03
C TRP F 36 -23.98 27.10 -22.40
N PHE F 37 -25.29 26.89 -22.44
CA PHE F 37 -26.09 27.06 -23.64
C PHE F 37 -27.17 28.10 -23.39
N ARG F 38 -27.48 28.89 -24.41
CA ARG F 38 -28.52 29.91 -24.33
C ARG F 38 -29.59 29.63 -25.36
N GLN F 39 -30.85 29.89 -24.99
CA GLN F 39 -32.00 29.63 -25.85
C GLN F 39 -32.85 30.90 -25.88
N ALA F 40 -32.59 31.75 -26.88
CA ALA F 40 -33.41 32.94 -27.06
C ALA F 40 -34.82 32.52 -27.49
N PRO F 41 -35.83 33.34 -27.20
CA PRO F 41 -37.20 32.97 -27.58
C PRO F 41 -37.33 32.78 -29.08
N GLY F 42 -38.10 31.77 -29.47
CA GLY F 42 -38.27 31.47 -30.89
C GLY F 42 -36.97 31.12 -31.59
N LYS F 43 -36.09 30.37 -30.92
CA LYS F 43 -34.82 30.01 -31.51
C LYS F 43 -34.31 28.75 -30.82
N GLU F 44 -33.45 28.01 -31.53
CA GLU F 44 -32.88 26.78 -31.00
C GLU F 44 -31.70 27.10 -30.07
N ARG F 45 -31.25 26.07 -29.36
CA ARG F 45 -30.12 26.23 -28.47
C ARG F 45 -28.82 26.42 -29.26
N GLU F 46 -27.86 27.08 -28.63
CA GLU F 46 -26.56 27.30 -29.26
C GLU F 46 -25.50 27.42 -28.17
N PHE F 47 -24.25 27.20 -28.57
CA PHE F 47 -23.14 27.23 -27.62
C PHE F 47 -22.81 28.66 -27.23
N VAL F 48 -22.37 28.82 -25.97
CA VAL F 48 -21.94 30.12 -25.45
C VAL F 48 -20.50 30.00 -24.96
N ALA F 49 -20.28 29.14 -23.98
CA ALA F 49 -18.95 28.97 -23.41
C ALA F 49 -18.86 27.59 -22.76
N GLY F 50 -17.63 27.14 -22.56
CA GLY F 50 -17.38 25.85 -21.95
C GLY F 50 -15.92 25.62 -21.64
N MET F 51 -15.63 25.00 -20.50
CA MET F 51 -14.26 24.75 -20.06
C MET F 51 -14.06 23.27 -19.82
N GLY F 52 -13.21 22.66 -20.64
CA GLY F 52 -12.72 21.32 -20.38
C GLY F 52 -11.32 21.39 -19.82
N ALA F 53 -10.32 21.18 -20.67
CA ALA F 53 -8.95 21.51 -20.35
C ALA F 53 -8.47 22.79 -21.01
N VAL F 54 -9.22 23.33 -21.98
CA VAL F 54 -8.89 24.58 -22.63
C VAL F 54 -10.19 25.33 -22.88
N PRO F 55 -10.27 26.62 -22.59
CA PRO F 55 -11.55 27.33 -22.74
C PRO F 55 -11.98 27.44 -24.20
N HIS F 56 -13.28 27.49 -24.42
CA HIS F 56 -13.87 27.72 -25.72
C HIS F 56 -15.00 28.73 -25.60
N TYR F 57 -15.28 29.42 -26.70
CA TYR F 57 -16.31 30.44 -26.73
C TYR F 57 -17.06 30.36 -28.05
N GLY F 58 -18.28 30.90 -28.06
CA GLY F 58 -19.09 30.92 -29.25
C GLY F 58 -18.68 32.01 -30.21
N GLU F 59 -19.37 32.04 -31.36
CA GLU F 59 -19.05 33.03 -32.38
C GLU F 59 -19.32 34.45 -31.91
N PHE F 60 -20.42 34.64 -31.18
CA PHE F 60 -20.86 35.98 -30.78
C PHE F 60 -20.24 36.45 -29.46
N VAL F 61 -19.47 35.61 -28.79
CA VAL F 61 -18.85 36.03 -27.53
C VAL F 61 -17.87 37.17 -27.78
N LYS F 62 -17.03 37.03 -28.80
CA LYS F 62 -16.06 38.06 -29.19
C LYS F 62 -15.13 38.43 -28.03
N GLY F 63 -14.87 37.48 -27.14
CA GLY F 63 -13.97 37.71 -26.03
C GLY F 63 -14.55 38.51 -24.88
N ARG F 64 -15.82 38.89 -24.94
CA ARG F 64 -16.41 39.67 -23.86
C ARG F 64 -16.48 38.86 -22.57
N PHE F 65 -16.85 37.59 -22.66
CA PHE F 65 -17.07 36.77 -21.47
C PHE F 65 -15.76 36.18 -20.98
N THR F 66 -15.85 35.43 -19.87
CA THR F 66 -14.70 34.75 -19.31
C THR F 66 -15.21 33.58 -18.47
N ILE F 67 -14.65 32.39 -18.70
CA ILE F 67 -15.11 31.17 -18.08
C ILE F 67 -13.93 30.51 -17.36
N SER F 68 -14.16 30.08 -16.12
CA SER F 68 -13.15 29.40 -15.34
C SER F 68 -13.84 28.46 -14.37
N ARG F 69 -13.22 27.31 -14.11
CA ARG F 69 -13.77 26.28 -13.24
C ARG F 69 -12.91 26.15 -12.00
N ASP F 70 -13.55 26.23 -10.83
CA ASP F 70 -12.87 26.10 -9.55
C ASP F 70 -12.97 24.65 -9.09
N ASN F 71 -11.84 23.96 -9.05
CA ASN F 71 -11.84 22.55 -8.66
C ASN F 71 -12.24 22.37 -7.20
N ALA F 72 -11.91 23.34 -6.34
CA ALA F 72 -12.18 23.19 -4.91
C ALA F 72 -13.68 23.07 -4.65
N LYS F 73 -14.46 23.99 -5.18
CA LYS F 73 -15.91 23.98 -4.98
C LYS F 73 -16.65 23.14 -6.00
N SER F 74 -15.95 22.62 -7.03
CA SER F 74 -16.58 21.84 -8.08
C SER F 74 -17.67 22.65 -8.78
N THR F 75 -17.30 23.84 -9.23
CA THR F 75 -18.23 24.75 -9.87
C THR F 75 -17.55 25.42 -11.06
N VAL F 76 -18.37 25.90 -12.00
CA VAL F 76 -17.91 26.63 -13.17
C VAL F 76 -18.59 27.98 -13.18
N TYR F 77 -17.80 29.05 -13.30
CA TYR F 77 -18.31 30.41 -13.31
C TYR F 77 -18.36 30.95 -14.74
N LEU F 78 -18.90 32.16 -14.86
CA LEU F 78 -19.02 32.81 -16.17
C LEU F 78 -19.03 34.31 -15.93
N GLN F 79 -17.90 34.97 -16.19
CA GLN F 79 -17.75 36.39 -15.94
C GLN F 79 -18.38 37.19 -17.08
N MET F 80 -19.72 37.16 -17.11
CA MET F 80 -20.46 37.88 -18.13
C MET F 80 -20.25 39.39 -17.97
N SER F 81 -20.04 40.08 -19.09
CA SER F 81 -19.78 41.51 -19.06
C SER F 81 -20.28 42.14 -20.35
N SER F 82 -20.66 43.42 -20.27
CA SER F 82 -21.11 44.20 -21.41
C SER F 82 -22.26 43.49 -22.13
N LEU F 83 -23.37 43.35 -21.41
CA LEU F 83 -24.54 42.62 -21.90
C LEU F 83 -25.35 43.53 -22.82
N LYS F 84 -25.31 43.24 -24.12
CA LYS F 84 -26.15 43.94 -25.08
C LYS F 84 -27.59 43.42 -24.97
N PRO F 85 -28.57 44.23 -25.41
CA PRO F 85 -29.96 43.77 -25.30
C PRO F 85 -30.24 42.49 -26.07
N GLU F 86 -29.49 42.22 -27.15
CA GLU F 86 -29.72 41.03 -27.94
C GLU F 86 -29.30 39.75 -27.22
N ASP F 87 -28.57 39.85 -26.11
CA ASP F 87 -28.08 38.68 -25.41
C ASP F 87 -29.09 38.11 -24.42
N THR F 88 -30.26 38.72 -24.28
CA THR F 88 -31.27 38.20 -23.37
C THR F 88 -31.74 36.82 -23.84
N ALA F 89 -31.71 35.86 -22.92
CA ALA F 89 -32.16 34.50 -23.20
C ALA F 89 -32.02 33.70 -21.90
N ILE F 90 -32.50 32.46 -21.95
CA ILE F 90 -32.38 31.53 -20.83
C ILE F 90 -31.07 30.77 -20.99
N TYR F 91 -30.19 30.89 -20.01
CA TYR F 91 -28.85 30.30 -20.08
C TYR F 91 -28.84 29.00 -19.29
N PHE F 92 -28.80 27.87 -19.99
CA PHE F 92 -28.76 26.57 -19.34
C PHE F 92 -27.33 26.21 -18.96
N CYS F 93 -27.22 25.22 -18.08
CA CYS F 93 -25.95 24.62 -17.71
C CYS F 93 -26.02 23.13 -17.99
N ALA F 94 -24.99 22.60 -18.65
CA ALA F 94 -24.99 21.20 -19.05
C ALA F 94 -23.61 20.59 -18.79
N ARG F 95 -23.61 19.27 -18.62
CA ARG F 95 -22.39 18.50 -18.39
C ARG F 95 -22.14 17.60 -19.60
N SER F 96 -20.94 17.69 -20.17
CA SER F 96 -20.61 16.89 -21.33
C SER F 96 -20.45 15.43 -20.95
N LYS F 97 -20.50 14.56 -21.96
CA LYS F 97 -20.33 13.13 -21.72
C LYS F 97 -18.95 12.82 -21.16
N SER F 98 -17.94 13.59 -21.55
CA SER F 98 -16.58 13.35 -21.08
C SER F 98 -15.85 14.68 -21.04
N THR F 99 -14.52 14.63 -21.01
CA THR F 99 -13.69 15.80 -20.79
C THR F 99 -13.46 16.62 -22.06
N TYR F 100 -14.31 16.47 -23.07
CA TYR F 100 -14.22 17.26 -24.29
C TYR F 100 -15.54 17.98 -24.52
N ILE F 101 -15.48 19.10 -25.24
CA ILE F 101 -16.62 19.98 -25.46
C ILE F 101 -16.97 19.95 -26.94
N SER F 102 -18.25 19.74 -27.24
CA SER F 102 -18.76 19.75 -28.60
C SER F 102 -19.83 20.82 -28.72
N TYR F 103 -19.77 21.61 -29.79
CA TYR F 103 -20.71 22.71 -29.97
C TYR F 103 -22.14 22.24 -30.21
N ASN F 104 -22.34 20.96 -30.55
CA ASN F 104 -23.68 20.45 -30.76
C ASN F 104 -24.35 20.15 -29.41
N SER F 105 -25.64 20.46 -29.33
CA SER F 105 -26.38 20.25 -28.09
C SER F 105 -26.45 18.79 -27.69
N ASN F 106 -26.29 17.86 -28.64
CA ASN F 106 -26.41 16.44 -28.36
C ASN F 106 -25.16 15.86 -27.72
N GLY F 107 -24.17 16.68 -27.39
CA GLY F 107 -22.98 16.23 -26.70
C GLY F 107 -23.05 16.28 -25.20
N TYR F 108 -24.23 16.53 -24.63
CA TYR F 108 -24.41 16.66 -23.19
C TYR F 108 -25.62 15.85 -22.77
N ASP F 109 -25.55 15.27 -21.57
CA ASP F 109 -26.57 14.35 -21.10
C ASP F 109 -27.15 14.72 -19.73
N TYR F 110 -26.86 15.92 -19.22
CA TYR F 110 -27.40 16.34 -17.94
C TYR F 110 -27.54 17.86 -17.99
N TRP F 111 -28.75 18.35 -18.27
CA TRP F 111 -29.01 19.77 -18.40
C TRP F 111 -29.51 20.35 -17.08
N GLY F 112 -29.51 21.68 -17.00
CA GLY F 112 -29.97 22.38 -15.83
C GLY F 112 -31.38 22.93 -16.01
N ARG F 113 -31.89 23.54 -14.94
CA ARG F 113 -33.24 24.09 -14.97
C ARG F 113 -33.33 25.27 -15.92
N GLY F 114 -32.34 26.14 -15.91
CA GLY F 114 -32.32 27.32 -16.79
C GLY F 114 -32.40 28.60 -15.98
N THR F 115 -31.45 29.49 -16.24
CA THR F 115 -31.40 30.79 -15.59
C THR F 115 -31.91 31.86 -16.55
N GLN F 116 -32.87 32.66 -16.08
CA GLN F 116 -33.43 33.73 -16.88
C GLN F 116 -32.60 35.00 -16.72
N VAL F 117 -32.19 35.58 -17.85
CA VAL F 117 -31.42 36.82 -17.87
C VAL F 117 -32.07 37.76 -18.86
N THR F 118 -32.28 39.01 -18.42
CA THR F 118 -32.90 40.04 -19.25
C THR F 118 -32.06 41.30 -19.22
N VAL F 119 -32.06 42.02 -20.33
CA VAL F 119 -31.29 43.24 -20.48
C VAL F 119 -32.23 44.34 -21.01
N SER F 120 -32.14 45.51 -20.41
CA SER F 120 -32.97 46.65 -20.81
C SER F 120 -32.15 47.93 -20.89
N LEU G 9 -33.19 -12.04 23.33
CA LEU G 9 -33.65 -12.50 22.03
C LEU G 9 -32.73 -12.01 20.91
N GLY G 10 -31.51 -11.62 21.27
CA GLY G 10 -30.55 -11.12 20.31
C GLY G 10 -29.13 -11.52 20.61
N PHE G 11 -28.17 -10.86 19.95
CA PHE G 11 -26.77 -11.18 20.13
C PHE G 11 -26.36 -11.03 21.59
N LEU G 12 -26.03 -12.15 22.24
CA LEU G 12 -25.75 -12.16 23.67
C LEU G 12 -26.94 -11.60 24.46
N GLY G 13 -28.15 -11.92 23.99
CA GLY G 13 -29.34 -11.40 24.62
C GLY G 13 -29.73 -12.06 25.93
N ALA G 14 -29.03 -13.13 26.31
CA ALA G 14 -29.33 -13.84 27.56
C ALA G 14 -28.06 -14.21 28.30
N ALA G 15 -27.02 -13.39 28.19
CA ALA G 15 -25.75 -13.71 28.83
C ALA G 15 -25.88 -13.78 30.34
N GLY G 16 -26.71 -12.94 30.93
CA GLY G 16 -26.90 -12.89 32.36
C GLY G 16 -27.98 -13.79 32.90
N SER G 17 -28.59 -14.63 32.07
CA SER G 17 -29.66 -15.51 32.51
C SER G 17 -29.10 -16.84 32.98
N THR G 18 -29.98 -17.75 33.37
CA THR G 18 -29.57 -19.07 33.81
C THR G 18 -28.88 -19.80 32.67
N MET G 19 -27.81 -20.53 33.00
CA MET G 19 -27.05 -21.23 31.97
C MET G 19 -27.91 -22.30 31.30
N GLY G 20 -28.74 -22.99 32.07
CA GLY G 20 -29.69 -23.91 31.46
C GLY G 20 -30.65 -23.18 30.54
N ALA G 21 -31.12 -22.01 30.95
CA ALA G 21 -31.97 -21.19 30.08
C ALA G 21 -31.17 -20.53 28.97
N ALA G 22 -29.86 -20.37 29.14
CA ALA G 22 -29.03 -19.82 28.07
C ALA G 22 -29.00 -20.75 26.88
N SER G 23 -29.10 -22.05 27.11
CA SER G 23 -29.12 -23.03 26.02
C SER G 23 -30.40 -22.95 25.19
N MET G 24 -31.42 -22.21 25.64
CA MET G 24 -32.63 -22.06 24.85
C MET G 24 -32.32 -21.51 23.48
N THR G 25 -31.36 -20.58 23.40
CA THR G 25 -30.98 -19.95 22.13
C THR G 25 -29.46 -19.90 22.08
N LEU G 26 -28.86 -20.77 21.25
CA LEU G 26 -27.42 -20.80 21.07
C LEU G 26 -26.98 -20.43 19.66
N THR G 27 -27.86 -20.53 18.67
CA THR G 27 -27.47 -20.21 17.30
C THR G 27 -27.29 -18.71 17.10
N VAL G 28 -28.04 -17.89 17.83
CA VAL G 28 -27.92 -16.45 17.67
C VAL G 28 -26.53 -15.98 18.07
N GLN G 29 -25.97 -16.56 19.13
CA GLN G 29 -24.62 -16.21 19.55
C GLN G 29 -23.55 -16.80 18.64
N ALA G 30 -23.92 -17.72 17.74
CA ALA G 30 -22.98 -18.34 16.83
C ALA G 30 -23.18 -17.93 15.38
N ARG G 31 -24.41 -17.66 14.97
CA ARG G 31 -24.66 -17.28 13.58
C ARG G 31 -23.95 -15.98 13.23
N ASN G 32 -24.03 -14.98 14.11
CA ASN G 32 -23.37 -13.70 13.89
C ASN G 32 -21.97 -13.74 14.52
N LEU G 33 -21.11 -14.56 13.90
CA LEU G 33 -19.76 -14.74 14.39
C LEU G 33 -18.73 -14.44 13.31
N LEU G 34 -19.13 -14.53 12.04
CA LEU G 34 -18.23 -14.26 10.92
C LEU G 34 -18.78 -13.26 9.92
N SER G 35 -20.05 -12.88 10.02
CA SER G 35 -20.64 -11.93 9.08
C SER G 35 -19.91 -10.59 9.15
N TRP G 60 -6.94 2.10 5.92
CA TRP G 60 -8.23 2.01 6.58
C TRP G 60 -9.06 0.92 5.91
N GLY G 61 -8.91 0.79 4.59
CA GLY G 61 -9.36 -0.42 3.93
C GLY G 61 -8.47 -1.59 4.26
N ILE G 62 -7.19 -1.34 4.53
CA ILE G 62 -6.26 -2.41 4.87
C ILE G 62 -6.60 -3.02 6.21
N LYS G 63 -6.87 -2.18 7.22
CA LYS G 63 -7.19 -2.71 8.54
C LYS G 63 -8.51 -3.47 8.53
N GLN G 64 -9.47 -3.02 7.72
CA GLN G 64 -10.70 -3.78 7.55
C GLN G 64 -10.41 -5.16 6.98
N LEU G 65 -9.55 -5.23 5.97
CA LEU G 65 -9.19 -6.52 5.40
C LEU G 65 -8.49 -7.39 6.43
N GLN G 66 -7.58 -6.80 7.22
CA GLN G 66 -6.89 -7.58 8.25
C GLN G 66 -7.88 -8.10 9.28
N ALA G 67 -8.85 -7.29 9.67
CA ALA G 67 -9.87 -7.75 10.62
C ALA G 67 -10.69 -8.89 10.03
N ARG G 68 -11.06 -8.77 8.75
CA ARG G 68 -11.87 -9.81 8.13
C ARG G 68 -11.15 -11.14 8.10
N VAL G 69 -9.86 -11.13 7.73
CA VAL G 69 -9.08 -12.37 7.71
C VAL G 69 -8.93 -12.93 9.12
N LEU G 70 -8.71 -12.07 10.12
CA LEU G 70 -8.64 -12.56 11.49
C LEU G 70 -9.97 -13.14 11.94
N ALA G 71 -11.09 -12.50 11.57
CA ALA G 71 -12.39 -12.99 12.00
C ALA G 71 -12.68 -14.37 11.44
N VAL G 72 -12.47 -14.55 10.14
CA VAL G 72 -12.71 -15.85 9.53
C VAL G 72 -11.72 -16.88 10.07
N GLU G 73 -10.45 -16.49 10.22
CA GLU G 73 -9.45 -17.43 10.71
C GLU G 73 -9.79 -17.90 12.12
N ARG G 74 -10.29 -17.00 12.96
CA ARG G 74 -10.68 -17.40 14.31
C ARG G 74 -11.78 -18.44 14.29
N TYR G 75 -12.75 -18.28 13.39
CA TYR G 75 -13.85 -19.24 13.31
C TYR G 75 -13.35 -20.63 12.94
N LEU G 76 -12.41 -20.71 12.01
CA LEU G 76 -11.88 -22.02 11.62
C LEU G 76 -11.19 -22.70 12.79
N ARG G 77 -10.47 -21.93 13.61
CA ARG G 77 -9.83 -22.52 14.79
C ARG G 77 -10.86 -23.18 15.70
N ASP G 78 -11.97 -22.49 15.94
CA ASP G 78 -13.01 -23.06 16.80
C ASP G 78 -13.60 -24.31 16.16
N GLN G 79 -13.88 -24.28 14.85
CA GLN G 79 -14.46 -25.43 14.18
C GLN G 79 -13.49 -26.61 14.19
N GLN G 80 -12.21 -26.36 13.93
CA GLN G 80 -11.23 -27.45 13.91
C GLN G 80 -11.13 -28.11 15.27
N LEU G 81 -11.13 -27.32 16.34
CA LEU G 81 -11.06 -27.89 17.68
C LEU G 81 -12.24 -28.81 17.95
N LEU G 82 -13.40 -28.52 17.36
CA LEU G 82 -14.52 -29.45 17.43
C LEU G 82 -14.32 -30.66 16.52
N GLY G 83 -13.68 -30.46 15.37
CA GLY G 83 -13.51 -31.56 14.44
C GLY G 83 -12.69 -32.71 15.01
N ILE G 84 -11.59 -32.38 15.69
CA ILE G 84 -10.75 -33.43 16.25
C ILE G 84 -11.47 -34.20 17.33
N TRP G 85 -12.49 -33.61 17.95
CA TRP G 85 -13.34 -34.31 18.90
C TRP G 85 -14.40 -35.11 18.15
N GLY G 86 -15.23 -35.84 18.90
CA GLY G 86 -16.21 -36.71 18.29
C GLY G 86 -17.45 -35.99 17.81
N CYS G 87 -17.27 -34.98 16.95
CA CYS G 87 -18.38 -34.21 16.41
C CYS G 87 -17.83 -33.21 15.40
N SER G 88 -18.68 -32.83 14.45
CA SER G 88 -18.31 -31.87 13.41
C SER G 88 -19.12 -30.59 13.51
N GLY G 89 -20.45 -30.67 13.45
CA GLY G 89 -21.29 -29.49 13.51
C GLY G 89 -22.57 -29.72 14.29
N LYS G 90 -22.53 -30.66 15.23
CA LYS G 90 -23.74 -31.03 15.96
C LYS G 90 -24.29 -29.85 16.75
N LEU G 91 -23.41 -29.02 17.30
CA LEU G 91 -23.71 -27.86 18.14
C LEU G 91 -24.08 -28.29 19.57
N ILE G 92 -24.27 -29.58 19.83
CA ILE G 92 -24.36 -30.11 21.19
C ILE G 92 -23.55 -31.39 21.21
N CYS G 93 -22.29 -31.29 21.62
CA CYS G 93 -21.31 -32.38 21.50
C CYS G 93 -21.04 -32.90 22.91
N CYS G 94 -21.71 -33.99 23.27
CA CYS G 94 -21.61 -34.58 24.60
C CYS G 94 -20.67 -35.77 24.53
N THR G 95 -19.51 -35.64 25.18
CA THR G 95 -18.46 -36.65 25.09
C THR G 95 -18.57 -37.64 26.25
N ASN G 96 -17.94 -38.80 26.08
CA ASN G 96 -18.00 -39.89 27.03
C ASN G 96 -16.84 -39.91 28.02
N VAL G 97 -15.92 -38.94 27.94
CA VAL G 97 -14.81 -38.94 28.89
C VAL G 97 -15.34 -38.65 30.29
N PRO G 98 -14.81 -39.28 31.34
CA PRO G 98 -15.37 -39.05 32.68
C PRO G 98 -15.15 -37.61 33.15
N TRP G 99 -16.08 -37.15 33.98
CA TRP G 99 -15.97 -35.85 34.63
C TRP G 99 -15.31 -36.00 36.00
N ASN G 100 -14.65 -34.93 36.43
CA ASN G 100 -13.95 -34.90 37.71
C ASN G 100 -14.73 -34.03 38.69
N SER G 101 -15.02 -34.59 39.86
CA SER G 101 -15.69 -33.81 40.90
C SER G 101 -14.80 -32.71 41.45
N SER G 102 -13.48 -32.92 41.45
CA SER G 102 -12.57 -31.93 42.00
C SER G 102 -12.61 -30.63 41.20
N TRP G 103 -12.87 -30.71 39.90
CA TRP G 103 -12.85 -29.51 39.07
C TRP G 103 -13.91 -28.52 39.52
N SER G 104 -15.12 -28.99 39.81
CA SER G 104 -16.23 -28.14 40.20
C SER G 104 -16.81 -28.47 41.56
N ASN G 105 -16.92 -29.75 41.91
CA ASN G 105 -17.49 -30.20 43.18
C ASN G 105 -18.78 -29.46 43.52
N ARG G 106 -19.62 -29.26 42.50
CA ARG G 106 -20.92 -28.63 42.65
C ARG G 106 -22.01 -29.57 42.15
N ASN G 107 -23.16 -29.52 42.81
CA ASN G 107 -24.27 -30.39 42.44
C ASN G 107 -24.72 -30.07 41.02
N LEU G 108 -25.07 -31.13 40.27
CA LEU G 108 -25.42 -30.95 38.86
C LEU G 108 -26.63 -30.04 38.70
N SER G 109 -27.69 -30.28 39.49
CA SER G 109 -28.89 -29.48 39.38
C SER G 109 -28.72 -28.09 39.99
N GLU G 110 -27.75 -27.91 40.88
CA GLU G 110 -27.56 -26.63 41.53
C GLU G 110 -26.88 -25.60 40.63
N ILE G 111 -26.22 -26.03 39.55
CA ILE G 111 -25.47 -25.14 38.70
C ILE G 111 -26.26 -24.81 37.44
N TRP G 112 -27.13 -25.73 37.02
CA TRP G 112 -27.89 -25.59 35.78
C TRP G 112 -29.18 -24.81 35.97
N ASP G 113 -29.38 -24.16 37.12
CA ASP G 113 -30.63 -23.47 37.40
C ASP G 113 -30.42 -22.00 37.77
N ASN G 114 -29.30 -21.69 38.42
CA ASN G 114 -29.04 -20.34 38.91
C ASN G 114 -27.81 -19.70 38.31
N MET G 115 -26.68 -20.43 38.27
CA MET G 115 -25.43 -19.82 37.85
C MET G 115 -25.47 -19.43 36.38
N THR G 116 -24.93 -18.25 36.08
CA THR G 116 -24.81 -17.77 34.72
C THR G 116 -23.50 -18.28 34.09
N TRP G 117 -23.47 -18.26 32.75
CA TRP G 117 -22.31 -18.77 32.05
C TRP G 117 -21.06 -17.96 32.34
N LEU G 118 -21.18 -16.63 32.40
CA LEU G 118 -20.03 -15.79 32.66
C LEU G 118 -19.41 -16.12 34.02
N GLN G 119 -20.24 -16.26 35.05
CA GLN G 119 -19.73 -16.68 36.35
C GLN G 119 -19.20 -18.10 36.30
N TRP G 120 -19.83 -18.97 35.50
CA TRP G 120 -19.39 -20.35 35.40
C TRP G 120 -17.99 -20.45 34.80
N ASP G 121 -17.70 -19.62 33.79
CA ASP G 121 -16.41 -19.71 33.11
C ASP G 121 -15.26 -19.46 34.07
N LYS G 122 -15.40 -18.47 34.96
CA LYS G 122 -14.32 -18.13 35.88
C LYS G 122 -13.99 -19.30 36.80
N GLU G 123 -14.99 -20.06 37.21
CA GLU G 123 -14.73 -21.18 38.12
C GLU G 123 -13.80 -22.21 37.48
N ILE G 124 -14.03 -22.52 36.20
CA ILE G 124 -13.22 -23.50 35.48
C ILE G 124 -12.21 -22.83 34.55
N SER G 125 -12.11 -21.49 34.61
CA SER G 125 -11.13 -20.80 33.78
C SER G 125 -9.71 -21.30 34.08
N ASN G 126 -9.40 -21.50 35.35
CA ASN G 126 -8.10 -22.05 35.72
C ASN G 126 -7.92 -23.45 35.16
N TYR G 127 -8.96 -24.28 35.25
CA TYR G 127 -8.90 -25.67 34.77
C TYR G 127 -9.30 -25.71 33.29
N THR G 128 -8.39 -25.21 32.46
CA THR G 128 -8.58 -25.20 31.02
C THR G 128 -7.28 -25.64 30.36
N GLN G 129 -7.39 -26.09 29.11
CA GLN G 129 -6.32 -26.67 28.32
C GLN G 129 -5.92 -28.05 28.81
N ILE G 130 -6.63 -28.60 29.80
CA ILE G 130 -6.41 -29.98 30.22
C ILE G 130 -7.59 -30.88 29.87
N ILE G 131 -8.81 -30.33 29.82
CA ILE G 131 -9.95 -31.09 29.32
C ILE G 131 -9.80 -31.30 27.81
N TYR G 132 -9.30 -30.29 27.10
CA TYR G 132 -9.16 -30.39 25.65
C TYR G 132 -8.24 -31.55 25.29
N GLY G 133 -7.13 -31.70 26.01
CA GLY G 133 -6.24 -32.83 25.76
C GLY G 133 -6.93 -34.15 25.98
N LEU G 134 -7.71 -34.25 27.06
CA LEU G 134 -8.42 -35.49 27.35
C LEU G 134 -9.42 -35.82 26.25
N LEU G 135 -10.12 -34.81 25.73
CA LEU G 135 -11.12 -35.04 24.68
C LEU G 135 -10.46 -35.64 23.45
N GLU G 136 -9.30 -35.12 23.06
CA GLU G 136 -8.63 -35.63 21.87
C GLU G 136 -8.26 -37.10 22.03
N GLU G 137 -7.70 -37.46 23.19
CA GLU G 137 -7.33 -38.86 23.41
C GLU G 137 -8.55 -39.76 23.40
N SER G 138 -9.64 -39.33 24.05
CA SER G 138 -10.85 -40.14 24.09
C SER G 138 -11.49 -40.30 22.73
N GLN G 139 -11.20 -39.40 21.79
CA GLN G 139 -11.76 -39.50 20.44
C GLN G 139 -10.88 -40.35 19.53
N ASN G 140 -9.57 -40.06 19.51
CA ASN G 140 -8.67 -40.85 18.67
C ASN G 140 -8.68 -42.31 19.08
N GLN G 141 -8.67 -42.59 20.38
CA GLN G 141 -8.76 -43.97 20.84
C GLN G 141 -10.07 -44.60 20.40
N GLN G 142 -11.18 -43.87 20.55
CA GLN G 142 -12.48 -44.40 20.14
C GLN G 142 -12.53 -44.62 18.64
N GLU G 143 -11.97 -43.69 17.85
CA GLU G 143 -12.00 -43.82 16.40
C GLU G 143 -11.27 -45.09 15.96
N LYS G 144 -10.09 -45.34 16.53
CA LYS G 144 -9.34 -46.53 16.16
C LYS G 144 -10.09 -47.80 16.54
N ASN G 145 -10.69 -47.82 17.74
CA ASN G 145 -11.47 -48.98 18.14
C ASN G 145 -12.64 -49.22 17.21
N GLU G 146 -13.18 -48.15 16.60
CA GLU G 146 -14.24 -48.31 15.62
C GLU G 146 -13.69 -48.77 14.28
N GLN G 147 -12.50 -48.33 13.90
CA GLN G 147 -11.95 -48.69 12.60
C GLN G 147 -11.71 -50.19 12.49
N ASP G 148 -11.02 -50.77 13.46
CA ASP G 148 -10.76 -52.21 13.42
C ASP G 148 -12.02 -53.02 13.67
N LEU G 149 -13.00 -52.44 14.38
CA LEU G 149 -14.26 -53.14 14.59
C LEU G 149 -14.98 -53.38 13.27
N LEU G 150 -14.94 -52.39 12.37
CA LEU G 150 -15.52 -52.55 11.05
C LEU G 150 -14.67 -53.41 10.13
N ALA G 151 -13.44 -53.73 10.51
CA ALA G 151 -12.53 -54.50 9.66
C ALA G 151 -12.58 -56.00 9.94
N LEU G 152 -12.92 -56.40 11.17
CA LEU G 152 -12.93 -57.82 11.50
C LEU G 152 -14.01 -58.58 10.72
N ASP G 153 -15.00 -57.88 10.18
CA ASP G 153 -16.04 -58.52 9.39
C ASP G 153 -15.46 -59.30 8.21
N GLU H 2 -24.55 -42.25 40.96
CA GLU H 2 -24.57 -40.92 40.37
C GLU H 2 -23.28 -40.64 39.62
N ASN H 3 -23.33 -40.82 38.31
CA ASN H 3 -22.20 -40.55 37.43
C ASN H 3 -22.64 -39.61 36.31
N LEU H 4 -21.87 -38.55 36.09
CA LEU H 4 -22.16 -37.57 35.06
C LEU H 4 -20.90 -37.29 34.26
N TRP H 5 -21.08 -36.96 32.99
CA TRP H 5 -19.99 -36.79 32.04
C TRP H 5 -19.91 -35.35 31.58
N VAL H 6 -18.90 -35.07 30.76
CA VAL H 6 -18.62 -33.71 30.30
C VAL H 6 -19.22 -33.50 28.92
N THR H 7 -19.45 -32.24 28.58
CA THR H 7 -19.92 -31.86 27.26
C THR H 7 -19.36 -30.49 26.92
N VAL H 8 -19.35 -30.18 25.62
CA VAL H 8 -18.88 -28.90 25.12
C VAL H 8 -20.03 -28.23 24.40
N TYR H 9 -20.30 -26.97 24.76
CA TYR H 9 -21.42 -26.21 24.24
C TYR H 9 -20.88 -25.10 23.33
N TYR H 10 -20.89 -25.36 22.03
CA TYR H 10 -20.46 -24.34 21.08
C TYR H 10 -21.49 -23.22 21.01
N GLY H 11 -21.00 -22.01 20.70
CA GLY H 11 -21.87 -20.85 20.64
C GLY H 11 -22.47 -20.49 21.98
N VAL H 12 -21.64 -20.47 23.02
CA VAL H 12 -22.08 -20.14 24.37
C VAL H 12 -21.69 -18.69 24.67
N PRO H 13 -22.55 -17.88 25.28
CA PRO H 13 -22.22 -16.46 25.51
C PRO H 13 -21.29 -16.28 26.69
N VAL H 14 -20.01 -16.00 26.39
CA VAL H 14 -19.03 -15.62 27.40
C VAL H 14 -18.00 -14.74 26.71
N TRP H 15 -17.46 -13.77 27.46
CA TRP H 15 -16.54 -12.79 26.91
C TRP H 15 -15.32 -12.64 27.82
N LYS H 16 -14.22 -12.21 27.22
CA LYS H 16 -13.00 -11.89 27.94
C LYS H 16 -12.46 -10.56 27.43
N ASP H 17 -11.84 -9.81 28.33
CA ASP H 17 -11.26 -8.52 27.95
C ASP H 17 -10.13 -8.73 26.95
N ALA H 18 -10.08 -7.88 25.94
CA ALA H 18 -9.06 -7.95 24.90
C ALA H 18 -9.12 -6.67 24.10
N GLU H 19 -8.34 -6.60 23.02
CA GLU H 19 -8.31 -5.44 22.14
C GLU H 19 -8.12 -5.90 20.71
N THR H 20 -8.57 -5.08 19.77
CA THR H 20 -8.49 -5.39 18.35
C THR H 20 -8.54 -4.09 17.57
N THR H 21 -8.73 -4.19 16.26
CA THR H 21 -8.78 -3.05 15.37
C THR H 21 -10.21 -2.86 14.88
N LEU H 22 -10.76 -1.66 15.07
CA LEU H 22 -12.11 -1.34 14.65
C LEU H 22 -12.06 -0.73 13.25
N PHE H 23 -13.19 -0.17 12.80
CA PHE H 23 -13.27 0.40 11.47
C PHE H 23 -14.31 1.53 11.48
N CYS H 24 -14.34 2.27 10.37
CA CYS H 24 -15.26 3.40 10.25
C CYS H 24 -16.71 2.94 10.37
N ALA H 25 -17.58 3.91 10.66
CA ALA H 25 -19.02 3.74 10.42
C ALA H 25 -19.61 5.15 10.34
N SER H 26 -19.86 5.61 9.11
CA SER H 26 -20.28 6.97 8.85
C SER H 26 -21.65 6.98 8.18
N ASP H 27 -22.42 8.04 8.45
CA ASP H 27 -23.74 8.17 7.86
C ASP H 27 -23.63 8.29 6.34
N ALA H 28 -24.52 7.61 5.63
CA ALA H 28 -24.54 7.62 4.18
C ALA H 28 -25.32 8.79 3.60
N LYS H 29 -26.02 9.57 4.44
CA LYS H 29 -26.80 10.68 3.92
C LYS H 29 -25.90 11.75 3.29
N ALA H 30 -24.68 11.91 3.80
CA ALA H 30 -23.73 12.87 3.27
C ALA H 30 -22.87 12.29 2.15
N TYR H 31 -23.11 11.04 1.74
CA TYR H 31 -22.30 10.42 0.70
C TYR H 31 -22.41 11.17 -0.62
N GLU H 32 -23.62 11.61 -0.97
CA GLU H 32 -23.81 12.34 -2.22
C GLU H 32 -23.02 13.63 -2.24
N THR H 33 -22.87 14.29 -1.10
CA THR H 33 -22.07 15.51 -1.01
C THR H 33 -20.60 15.12 -1.12
N GLU H 34 -20.06 15.19 -2.33
CA GLU H 34 -18.70 14.76 -2.59
C GLU H 34 -17.70 15.60 -1.81
N LYS H 35 -17.09 15.02 -0.78
CA LYS H 35 -16.13 15.72 0.06
C LYS H 35 -15.03 14.73 0.44
N HIS H 36 -13.89 14.82 -0.25
CA HIS H 36 -12.73 13.99 0.08
C HIS H 36 -11.94 14.65 1.20
N ASN H 37 -12.61 14.96 2.30
CA ASN H 37 -12.02 15.72 3.39
C ASN H 37 -11.41 14.78 4.43
N VAL H 38 -10.81 15.36 5.47
CA VAL H 38 -10.33 14.56 6.58
C VAL H 38 -11.52 13.84 7.21
N TRP H 39 -11.20 12.79 7.97
CA TRP H 39 -12.21 11.94 8.59
C TRP H 39 -13.18 11.45 7.51
N ALA H 40 -12.59 10.77 6.51
CA ALA H 40 -13.26 10.55 5.25
C ALA H 40 -14.49 9.67 5.39
N THR H 41 -15.46 9.90 4.51
CA THR H 41 -16.60 9.02 4.35
C THR H 41 -16.60 8.27 3.03
N HIS H 42 -15.82 8.71 2.05
CA HIS H 42 -15.78 8.02 0.76
C HIS H 42 -15.11 6.67 0.89
N ALA H 43 -14.10 6.55 1.75
CA ALA H 43 -13.42 5.28 2.03
C ALA H 43 -13.66 4.93 3.49
N CYS H 44 -14.82 4.36 3.76
CA CYS H 44 -15.30 3.94 5.09
C CYS H 44 -16.60 3.16 4.91
N VAL H 45 -16.78 2.17 5.77
CA VAL H 45 -17.97 1.32 5.69
C VAL H 45 -19.21 2.15 6.03
N PRO H 46 -20.28 2.07 5.24
CA PRO H 46 -21.51 2.77 5.64
C PRO H 46 -22.06 2.24 6.95
N THR H 47 -22.68 3.13 7.72
CA THR H 47 -23.22 2.77 9.02
C THR H 47 -24.52 1.98 8.84
N ASP H 48 -25.20 1.69 9.95
CA ASP H 48 -26.46 1.00 9.96
C ASP H 48 -27.47 1.81 10.76
N PRO H 49 -28.72 1.93 10.27
CA PRO H 49 -29.71 2.75 11.01
C PRO H 49 -30.19 2.01 12.26
N ASN H 50 -30.07 2.67 13.41
CA ASN H 50 -30.50 2.11 14.68
C ASN H 50 -29.88 0.73 14.89
N PRO H 51 -28.58 0.65 15.19
CA PRO H 51 -27.93 -0.65 15.37
C PRO H 51 -28.63 -1.48 16.44
N GLN H 52 -28.23 -2.74 16.52
CA GLN H 52 -28.89 -3.70 17.40
C GLN H 52 -28.56 -3.44 18.85
N GLU H 53 -29.00 -2.30 19.38
CA GLU H 53 -28.81 -1.95 20.79
C GLU H 53 -29.87 -2.70 21.59
N ILE H 54 -29.48 -3.80 22.21
CA ILE H 54 -30.39 -4.65 22.98
C ILE H 54 -29.91 -4.69 24.43
N HIS H 55 -30.85 -4.52 25.35
CA HIS H 55 -30.51 -4.44 26.77
C HIS H 55 -30.12 -5.81 27.30
N LEU H 56 -29.42 -5.79 28.43
CA LEU H 56 -29.02 -7.00 29.14
C LEU H 56 -29.48 -6.91 30.59
N GLU H 57 -29.70 -8.06 31.20
CA GLU H 57 -30.18 -8.13 32.58
C GLU H 57 -29.33 -9.13 33.36
N ASN H 58 -29.27 -8.93 34.68
CA ASN H 58 -28.54 -9.81 35.57
C ASN H 58 -27.07 -9.92 35.15
N VAL H 59 -26.50 -8.80 34.73
CA VAL H 59 -25.12 -8.74 34.26
C VAL H 59 -24.39 -7.64 35.00
N THR H 60 -23.13 -7.89 35.37
CA THR H 60 -22.29 -6.93 36.06
C THR H 60 -20.93 -6.90 35.40
N GLU H 61 -20.54 -5.74 34.88
CA GLU H 61 -19.27 -5.55 34.20
C GLU H 61 -18.60 -4.29 34.71
N GLU H 62 -17.27 -4.31 34.76
CA GLU H 62 -16.47 -3.21 35.27
C GLU H 62 -15.71 -2.54 34.13
N PHE H 63 -15.72 -1.21 34.13
CA PHE H 63 -15.07 -0.41 33.10
C PHE H 63 -13.88 0.34 33.69
N ASN H 64 -13.01 0.82 32.81
CA ASN H 64 -11.85 1.60 33.22
C ASN H 64 -11.40 2.44 32.03
N MET H 65 -11.65 3.74 32.09
CA MET H 65 -11.27 4.61 30.97
C MET H 65 -9.77 4.84 30.93
N TRP H 66 -9.14 4.99 32.09
CA TRP H 66 -7.74 5.42 32.13
C TRP H 66 -6.79 4.36 31.61
N LYS H 67 -7.25 3.13 31.39
CA LYS H 67 -6.46 2.10 30.74
C LYS H 67 -7.18 1.52 29.53
N ASN H 68 -8.16 2.25 28.99
CA ASN H 68 -8.88 1.79 27.81
C ASN H 68 -7.94 1.77 26.60
N ASN H 69 -8.21 0.84 25.69
CA ASN H 69 -7.41 0.70 24.48
C ASN H 69 -8.01 1.44 23.29
N MET H 70 -9.33 1.59 23.24
CA MET H 70 -9.95 2.25 22.10
C MET H 70 -9.51 3.70 22.00
N VAL H 71 -9.42 4.40 23.13
CA VAL H 71 -8.97 5.79 23.10
C VAL H 71 -7.55 5.87 22.55
N GLU H 72 -6.68 4.96 22.98
CA GLU H 72 -5.34 4.89 22.40
C GLU H 72 -5.42 4.52 20.92
N GLN H 73 -6.30 3.58 20.58
CA GLN H 73 -6.45 3.19 19.18
C GLN H 73 -6.99 4.36 18.34
N MET H 74 -7.94 5.11 18.89
CA MET H 74 -8.50 6.24 18.15
C MET H 74 -7.43 7.28 17.86
N HIS H 75 -6.55 7.53 18.83
CA HIS H 75 -5.52 8.55 18.66
C HIS H 75 -4.66 8.26 17.44
N THR H 76 -4.11 7.03 17.37
CA THR H 76 -3.29 6.68 16.23
C THR H 76 -4.07 6.73 14.92
N ASP H 77 -5.38 6.49 14.99
CA ASP H 77 -6.21 6.61 13.80
C ASP H 77 -6.23 8.05 13.28
N ILE H 78 -6.34 9.03 14.18
CA ILE H 78 -6.35 10.42 13.76
C ILE H 78 -4.99 10.84 13.22
N ILE H 79 -3.91 10.44 13.89
CA ILE H 79 -2.58 10.82 13.45
C ILE H 79 -2.32 10.33 12.04
N SER H 80 -2.58 9.04 11.79
CA SER H 80 -2.33 8.49 10.47
C SER H 80 -3.22 9.15 9.43
N LEU H 81 -4.49 9.37 9.76
CA LEU H 81 -5.41 9.93 8.78
C LEU H 81 -5.10 11.40 8.51
N TRP H 82 -4.82 12.16 9.57
CA TRP H 82 -4.55 13.59 9.39
C TRP H 82 -3.33 13.80 8.52
N ASP H 83 -2.28 12.99 8.71
CA ASP H 83 -1.10 13.07 7.86
C ASP H 83 -1.44 12.68 6.42
N GLN H 84 -2.27 11.65 6.24
CA GLN H 84 -2.56 11.16 4.90
C GLN H 84 -3.26 12.21 4.05
N SER H 85 -3.99 13.13 4.68
CA SER H 85 -4.73 14.13 3.92
C SER H 85 -3.86 15.30 3.48
N LEU H 86 -2.60 15.35 3.90
CA LEU H 86 -1.71 16.45 3.54
C LEU H 86 -0.72 16.08 2.44
N LYS H 87 -0.62 14.81 2.08
CA LYS H 87 0.32 14.41 1.03
C LYS H 87 0.04 15.12 -0.29
N PRO H 88 -1.21 15.15 -0.80
CA PRO H 88 -1.45 15.80 -2.10
C PRO H 88 -1.28 17.31 -2.09
N CYS H 89 -1.16 17.94 -0.92
CA CYS H 89 -1.07 19.38 -0.85
C CYS H 89 0.32 19.85 -1.25
N VAL H 90 0.49 21.17 -1.34
CA VAL H 90 1.69 21.79 -1.87
C VAL H 90 2.57 22.24 -0.71
N LYS H 91 3.89 22.08 -0.89
CA LYS H 91 4.85 22.52 0.12
C LYS H 91 4.98 24.05 0.09
N LEU H 92 5.42 24.60 1.22
CA LEU H 92 5.67 26.03 1.36
C LEU H 92 7.15 26.38 1.27
N THR H 93 8.01 25.43 0.85
CA THR H 93 9.44 25.72 0.77
C THR H 93 9.76 26.94 -0.08
N PRO H 94 9.14 27.17 -1.25
CA PRO H 94 9.50 28.36 -2.03
C PRO H 94 9.16 29.67 -1.35
N LEU H 95 8.30 29.66 -0.33
CA LEU H 95 7.85 30.88 0.31
C LEU H 95 8.83 31.39 1.37
N CYS H 96 9.79 30.57 1.80
CA CYS H 96 10.75 30.98 2.83
C CYS H 96 11.74 31.96 2.23
N VAL H 97 11.33 33.23 2.17
CA VAL H 97 12.14 34.29 1.61
C VAL H 97 12.13 35.48 2.56
N THR H 98 13.19 36.28 2.50
CA THR H 98 13.28 37.49 3.30
C THR H 98 12.14 38.44 2.93
N LEU H 99 11.50 39.01 3.94
CA LEU H 99 10.34 39.87 3.75
C LEU H 99 10.65 41.30 4.17
N GLN H 100 10.05 42.25 3.47
CA GLN H 100 10.10 43.67 3.82
C GLN H 100 8.72 44.06 4.30
N CYS H 101 8.58 44.25 5.62
CA CYS H 101 7.27 44.46 6.24
C CYS H 101 7.25 45.77 7.00
N THR H 102 6.02 46.24 7.25
CA THR H 102 5.79 47.47 8.01
C THR H 102 4.40 47.40 8.60
N ASN H 103 4.14 48.26 9.58
CA ASN H 103 2.85 48.30 10.23
C ASN H 103 1.77 48.69 9.24
N VAL H 104 0.55 48.20 9.47
CA VAL H 104 -0.62 48.55 8.68
C VAL H 104 -1.55 49.38 9.56
N THR H 105 -1.92 50.57 9.09
CA THR H 105 -2.77 51.49 9.84
C THR H 105 -3.85 52.03 8.91
N ASN H 106 -4.94 51.29 8.76
CA ASN H 106 -6.16 51.80 8.15
C ASN H 106 -7.16 52.15 9.25
N ASN H 107 -6.88 53.28 9.91
CA ASN H 107 -7.56 53.70 11.13
C ASN H 107 -7.83 52.50 12.04
N ILE H 108 -6.76 51.77 12.35
CA ILE H 108 -6.86 50.57 13.17
C ILE H 108 -7.34 50.93 14.56
N THR H 109 -8.09 50.02 15.17
CA THR H 109 -8.58 50.24 16.52
C THR H 109 -7.43 50.20 17.53
N ASP H 110 -7.64 50.88 18.66
CA ASP H 110 -6.62 50.95 19.69
C ASP H 110 -6.41 49.61 20.40
N ASP H 111 -7.32 48.65 20.21
CA ASP H 111 -7.19 47.36 20.89
C ASP H 111 -5.91 46.66 20.48
N MET H 112 -5.60 46.65 19.19
CA MET H 112 -4.41 45.98 18.67
C MET H 112 -3.66 46.94 17.76
N ARG H 113 -2.33 47.01 17.95
CA ARG H 113 -1.47 47.83 17.12
C ARG H 113 -0.49 46.97 16.32
N GLY H 114 0.32 46.17 17.00
CA GLY H 114 1.27 45.30 16.33
C GLY H 114 0.74 43.90 16.11
N GLU H 115 -0.43 43.79 15.47
CA GLU H 115 -1.07 42.50 15.21
C GLU H 115 -1.01 42.08 13.75
N LEU H 116 -1.24 43.01 12.82
CA LEU H 116 -1.18 42.73 11.39
C LEU H 116 0.01 43.44 10.80
N LYS H 117 0.85 42.68 10.08
CA LYS H 117 2.04 43.21 9.44
C LYS H 117 1.87 43.11 7.93
N ASN H 118 2.22 44.19 7.23
CA ASN H 118 2.07 44.29 5.77
C ASN H 118 3.40 43.93 5.13
N CYS H 119 3.55 42.67 4.74
CA CYS H 119 4.80 42.15 4.21
C CYS H 119 4.77 42.10 2.69
N SER H 120 5.92 42.36 2.08
CA SER H 120 6.09 42.27 0.64
C SER H 120 7.39 41.53 0.34
N PHE H 121 7.34 40.62 -0.63
CA PHE H 121 8.49 39.78 -0.94
C PHE H 121 8.48 39.42 -2.41
N ASN H 122 9.66 39.11 -2.94
CA ASN H 122 9.79 38.64 -4.30
C ASN H 122 9.41 37.16 -4.38
N MET H 123 8.91 36.75 -5.55
CA MET H 123 8.48 35.38 -5.74
C MET H 123 8.69 34.97 -7.18
N THR H 124 8.70 33.66 -7.42
CA THR H 124 8.88 33.10 -8.75
C THR H 124 7.51 32.88 -9.38
N THR H 125 7.29 33.51 -10.53
CA THR H 125 6.05 33.34 -11.26
C THR H 125 6.05 31.97 -11.93
N GLU H 126 5.03 31.71 -12.76
CA GLU H 126 4.95 30.42 -13.44
C GLU H 126 6.17 30.21 -14.34
N LEU H 127 6.62 31.26 -15.01
CA LEU H 127 7.86 31.20 -15.77
C LEU H 127 9.04 31.30 -14.81
N ARG H 128 9.99 30.37 -14.93
CA ARG H 128 11.10 30.31 -13.98
C ARG H 128 12.02 31.53 -14.10
N ASP H 129 12.08 32.14 -15.28
CA ASP H 129 13.01 33.24 -15.48
C ASP H 129 12.56 34.49 -14.72
N LYS H 130 11.28 34.84 -14.83
CA LYS H 130 10.81 36.11 -14.30
C LYS H 130 10.48 35.99 -12.81
N LYS H 131 10.35 37.14 -12.17
CA LYS H 131 9.99 37.24 -10.76
C LYS H 131 9.00 38.38 -10.59
N GLN H 132 8.20 38.30 -9.52
CA GLN H 132 7.18 39.28 -9.23
C GLN H 132 7.29 39.73 -7.78
N LYS H 133 6.91 40.98 -7.53
CA LYS H 133 6.95 41.59 -6.20
C LYS H 133 5.53 41.63 -5.66
N VAL H 134 5.12 40.54 -5.01
CA VAL H 134 3.78 40.44 -4.45
C VAL H 134 3.83 40.80 -2.97
N TYR H 135 2.67 41.13 -2.41
CA TYR H 135 2.56 41.53 -1.01
C TYR H 135 1.38 40.84 -0.38
N SER H 136 1.44 40.69 0.95
CA SER H 136 0.38 40.07 1.72
C SER H 136 0.50 40.52 3.17
N LEU H 137 -0.56 40.27 3.93
CA LEU H 137 -0.62 40.62 5.34
C LEU H 137 -0.45 39.37 6.19
N PHE H 138 0.46 39.42 7.15
CA PHE H 138 0.75 38.32 8.05
C PHE H 138 0.56 38.75 9.49
N TYR H 139 0.01 37.85 10.31
CA TYR H 139 -0.18 38.15 11.72
C TYR H 139 1.17 38.22 12.43
N ARG H 140 1.20 39.00 13.52
CA ARG H 140 2.46 39.27 14.21
C ARG H 140 3.10 38.00 14.76
N LEU H 141 2.33 36.94 14.99
CA LEU H 141 2.85 35.71 15.55
C LEU H 141 3.49 34.80 14.51
N ASP H 142 3.51 35.21 13.23
CA ASP H 142 4.06 34.39 12.16
C ASP H 142 5.28 35.03 11.51
N VAL H 143 5.91 35.98 12.17
CA VAL H 143 7.07 36.68 11.63
C VAL H 143 8.02 37.01 12.77
N VAL H 144 9.32 36.90 12.50
CA VAL H 144 10.36 37.24 13.46
C VAL H 144 11.35 38.16 12.77
N GLN H 145 12.09 38.91 13.59
CA GLN H 145 13.05 39.88 13.09
C GLN H 145 14.46 39.27 13.06
N ILE H 146 15.18 39.53 11.97
CA ILE H 146 16.54 39.05 11.80
C ILE H 146 17.43 40.24 11.47
N ASN H 147 18.57 40.34 12.14
CA ASN H 147 19.50 41.43 11.92
C ASN H 147 20.91 41.06 12.40
N ASN H 158 14.63 48.84 11.80
CA ASN H 158 14.86 48.00 10.63
C ASN H 158 13.60 47.20 10.31
N LYS H 159 13.57 46.64 9.09
CA LYS H 159 12.40 45.87 8.63
C LYS H 159 12.91 44.76 7.73
N GLU H 160 13.11 43.57 8.31
CA GLU H 160 13.52 42.40 7.55
C GLU H 160 13.05 41.18 8.32
N TYR H 161 11.90 40.62 7.91
CA TYR H 161 11.26 39.54 8.62
C TYR H 161 11.24 38.27 7.78
N ARG H 162 11.15 37.14 8.47
CA ARG H 162 10.98 35.84 7.85
C ARG H 162 9.91 35.08 8.62
N LEU H 163 9.29 34.10 7.96
CA LEU H 163 8.30 33.28 8.64
C LEU H 163 8.95 32.57 9.83
N ILE H 164 8.22 32.52 10.94
CA ILE H 164 8.78 32.02 12.19
C ILE H 164 9.22 30.57 12.08
N ASN H 165 8.66 29.81 11.14
CA ASN H 165 8.93 28.39 11.00
C ASN H 165 9.55 28.06 9.65
N CYS H 166 10.52 28.88 9.24
CA CYS H 166 11.31 28.61 8.04
C CYS H 166 12.75 28.23 8.35
N ASN H 167 13.10 28.08 9.63
CA ASN H 167 14.42 27.61 10.02
C ASN H 167 14.38 26.35 10.87
N THR H 168 13.19 25.78 11.10
CA THR H 168 13.02 24.54 11.83
C THR H 168 12.53 23.41 10.94
N SER H 169 11.43 23.62 10.22
CA SER H 169 10.91 22.61 9.30
C SER H 169 9.85 23.19 8.38
N ALA H 170 9.99 22.98 7.07
CA ALA H 170 8.95 23.36 6.14
C ALA H 170 7.75 22.43 6.29
N CYS H 171 6.59 22.92 5.86
CA CYS H 171 5.36 22.18 6.01
C CYS H 171 4.36 22.58 4.94
N THR H 172 3.33 21.76 4.79
CA THR H 172 2.42 21.83 3.65
C THR H 172 1.28 22.80 3.91
N GLN H 173 0.75 23.36 2.82
CA GLN H 173 -0.48 24.12 2.88
C GLN H 173 -1.67 23.19 3.10
N ALA H 174 -2.70 23.73 3.72
CA ALA H 174 -3.96 22.99 3.86
C ALA H 174 -4.72 23.06 2.55
N CYS H 175 -5.02 21.90 1.98
CA CYS H 175 -5.69 21.86 0.70
C CYS H 175 -7.07 22.52 0.82
N PRO H 176 -7.44 23.44 -0.07
CA PRO H 176 -8.78 24.02 0.02
C PRO H 176 -9.89 23.00 -0.11
N LYS H 177 -9.64 21.91 -0.84
CA LYS H 177 -10.69 20.91 -1.05
C LYS H 177 -11.13 20.28 0.27
N VAL H 178 -10.18 19.94 1.14
CA VAL H 178 -10.50 19.29 2.40
C VAL H 178 -11.00 20.33 3.39
N SER H 179 -11.80 19.87 4.36
CA SER H 179 -12.38 20.72 5.39
C SER H 179 -11.95 20.23 6.76
N PHE H 180 -12.05 21.12 7.75
CA PHE H 180 -11.65 20.82 9.11
C PHE H 180 -12.81 20.58 10.06
N GLU H 181 -14.05 20.84 9.63
CA GLU H 181 -15.18 20.67 10.52
C GLU H 181 -15.31 19.19 10.92
N PRO H 182 -15.75 18.91 12.15
CA PRO H 182 -15.80 17.51 12.61
C PRO H 182 -17.05 16.80 12.13
N ILE H 183 -16.87 15.69 11.45
CA ILE H 183 -17.95 14.83 11.00
C ILE H 183 -18.10 13.68 12.01
N PRO H 184 -19.32 13.37 12.47
CA PRO H 184 -19.45 12.28 13.43
C PRO H 184 -18.93 10.97 12.86
N ILE H 185 -18.28 10.18 13.72
CA ILE H 185 -17.72 8.89 13.35
C ILE H 185 -18.22 7.86 14.35
N HIS H 186 -18.87 6.82 13.86
CA HIS H 186 -19.28 5.69 14.70
C HIS H 186 -18.22 4.59 14.61
N TYR H 187 -18.04 3.88 15.72
CA TYR H 187 -17.08 2.79 15.81
C TYR H 187 -17.82 1.48 16.01
N CYS H 188 -17.51 0.50 15.16
CA CYS H 188 -18.13 -0.82 15.21
C CYS H 188 -17.05 -1.89 15.20
N ALA H 189 -17.22 -2.89 16.05
CA ALA H 189 -16.26 -3.98 16.14
C ALA H 189 -16.42 -4.93 14.96
N PRO H 190 -15.37 -5.68 14.62
CA PRO H 190 -15.46 -6.63 13.51
C PRO H 190 -16.17 -7.90 13.96
N ALA H 191 -16.37 -8.80 13.00
CA ALA H 191 -17.04 -10.06 13.30
C ALA H 191 -16.29 -10.83 14.37
N GLY H 192 -17.04 -11.39 15.32
CA GLY H 192 -16.47 -12.13 16.42
C GLY H 192 -16.26 -11.32 17.68
N PHE H 193 -16.28 -10.00 17.58
CA PHE H 193 -16.13 -9.11 18.73
C PHE H 193 -17.46 -8.43 19.04
N ALA H 194 -17.49 -7.75 20.19
CA ALA H 194 -18.67 -7.01 20.61
C ALA H 194 -18.22 -5.80 21.42
N ILE H 195 -19.06 -4.78 21.43
CA ILE H 195 -18.80 -3.54 22.16
C ILE H 195 -19.87 -3.37 23.21
N LEU H 196 -19.46 -3.31 24.48
CA LEU H 196 -20.39 -3.07 25.57
C LEU H 196 -20.65 -1.57 25.69
N LYS H 197 -21.54 -1.22 26.61
CA LYS H 197 -21.87 0.19 26.83
C LYS H 197 -22.50 0.32 28.21
N CYS H 198 -21.83 1.04 29.11
CA CYS H 198 -22.40 1.30 30.42
C CYS H 198 -23.57 2.27 30.30
N LYS H 199 -24.48 2.20 31.27
CA LYS H 199 -25.67 3.04 31.26
C LYS H 199 -26.04 3.61 32.62
N ASP H 200 -25.24 3.37 33.66
CA ASP H 200 -25.56 3.91 34.97
C ASP H 200 -25.37 5.42 34.98
N LYS H 201 -26.39 6.13 35.45
CA LYS H 201 -26.31 7.58 35.49
C LYS H 201 -25.21 8.05 36.45
N LYS H 202 -25.12 7.42 37.61
CA LYS H 202 -24.09 7.75 38.61
C LYS H 202 -22.83 6.91 38.40
N PHE H 203 -22.32 6.93 37.17
CA PHE H 203 -21.12 6.19 36.80
C PHE H 203 -19.92 7.14 36.89
N ASN H 204 -19.08 6.93 37.90
CA ASN H 204 -17.94 7.80 38.16
C ASN H 204 -16.69 7.38 37.40
N GLY H 205 -16.83 6.54 36.38
CA GLY H 205 -15.71 6.21 35.51
C GLY H 205 -15.14 4.84 35.73
N THR H 206 -15.03 4.41 36.99
CA THR H 206 -14.43 3.11 37.33
C THR H 206 -15.35 2.37 38.28
N GLY H 207 -15.36 1.05 38.15
CA GLY H 207 -16.17 0.19 38.98
C GLY H 207 -17.21 -0.56 38.18
N PRO H 208 -17.94 -1.46 38.84
CA PRO H 208 -18.95 -2.23 38.13
C PRO H 208 -20.10 -1.35 37.65
N CYS H 209 -20.55 -1.59 36.42
CA CYS H 209 -21.70 -0.90 35.86
C CYS H 209 -22.87 -1.88 35.82
N PRO H 210 -23.90 -1.70 36.63
CA PRO H 210 -24.94 -2.74 36.70
C PRO H 210 -25.69 -2.93 35.38
N SER H 211 -26.27 -1.86 34.83
CA SER H 211 -27.12 -1.96 33.65
C SER H 211 -26.32 -1.86 32.35
N VAL H 212 -25.30 -2.69 32.21
CA VAL H 212 -24.49 -2.70 30.99
C VAL H 212 -25.33 -3.25 29.84
N SER H 213 -25.14 -2.68 28.66
CA SER H 213 -25.84 -3.13 27.46
C SER H 213 -24.85 -3.18 26.31
N THR H 214 -25.13 -4.04 25.33
CA THR H 214 -24.27 -4.23 24.18
C THR H 214 -24.83 -3.51 22.97
N VAL H 215 -23.95 -3.28 22.00
CA VAL H 215 -24.32 -2.62 20.74
C VAL H 215 -23.21 -2.86 19.74
N GLN H 216 -23.61 -3.05 18.48
CA GLN H 216 -22.64 -3.31 17.42
C GLN H 216 -21.91 -2.05 16.97
N CYS H 217 -22.48 -0.87 17.22
CA CYS H 217 -21.87 0.38 16.79
C CYS H 217 -22.09 1.45 17.85
N THR H 218 -21.05 2.25 18.08
CA THR H 218 -21.15 3.35 19.03
C THR H 218 -22.00 4.48 18.45
N HIS H 219 -22.54 5.31 19.34
CA HIS H 219 -23.34 6.44 18.91
C HIS H 219 -22.47 7.48 18.20
N GLY H 220 -23.10 8.56 17.77
CA GLY H 220 -22.39 9.61 17.06
C GLY H 220 -21.26 10.21 17.89
N ILE H 221 -20.03 9.89 17.51
CA ILE H 221 -18.83 10.39 18.18
C ILE H 221 -18.16 11.38 17.23
N LYS H 222 -18.04 12.63 17.67
CA LYS H 222 -17.43 13.70 16.87
C LYS H 222 -16.17 14.17 17.58
N PRO H 223 -15.00 13.64 17.23
CA PRO H 223 -13.76 14.17 17.81
C PRO H 223 -13.58 15.64 17.46
N VAL H 224 -13.02 16.38 18.41
CA VAL H 224 -12.81 17.82 18.26
C VAL H 224 -11.42 18.16 18.81
N VAL H 225 -10.72 19.04 18.11
CA VAL H 225 -9.37 19.45 18.50
C VAL H 225 -9.52 20.68 19.37
N SER H 226 -9.59 20.47 20.68
CA SER H 226 -9.63 21.55 21.65
C SER H 226 -8.76 21.16 22.84
N THR H 227 -8.17 22.18 23.47
CA THR H 227 -7.27 21.94 24.60
C THR H 227 -8.04 21.92 25.92
N GLN H 228 -8.68 23.03 26.26
CA GLN H 228 -9.51 23.13 27.44
C GLN H 228 -10.87 23.66 27.04
N LEU H 229 -11.86 23.42 27.89
CA LEU H 229 -13.26 23.73 27.57
C LEU H 229 -13.67 23.01 26.27
N LEU H 230 -13.53 21.69 26.31
CA LEU H 230 -13.83 20.88 25.12
C LEU H 230 -15.24 21.13 24.65
N LEU H 231 -15.40 21.32 23.34
CA LEU H 231 -16.64 21.80 22.75
C LEU H 231 -17.40 20.66 22.09
N ASN H 232 -18.72 20.82 22.03
CA ASN H 232 -19.60 19.89 21.32
C ASN H 232 -19.45 18.46 21.85
N GLY H 233 -19.32 18.33 23.17
CA GLY H 233 -19.25 17.02 23.78
C GLY H 233 -20.61 16.48 24.16
N SER H 234 -20.65 15.19 24.45
CA SER H 234 -21.89 14.56 24.88
C SER H 234 -22.20 14.97 26.31
N LEU H 235 -23.43 15.43 26.55
CA LEU H 235 -23.83 15.92 27.85
C LEU H 235 -24.02 14.78 28.83
N ALA H 236 -24.11 15.13 30.11
CA ALA H 236 -24.42 14.16 31.15
C ALA H 236 -25.93 13.91 31.17
N GLU H 237 -26.42 13.21 32.19
CA GLU H 237 -27.84 12.86 32.28
C GLU H 237 -28.53 13.54 33.45
N GLU H 238 -28.00 13.40 34.67
CA GLU H 238 -28.67 13.92 35.86
C GLU H 238 -27.82 14.95 36.61
N GLU H 239 -26.55 14.67 36.85
CA GLU H 239 -25.72 15.51 37.68
C GLU H 239 -24.37 15.75 37.01
N VAL H 240 -23.74 16.86 37.38
CA VAL H 240 -22.40 17.17 36.90
C VAL H 240 -21.41 16.21 37.55
N MET H 241 -20.77 15.38 36.73
CA MET H 241 -19.88 14.34 37.22
C MET H 241 -18.43 14.81 37.17
N ILE H 242 -17.63 14.29 38.09
CA ILE H 242 -16.20 14.58 38.17
C ILE H 242 -15.48 13.26 37.97
N ARG H 243 -14.94 13.06 36.78
CA ARG H 243 -14.27 11.81 36.41
C ARG H 243 -12.77 12.03 36.52
N SER H 244 -12.12 11.24 37.37
CA SER H 244 -10.68 11.32 37.59
C SER H 244 -10.10 9.92 37.66
N GLU H 245 -8.80 9.84 37.92
CA GLU H 245 -8.10 8.58 38.07
C GLU H 245 -7.62 8.37 39.51
N ASN H 246 -6.84 9.31 40.04
CA ASN H 246 -6.41 9.30 41.44
C ASN H 246 -6.60 10.73 41.95
N ILE H 247 -7.80 11.02 42.45
CA ILE H 247 -8.11 12.40 42.85
C ILE H 247 -7.20 12.85 43.97
N THR H 248 -6.71 11.93 44.79
CA THR H 248 -5.74 12.30 45.82
C THR H 248 -4.49 12.87 45.20
N ASN H 249 -4.00 12.25 44.13
CA ASN H 249 -2.87 12.79 43.39
C ASN H 249 -3.32 13.98 42.54
N ASN H 250 -2.48 15.01 42.50
CA ASN H 250 -2.79 16.22 41.74
C ASN H 250 -2.18 16.23 40.35
N ALA H 251 -1.32 15.26 40.03
CA ALA H 251 -0.72 15.21 38.70
C ALA H 251 -1.67 14.71 37.63
N LYS H 252 -2.83 14.17 38.01
CA LYS H 252 -3.80 13.63 37.07
C LYS H 252 -4.90 14.66 36.82
N ASN H 253 -5.31 14.78 35.55
CA ASN H 253 -6.32 15.74 35.18
C ASN H 253 -7.67 15.35 35.80
N ILE H 254 -8.61 16.29 35.73
CA ILE H 254 -9.96 16.11 36.23
C ILE H 254 -10.91 16.54 35.12
N LEU H 255 -11.58 15.58 34.48
CA LEU H 255 -12.44 15.85 33.34
C LEU H 255 -13.85 16.13 33.85
N VAL H 256 -14.14 17.39 34.14
CA VAL H 256 -15.46 17.78 34.59
C VAL H 256 -16.41 17.81 33.40
N GLN H 257 -17.55 17.14 33.54
CA GLN H 257 -18.59 17.11 32.53
C GLN H 257 -19.91 17.47 33.18
N PHE H 258 -20.61 18.46 32.64
CA PHE H 258 -21.87 18.93 33.18
C PHE H 258 -22.99 18.73 32.17
N ASN H 259 -24.21 18.63 32.69
CA ASN H 259 -25.35 18.27 31.85
C ASN H 259 -25.78 19.45 30.98
N THR H 260 -26.13 20.58 31.60
CA THR H 260 -26.62 21.72 30.84
C THR H 260 -25.46 22.41 30.14
N PRO H 261 -25.49 22.57 28.81
CA PRO H 261 -24.39 23.25 28.13
C PRO H 261 -24.57 24.77 28.14
N VAL H 262 -23.44 25.46 28.19
CA VAL H 262 -23.41 26.92 28.11
C VAL H 262 -22.96 27.30 26.71
N GLN H 263 -23.75 28.14 26.04
CA GLN H 263 -23.47 28.51 24.66
C GLN H 263 -22.37 29.56 24.60
N ILE H 264 -21.45 29.39 23.65
CA ILE H 264 -20.35 30.31 23.43
C ILE H 264 -20.39 30.75 21.97
N ASN H 265 -20.32 32.06 21.75
CA ASN H 265 -20.31 32.64 20.41
C ASN H 265 -18.94 33.26 20.16
N CYS H 266 -18.30 32.85 19.07
CA CYS H 266 -16.99 33.35 18.68
C CYS H 266 -17.05 33.84 17.25
N THR H 267 -16.41 34.99 17.01
CA THR H 267 -16.50 35.64 15.71
C THR H 267 -15.18 36.32 15.38
N ARG H 268 -14.98 36.57 14.09
CA ARG H 268 -13.83 37.31 13.58
C ARG H 268 -14.37 38.45 12.72
N PRO H 269 -14.64 39.61 13.32
CA PRO H 269 -15.32 40.69 12.56
C PRO H 269 -14.53 41.19 11.37
N ASN H 270 -13.22 40.97 11.32
CA ASN H 270 -12.42 41.43 10.19
C ASN H 270 -12.95 40.85 8.88
N ASN H 271 -13.09 41.69 7.87
CA ASN H 271 -13.57 41.26 6.56
C ASN H 271 -12.39 40.86 5.68
N ASN H 272 -11.83 39.69 5.99
CA ASN H 272 -10.69 39.19 5.24
C ASN H 272 -11.07 38.86 3.80
N THR H 273 -10.12 39.07 2.89
CA THR H 273 -10.29 38.75 1.48
C THR H 273 -9.13 37.89 1.02
N ARG H 274 -9.43 36.86 0.25
CA ARG H 274 -8.43 35.92 -0.21
C ARG H 274 -7.84 36.35 -1.56
N LYS H 275 -6.53 36.24 -1.68
CA LYS H 275 -5.82 36.54 -2.92
C LYS H 275 -4.99 35.33 -3.32
N SER H 276 -5.02 34.99 -4.61
CA SER H 276 -4.34 33.82 -5.14
C SER H 276 -3.01 34.22 -5.76
N ILE H 277 -1.94 33.54 -5.36
CA ILE H 277 -0.61 33.76 -5.90
C ILE H 277 -0.10 32.44 -6.44
N ARG H 278 0.43 32.45 -7.66
CA ARG H 278 0.89 31.24 -8.33
C ARG H 278 2.32 30.96 -7.90
N ILE H 279 2.52 29.92 -7.09
CA ILE H 279 3.87 29.53 -6.69
C ILE H 279 4.66 29.08 -7.91
N GLY H 280 4.08 28.18 -8.69
CA GLY H 280 4.71 27.66 -9.87
C GLY H 280 3.69 27.16 -10.87
N PRO H 281 4.07 26.24 -11.75
CA PRO H 281 3.09 25.66 -12.68
C PRO H 281 2.11 24.75 -11.98
N GLY H 282 0.87 25.20 -11.84
CA GLY H 282 -0.17 24.42 -11.20
C GLY H 282 -0.16 24.47 -9.69
N GLN H 283 0.78 25.19 -9.08
CA GLN H 283 0.86 25.32 -7.63
C GLN H 283 0.39 26.72 -7.25
N ALA H 284 -0.68 26.79 -6.46
CA ALA H 284 -1.28 28.05 -6.05
C ALA H 284 -1.12 28.24 -4.56
N PHE H 285 -0.88 29.49 -4.15
CA PHE H 285 -0.72 29.85 -2.75
C PHE H 285 -1.64 31.01 -2.44
N TYR H 286 -2.43 30.88 -1.38
CA TYR H 286 -3.40 31.89 -0.99
C TYR H 286 -2.87 32.71 0.18
N ALA H 287 -3.14 34.00 0.16
CA ALA H 287 -2.65 34.89 1.21
C ALA H 287 -3.68 36.00 1.42
N THR H 288 -3.61 36.63 2.60
CA THR H 288 -4.54 37.70 2.92
C THR H 288 -4.34 38.88 1.99
N GLY H 289 -5.44 39.43 1.50
CA GLY H 289 -5.39 40.59 0.62
C GLY H 289 -5.49 41.89 1.38
N ASP H 290 -6.50 42.69 1.07
CA ASP H 290 -6.74 43.98 1.72
C ASP H 290 -7.91 43.84 2.66
N ILE H 291 -7.73 44.31 3.90
CA ILE H 291 -8.79 44.26 4.90
C ILE H 291 -9.78 45.38 4.61
N ILE H 292 -11.04 45.03 4.39
CA ILE H 292 -12.08 45.98 4.05
C ILE H 292 -12.81 46.38 5.33
N GLY H 293 -12.91 47.69 5.56
CA GLY H 293 -13.53 48.20 6.77
C GLY H 293 -12.56 48.27 7.92
N ASP H 294 -13.09 48.68 9.07
CA ASP H 294 -12.28 48.81 10.27
C ASP H 294 -11.86 47.43 10.78
N ILE H 295 -10.78 47.42 11.55
CA ILE H 295 -10.23 46.20 12.12
C ILE H 295 -10.67 46.10 13.57
N ARG H 296 -11.29 44.98 13.92
CA ARG H 296 -11.78 44.73 15.27
C ARG H 296 -11.26 43.38 15.76
N GLN H 297 -10.85 43.35 17.02
CA GLN H 297 -10.25 42.15 17.58
C GLN H 297 -11.27 41.02 17.65
N ALA H 298 -10.84 39.82 17.26
CA ALA H 298 -11.69 38.64 17.39
C ALA H 298 -11.88 38.30 18.86
N HIS H 299 -13.12 38.04 19.26
CA HIS H 299 -13.46 37.81 20.65
C HIS H 299 -14.52 36.72 20.73
N CYS H 300 -14.90 36.39 21.96
CA CYS H 300 -15.93 35.39 22.22
C CYS H 300 -16.81 35.87 23.37
N ASN H 301 -18.01 35.31 23.45
CA ASN H 301 -18.98 35.69 24.46
C ASN H 301 -19.61 34.44 25.07
N VAL H 302 -19.78 34.47 26.39
CA VAL H 302 -20.50 33.43 27.12
C VAL H 302 -21.41 34.11 28.13
N SER H 303 -22.63 33.59 28.27
CA SER H 303 -23.62 34.24 29.12
C SER H 303 -23.11 34.34 30.55
N LYS H 304 -23.22 35.54 31.13
CA LYS H 304 -22.74 35.76 32.50
C LYS H 304 -23.55 34.94 33.50
N ALA H 305 -24.88 34.93 33.36
CA ALA H 305 -25.71 34.27 34.35
C ALA H 305 -25.50 32.76 34.35
N THR H 306 -25.58 32.14 33.16
CA THR H 306 -25.48 30.69 33.09
C THR H 306 -24.10 30.21 33.55
N TRP H 307 -23.04 30.91 33.15
CA TRP H 307 -21.70 30.46 33.51
C TRP H 307 -21.51 30.44 35.02
N ASN H 308 -21.95 31.49 35.70
CA ASN H 308 -21.82 31.51 37.15
C ASN H 308 -22.61 30.38 37.79
N GLU H 309 -23.82 30.11 37.28
CA GLU H 309 -24.59 28.98 37.77
C GLU H 309 -23.87 27.67 37.47
N THR H 310 -23.28 27.54 36.29
CA THR H 310 -22.60 26.29 35.93
C THR H 310 -21.45 26.01 36.87
N LEU H 311 -20.65 27.02 37.20
CA LEU H 311 -19.59 26.83 38.19
C LEU H 311 -20.16 26.46 39.55
N GLY H 312 -21.36 26.96 39.87
CA GLY H 312 -21.98 26.60 41.13
C GLY H 312 -22.22 25.11 41.24
N LYS H 313 -22.72 24.50 40.17
CA LYS H 313 -22.91 23.04 40.18
C LYS H 313 -21.58 22.32 40.35
N VAL H 314 -20.54 22.76 39.63
CA VAL H 314 -19.25 22.08 39.68
C VAL H 314 -18.68 22.15 41.09
N VAL H 315 -18.74 23.34 41.72
CA VAL H 315 -18.19 23.48 43.06
C VAL H 315 -18.95 22.60 44.04
N LYS H 316 -20.28 22.59 43.95
CA LYS H 316 -21.07 21.75 44.84
C LYS H 316 -20.74 20.28 44.65
N GLN H 317 -20.61 19.84 43.40
CA GLN H 317 -20.33 18.44 43.12
C GLN H 317 -18.88 18.07 43.42
N LEU H 318 -18.00 19.07 43.56
CA LEU H 318 -16.60 18.81 43.87
C LEU H 318 -16.31 18.73 45.35
N ARG H 319 -17.22 19.24 46.20
CA ARG H 319 -17.00 19.17 47.64
C ARG H 319 -17.17 17.77 48.19
N LYS H 320 -17.86 16.89 47.47
CA LYS H 320 -18.05 15.52 47.95
C LYS H 320 -16.74 14.77 48.10
N HIS H 321 -15.67 15.25 47.46
CA HIS H 321 -14.36 14.59 47.54
C HIS H 321 -13.39 15.30 48.47
N PHE H 322 -13.57 16.61 48.71
CA PHE H 322 -12.66 17.39 49.53
C PHE H 322 -13.37 18.00 50.74
N GLY H 323 -14.39 17.33 51.25
CA GLY H 323 -15.11 17.81 52.41
C GLY H 323 -16.03 18.96 52.08
N ASN H 324 -16.67 19.49 53.13
CA ASN H 324 -17.64 20.57 52.99
C ASN H 324 -17.07 21.93 53.40
N ASN H 325 -16.21 21.97 54.41
CA ASN H 325 -15.60 23.22 54.86
C ASN H 325 -14.26 23.44 54.16
N THR H 326 -14.33 23.57 52.84
CA THR H 326 -13.17 23.79 51.99
C THR H 326 -13.43 25.00 51.10
N ILE H 327 -12.52 25.96 51.12
CA ILE H 327 -12.65 27.19 50.33
C ILE H 327 -12.15 26.88 48.93
N ILE H 328 -13.07 26.57 48.02
CA ILE H 328 -12.74 26.27 46.64
C ILE H 328 -12.71 27.57 45.86
N ARG H 329 -11.57 27.83 45.20
CA ARG H 329 -11.41 29.03 44.39
C ARG H 329 -10.72 28.66 43.09
N PHE H 330 -11.14 29.28 42.00
CA PHE H 330 -10.56 29.05 40.69
C PHE H 330 -9.53 30.11 40.36
N ALA H 331 -8.54 29.72 39.55
CA ALA H 331 -7.50 30.62 39.09
C ALA H 331 -7.32 30.44 37.59
N ASN H 332 -6.80 31.47 36.94
CA ASN H 332 -6.63 31.45 35.50
C ASN H 332 -5.54 30.43 35.12
N SER H 333 -5.27 30.34 33.83
CA SER H 333 -4.40 29.29 33.31
C SER H 333 -3.01 29.38 33.96
N SER H 334 -2.24 28.31 33.78
CA SER H 334 -0.96 28.18 34.47
C SER H 334 0.08 29.13 33.91
N GLY H 335 0.39 28.99 32.62
CA GLY H 335 1.44 29.77 32.01
C GLY H 335 2.48 28.89 31.34
N GLY H 336 2.70 29.10 30.05
CA GLY H 336 3.62 28.27 29.30
C GLY H 336 3.43 28.41 27.80
N ASP H 337 3.33 27.29 27.10
CA ASP H 337 3.11 27.32 25.67
C ASP H 337 1.81 28.02 25.34
N LEU H 338 1.79 28.76 24.23
CA LEU H 338 0.64 29.57 23.87
C LEU H 338 -0.61 28.72 23.68
N GLU H 339 -0.47 27.43 23.38
CA GLU H 339 -1.61 26.56 23.13
C GLU H 339 -2.12 25.90 24.40
N VAL H 340 -1.54 26.20 25.57
CA VAL H 340 -2.00 25.64 26.83
C VAL H 340 -2.46 26.77 27.75
N THR H 341 -1.89 27.96 27.57
CA THR H 341 -2.36 29.12 28.33
C THR H 341 -3.79 29.48 27.93
N THR H 342 -3.98 29.80 26.65
CA THR H 342 -5.30 30.00 26.10
C THR H 342 -5.91 28.63 25.77
N HIS H 343 -7.03 28.62 25.05
CA HIS H 343 -7.59 27.39 24.52
C HIS H 343 -7.78 27.56 23.03
N SER H 344 -7.24 26.61 22.26
CA SER H 344 -7.25 26.68 20.81
C SER H 344 -8.35 25.77 20.26
N PHE H 345 -9.30 26.37 19.55
CA PHE H 345 -10.40 25.64 18.95
C PHE H 345 -10.55 26.05 17.51
N ASN H 346 -10.76 25.06 16.63
CA ASN H 346 -10.96 25.33 15.23
C ASN H 346 -12.37 25.85 15.00
N CYS H 347 -12.50 26.81 14.09
CA CYS H 347 -13.80 27.40 13.79
C CYS H 347 -13.79 27.88 12.34
N GLY H 348 -14.51 27.17 11.47
CA GLY H 348 -14.62 27.59 10.08
C GLY H 348 -13.31 27.61 9.35
N GLY H 349 -12.42 26.66 9.63
CA GLY H 349 -11.16 26.55 8.92
C GLY H 349 -10.05 27.44 9.43
N GLU H 350 -10.29 28.23 10.47
CA GLU H 350 -9.26 29.10 11.04
C GLU H 350 -9.10 28.77 12.52
N PHE H 351 -7.85 28.72 12.98
CA PHE H 351 -7.53 28.34 14.34
C PHE H 351 -7.48 29.56 15.24
N PHE H 352 -8.17 29.49 16.38
CA PHE H 352 -8.26 30.58 17.32
C PHE H 352 -7.35 30.34 18.52
N TYR H 353 -7.16 31.40 19.31
CA TYR H 353 -6.43 31.30 20.58
C TYR H 353 -7.05 32.35 21.51
N CYS H 354 -7.96 31.91 22.37
CA CYS H 354 -8.81 32.81 23.13
C CYS H 354 -8.37 32.85 24.59
N ASN H 355 -8.05 34.04 25.07
CA ASN H 355 -7.71 34.24 26.47
C ASN H 355 -8.90 33.86 27.34
N THR H 356 -8.64 33.08 28.40
CA THR H 356 -9.69 32.57 29.27
C THR H 356 -9.51 33.00 30.72
N SER H 357 -8.73 34.06 30.97
CA SER H 357 -8.53 34.51 32.33
C SER H 357 -9.78 35.13 32.93
N GLY H 358 -10.78 35.47 32.11
CA GLY H 358 -12.00 36.08 32.60
C GLY H 358 -13.01 35.11 33.15
N LEU H 359 -12.82 33.80 32.94
CA LEU H 359 -13.77 32.80 33.41
C LEU H 359 -13.36 32.23 34.77
N PHE H 360 -12.16 31.64 34.84
CA PHE H 360 -11.67 31.00 36.07
C PHE H 360 -11.05 32.06 36.98
N ASN H 361 -11.91 32.90 37.53
CA ASN H 361 -11.48 33.96 38.44
C ASN H 361 -12.61 34.21 39.44
N SER H 362 -12.53 33.55 40.59
CA SER H 362 -13.56 33.65 41.61
C SER H 362 -13.11 32.84 42.82
N THR H 363 -13.89 32.96 43.90
CA THR H 363 -13.67 32.18 45.12
C THR H 363 -15.03 31.85 45.72
N TRP H 364 -15.14 30.65 46.28
CA TRP H 364 -16.40 30.16 46.82
C TRP H 364 -16.21 29.77 48.28
N ILE H 365 -17.12 30.23 49.13
CA ILE H 365 -17.12 29.89 50.55
C ILE H 365 -18.23 28.88 50.80
N SER H 366 -18.06 28.10 51.87
CA SER H 366 -19.00 27.04 52.21
C SER H 366 -20.19 27.52 53.02
N ASN H 367 -20.51 28.82 52.97
CA ASN H 367 -21.65 29.36 53.69
C ASN H 367 -22.94 28.69 53.22
N ASN H 379 -28.33 38.01 31.50
CA ASN H 379 -28.35 39.44 31.23
C ASN H 379 -27.05 39.91 30.61
N ASP H 380 -26.02 40.06 31.44
CA ASP H 380 -24.72 40.49 30.96
C ASP H 380 -24.02 39.33 30.23
N SER H 381 -22.98 39.68 29.48
CA SER H 381 -22.19 38.71 28.73
C SER H 381 -20.72 38.94 29.01
N ILE H 382 -20.01 37.86 29.34
CA ILE H 382 -18.57 37.94 29.58
C ILE H 382 -17.86 38.02 28.24
N THR H 383 -16.99 39.01 28.10
CA THR H 383 -16.22 39.23 26.88
C THR H 383 -14.74 38.93 27.14
N LEU H 384 -14.11 38.21 26.22
CA LEU H 384 -12.71 37.85 26.33
C LEU H 384 -12.03 38.05 24.98
N PRO H 385 -10.75 38.40 24.97
CA PRO H 385 -10.05 38.60 23.69
C PRO H 385 -9.54 37.28 23.13
N CYS H 386 -9.09 37.33 21.88
CA CYS H 386 -8.55 36.16 21.21
C CYS H 386 -7.46 36.59 20.24
N ARG H 387 -6.60 35.65 19.89
CA ARG H 387 -5.56 35.84 18.90
C ARG H 387 -5.64 34.73 17.87
N ILE H 388 -5.14 35.02 16.67
CA ILE H 388 -5.23 34.10 15.53
C ILE H 388 -3.83 33.89 14.97
N LYS H 389 -3.54 32.66 14.58
CA LYS H 389 -2.27 32.30 13.94
C LYS H 389 -2.58 31.59 12.63
N GLN H 390 -2.06 32.12 11.53
CA GLN H 390 -2.29 31.48 10.24
C GLN H 390 -1.64 30.09 10.20
N ILE H 391 -0.43 29.97 10.71
CA ILE H 391 0.27 28.69 10.76
C ILE H 391 0.12 28.12 12.17
N ILE H 392 0.34 26.82 12.28
CA ILE H 392 0.22 26.11 13.55
C ILE H 392 1.26 25.01 13.60
N ASN H 393 1.81 24.79 14.80
CA ASN H 393 2.67 23.62 15.05
C ASN H 393 1.74 22.45 15.33
N MET H 394 1.33 21.78 14.27
CA MET H 394 0.27 20.79 14.35
C MET H 394 0.61 19.71 15.38
N TRP H 395 -0.34 19.43 16.27
CA TRP H 395 -0.09 18.61 17.46
C TRP H 395 0.24 17.16 17.14
N GLN H 396 -0.02 16.72 15.90
CA GLN H 396 0.18 15.31 15.57
C GLN H 396 1.64 14.90 15.77
N ARG H 397 2.56 15.73 15.30
CA ARG H 397 3.99 15.49 15.46
C ARG H 397 4.68 16.80 15.81
N ILE H 398 5.82 16.69 16.50
CA ILE H 398 6.52 17.87 16.98
C ILE H 398 7.02 18.71 15.81
N GLY H 399 7.59 18.06 14.80
CA GLY H 399 8.31 18.80 13.77
C GLY H 399 7.38 19.56 12.83
N GLN H 400 6.57 18.84 12.06
CA GLN H 400 5.82 19.45 10.98
C GLN H 400 4.86 20.52 11.51
N CYS H 401 4.75 21.61 10.76
CA CYS H 401 3.77 22.67 11.00
C CYS H 401 2.63 22.53 9.99
N MET H 402 1.76 23.54 9.94
CA MET H 402 0.72 23.61 8.93
C MET H 402 0.40 25.07 8.65
N TYR H 403 -0.10 25.33 7.44
CA TYR H 403 -0.52 26.66 7.03
C TYR H 403 -2.02 26.65 6.79
N ALA H 404 -2.73 27.61 7.40
CA ALA H 404 -4.17 27.71 7.26
C ALA H 404 -4.50 28.84 6.30
N PRO H 405 -5.03 28.56 5.11
CA PRO H 405 -5.38 29.65 4.21
C PRO H 405 -6.46 30.53 4.82
N PRO H 406 -6.45 31.83 4.50
CA PRO H 406 -7.50 32.71 5.04
C PRO H 406 -8.86 32.37 4.46
N ILE H 407 -9.90 32.80 5.17
CA ILE H 407 -11.28 32.57 4.78
C ILE H 407 -11.94 33.93 4.54
N GLN H 408 -12.65 34.03 3.42
CA GLN H 408 -13.26 35.29 3.03
C GLN H 408 -14.39 35.67 3.98
N GLY H 409 -14.77 36.95 3.93
CA GLY H 409 -15.89 37.42 4.73
C GLY H 409 -15.57 37.45 6.21
N VAL H 410 -16.62 37.24 7.01
CA VAL H 410 -16.52 37.23 8.46
C VAL H 410 -16.88 35.83 8.96
N ILE H 411 -16.02 35.27 9.82
CA ILE H 411 -16.21 33.93 10.35
C ILE H 411 -16.88 34.05 11.71
N ARG H 412 -18.02 33.37 11.87
CA ARG H 412 -18.73 33.31 13.13
C ARG H 412 -19.27 31.89 13.31
N CYS H 413 -19.11 31.35 14.51
CA CYS H 413 -19.56 30.00 14.79
C CYS H 413 -19.97 29.90 16.26
N VAL H 414 -21.12 29.29 16.49
CA VAL H 414 -21.61 29.03 17.84
C VAL H 414 -21.35 27.57 18.17
N SER H 415 -21.23 27.28 19.46
CA SER H 415 -20.88 25.93 19.89
C SER H 415 -21.34 25.71 21.33
N ASN H 416 -21.30 24.45 21.74
CA ASN H 416 -21.70 24.04 23.08
C ASN H 416 -20.45 23.76 23.90
N ILE H 417 -20.34 24.42 25.05
CA ILE H 417 -19.31 24.09 26.03
C ILE H 417 -19.94 23.12 27.03
N THR H 418 -19.47 21.87 27.04
CA THR H 418 -20.10 20.82 27.82
C THR H 418 -19.23 20.31 28.97
N GLY H 419 -17.92 20.54 28.94
CA GLY H 419 -17.06 20.05 29.99
C GLY H 419 -15.85 20.94 30.17
N LEU H 420 -15.06 20.59 31.19
CA LEU H 420 -13.85 21.33 31.50
C LEU H 420 -12.74 20.33 31.83
N ILE H 421 -11.51 20.77 31.67
CA ILE H 421 -10.32 19.98 32.01
C ILE H 421 -9.59 20.76 33.09
N LEU H 422 -9.87 20.43 34.34
CA LEU H 422 -9.30 21.11 35.50
C LEU H 422 -8.09 20.34 36.01
N THR H 423 -7.00 21.05 36.28
CA THR H 423 -5.81 20.49 36.89
C THR H 423 -5.63 21.11 38.27
N ARG H 424 -5.61 20.26 39.29
CA ARG H 424 -5.51 20.76 40.65
C ARG H 424 -4.12 21.31 40.93
N ASP H 425 -4.02 22.15 41.95
CA ASP H 425 -2.77 22.74 42.39
C ASP H 425 -2.24 21.96 43.59
N GLY H 426 -0.99 21.51 43.51
CA GLY H 426 -0.41 20.71 44.56
C GLY H 426 0.03 21.52 45.75
N GLY H 427 -0.93 22.06 46.50
CA GLY H 427 -0.63 22.84 47.69
C GLY H 427 -0.34 21.96 48.90
N SER H 428 -0.08 22.62 50.01
CA SER H 428 0.21 21.92 51.26
C SER H 428 -1.07 21.31 51.83
N THR H 429 -0.89 20.34 52.73
CA THR H 429 -2.03 19.71 53.37
C THR H 429 -2.86 20.72 54.15
N ASN H 430 -2.20 21.60 54.89
CA ASN H 430 -2.89 22.71 55.53
C ASN H 430 -3.28 23.74 54.48
N SER H 431 -3.83 24.86 54.93
CA SER H 431 -4.30 25.92 54.03
C SER H 431 -5.36 25.35 53.07
N THR H 432 -6.50 25.00 53.67
CA THR H 432 -7.55 24.24 53.01
C THR H 432 -8.03 24.86 51.69
N THR H 433 -7.63 26.10 51.41
CA THR H 433 -7.98 26.72 50.13
C THR H 433 -7.35 25.93 48.98
N GLU H 434 -8.18 25.19 48.26
CA GLU H 434 -7.72 24.37 47.13
C GLU H 434 -7.99 25.13 45.85
N THR H 435 -6.93 25.39 45.08
CA THR H 435 -7.03 26.18 43.85
C THR H 435 -6.98 25.24 42.65
N PHE H 436 -7.98 25.35 41.78
CA PHE H 436 -8.07 24.59 40.55
C PHE H 436 -7.74 25.48 39.37
N ARG H 437 -6.97 24.95 38.42
CA ARG H 437 -6.59 25.66 37.22
C ARG H 437 -6.93 24.83 36.00
N PRO H 438 -7.23 25.46 34.87
CA PRO H 438 -7.50 24.71 33.65
C PRO H 438 -6.25 24.48 32.83
N GLY H 439 -6.22 23.32 32.16
CA GLY H 439 -5.12 22.99 31.28
C GLY H 439 -5.44 21.84 30.36
N GLY H 440 -5.21 22.04 29.06
CA GLY H 440 -5.52 21.02 28.09
C GLY H 440 -4.49 19.91 28.02
N GLY H 441 -3.27 20.27 27.62
CA GLY H 441 -2.21 19.28 27.53
C GLY H 441 -2.54 18.14 26.61
N ASP H 442 -2.79 16.96 27.18
CA ASP H 442 -3.01 15.76 26.38
C ASP H 442 -4.22 15.94 25.48
N MET H 443 -4.04 15.59 24.20
CA MET H 443 -5.16 15.55 23.26
C MET H 443 -6.00 14.30 23.42
N ARG H 444 -5.49 13.28 24.12
CA ARG H 444 -6.26 12.07 24.35
C ARG H 444 -7.49 12.37 25.20
N ASP H 445 -7.34 13.24 26.20
CA ASP H 445 -8.45 13.52 27.11
C ASP H 445 -9.68 14.03 26.38
N ASN H 446 -9.48 14.72 25.24
CA ASN H 446 -10.63 15.20 24.48
C ASN H 446 -11.51 14.07 24.01
N TRP H 447 -10.91 12.92 23.68
CA TRP H 447 -11.66 11.75 23.26
C TRP H 447 -12.03 10.83 24.42
N ARG H 448 -11.24 10.83 25.50
CA ARG H 448 -11.58 10.03 26.66
C ARG H 448 -12.90 10.48 27.28
N SER H 449 -13.23 11.76 27.15
CA SER H 449 -14.52 12.24 27.62
C SER H 449 -15.67 11.74 26.75
N GLU H 450 -15.38 11.27 25.53
CA GLU H 450 -16.40 10.79 24.62
C GLU H 450 -16.49 9.27 24.58
N LEU H 451 -15.42 8.56 24.91
CA LEU H 451 -15.39 7.11 24.94
C LEU H 451 -15.38 6.58 26.37
N TYR H 452 -16.07 7.26 27.27
CA TYR H 452 -16.12 6.86 28.67
C TYR H 452 -17.18 5.79 28.94
N LYS H 453 -17.93 5.36 27.93
CA LYS H 453 -19.00 4.38 28.11
C LYS H 453 -18.72 3.04 27.47
N TYR H 454 -17.87 2.98 26.45
CA TYR H 454 -17.68 1.78 25.64
C TYR H 454 -16.42 1.03 26.03
N LYS H 455 -16.48 -0.29 25.86
CA LYS H 455 -15.29 -1.13 25.95
C LYS H 455 -15.46 -2.29 24.97
N VAL H 456 -14.33 -2.85 24.53
CA VAL H 456 -14.32 -3.91 23.54
C VAL H 456 -14.03 -5.23 24.23
N VAL H 457 -14.79 -6.27 23.86
CA VAL H 457 -14.65 -7.60 24.44
C VAL H 457 -14.59 -8.62 23.32
N LYS H 458 -14.02 -9.78 23.65
CA LYS H 458 -13.85 -10.87 22.71
C LYS H 458 -14.71 -12.06 23.15
N ILE H 459 -15.53 -12.57 22.24
CA ILE H 459 -16.41 -13.69 22.54
C ILE H 459 -15.61 -14.98 22.44
N GLU H 460 -15.82 -15.88 23.40
CA GLU H 460 -15.10 -17.16 23.48
C GLU H 460 -16.10 -18.30 23.56
N PRO H 461 -16.59 -18.81 22.42
CA PRO H 461 -17.56 -19.89 22.47
C PRO H 461 -16.96 -21.23 22.87
N LEU H 462 -17.73 -22.30 22.75
CA LEU H 462 -17.32 -23.67 23.08
C LEU H 462 -16.75 -23.75 24.50
N GLY H 463 -17.64 -23.50 25.46
CA GLY H 463 -17.37 -23.74 26.85
C GLY H 463 -17.51 -25.22 27.19
N VAL H 464 -17.37 -25.51 28.48
CA VAL H 464 -17.44 -26.87 28.99
C VAL H 464 -18.37 -26.90 30.20
N ALA H 465 -19.27 -27.87 30.22
CA ALA H 465 -20.21 -28.05 31.31
C ALA H 465 -20.41 -29.54 31.56
N PRO H 466 -20.84 -29.92 32.75
CA PRO H 466 -21.14 -31.33 33.03
C PRO H 466 -22.59 -31.69 32.79
N THR H 467 -22.79 -32.92 32.33
CA THR H 467 -24.13 -33.45 32.09
C THR H 467 -24.05 -34.97 32.08
N ARG H 468 -25.11 -35.62 31.61
CA ARG H 468 -25.20 -37.08 31.55
C ARG H 468 -25.45 -37.52 30.13
N CYS H 469 -24.53 -38.32 29.58
CA CYS H 469 -24.68 -38.88 28.24
C CYS H 469 -23.92 -40.19 28.17
N LYS H 470 -24.01 -40.85 27.01
CA LYS H 470 -23.14 -41.97 26.70
C LYS H 470 -23.13 -42.10 25.18
N ARG H 471 -22.02 -41.72 24.55
CA ARG H 471 -21.92 -41.75 23.10
C ARG H 471 -22.01 -43.18 22.61
N ARG H 472 -23.13 -43.52 21.98
CA ARG H 472 -23.34 -44.89 21.51
C ARG H 472 -22.30 -45.25 20.46
N VAL H 473 -21.75 -46.46 20.60
CA VAL H 473 -20.72 -46.94 19.67
C VAL H 473 -21.40 -47.68 18.52
N GLU I 1 7.86 -0.10 28.67
CA GLU I 1 8.04 0.70 29.92
C GLU I 1 8.73 2.01 29.61
N VAL I 2 8.34 3.07 30.32
CA VAL I 2 8.87 4.41 30.13
C VAL I 2 9.89 4.69 31.23
N GLN I 3 11.09 5.09 30.83
CA GLN I 3 12.14 5.41 31.79
C GLN I 3 13.08 6.43 31.16
N LEU I 4 13.81 7.15 32.02
CA LEU I 4 14.72 8.20 31.59
C LEU I 4 16.07 8.00 32.26
N VAL I 5 17.13 8.41 31.55
CA VAL I 5 18.49 8.37 32.05
C VAL I 5 19.11 9.74 31.85
N GLU I 6 19.76 10.25 32.90
CA GLU I 6 20.32 11.59 32.89
C GLU I 6 21.82 11.53 32.60
N SER I 7 22.45 12.70 32.63
CA SER I 7 23.89 12.83 32.39
C SER I 7 24.63 12.99 33.71
N GLY I 8 25.93 13.24 33.62
CA GLY I 8 26.76 13.37 34.79
C GLY I 8 26.53 14.64 35.58
N GLY I 9 26.85 15.79 34.99
CA GLY I 9 26.77 17.04 35.71
C GLY I 9 27.97 17.25 36.61
N GLY I 10 27.75 17.14 37.93
CA GLY I 10 28.84 17.22 38.89
C GLY I 10 29.23 18.66 39.22
N LEU I 11 30.20 18.76 40.12
CA LEU I 11 30.68 20.05 40.57
C LEU I 11 31.34 20.80 39.42
N VAL I 12 31.08 22.11 39.35
CA VAL I 12 31.65 22.98 38.33
C VAL I 12 32.01 24.31 38.98
N GLN I 13 33.16 24.86 38.59
CA GLN I 13 33.60 26.14 39.13
C GLN I 13 32.64 27.24 38.72
N ALA I 14 32.48 28.22 39.60
CA ALA I 14 31.59 29.34 39.33
C ALA I 14 32.01 30.04 38.04
N GLY I 15 31.01 30.38 37.22
CA GLY I 15 31.29 30.97 35.93
C GLY I 15 31.88 30.01 34.93
N GLY I 16 31.66 28.71 35.12
CA GLY I 16 32.19 27.68 34.25
C GLY I 16 31.20 27.24 33.19
N PHE I 17 31.37 26.01 32.71
CA PHE I 17 30.53 25.46 31.67
C PHE I 17 30.13 24.04 32.06
N LEU I 18 28.92 23.65 31.65
CA LEU I 18 28.41 22.32 31.92
C LEU I 18 27.35 21.97 30.90
N ARG I 19 27.08 20.67 30.77
CA ARG I 19 26.09 20.17 29.83
C ARG I 19 25.34 19.01 30.46
N LEU I 20 24.02 19.04 30.34
CA LEU I 20 23.15 17.96 30.82
C LEU I 20 22.44 17.31 29.66
N SER I 21 21.93 16.11 29.90
CA SER I 21 21.24 15.34 28.87
C SER I 21 20.20 14.45 29.53
N CYS I 22 19.21 14.04 28.73
CA CYS I 22 18.15 13.17 29.20
C CYS I 22 17.60 12.41 28.00
N GLU I 23 17.70 11.09 28.04
CA GLU I 23 17.29 10.23 26.94
C GLU I 23 15.98 9.54 27.27
N LEU I 24 15.01 9.66 26.36
CA LEU I 24 13.71 9.00 26.50
C LEU I 24 13.76 7.71 25.70
N ARG I 25 13.49 6.59 26.36
CA ARG I 25 13.66 5.27 25.77
C ARG I 25 12.32 4.59 25.46
N GLY I 26 11.38 4.61 26.39
CA GLY I 26 10.15 3.86 26.24
C GLY I 26 9.22 4.40 25.16
N SER I 27 8.67 5.59 25.38
CA SER I 27 7.67 6.14 24.48
C SER I 27 8.32 6.74 23.24
N ILE I 28 7.47 7.19 22.31
CA ILE I 28 7.97 7.78 21.08
C ILE I 28 8.45 9.20 21.36
N PHE I 29 9.60 9.55 20.79
CA PHE I 29 10.18 10.86 21.06
C PHE I 29 9.43 11.98 20.35
N ASN I 30 8.97 11.72 19.13
CA ASN I 30 8.36 12.77 18.32
C ASN I 30 6.89 12.98 18.62
N GLN I 31 6.41 12.55 19.80
CA GLN I 31 5.03 12.79 20.22
C GLN I 31 4.99 13.19 21.69
N TYR I 32 6.09 13.71 22.22
CA TYR I 32 6.15 14.17 23.60
C TYR I 32 7.18 15.27 23.69
N ALA I 33 7.06 16.09 24.74
CA ALA I 33 7.96 17.22 24.97
C ALA I 33 8.60 17.08 26.34
N MET I 34 9.89 17.34 26.41
CA MET I 34 10.66 17.21 27.64
C MET I 34 10.89 18.58 28.27
N ALA I 35 11.27 18.56 29.54
CA ALA I 35 11.54 19.79 30.28
C ALA I 35 12.43 19.45 31.47
N TRP I 36 13.04 20.48 32.04
CA TRP I 36 13.98 20.35 33.15
C TRP I 36 13.47 21.15 34.34
N PHE I 37 13.51 20.55 35.52
CA PHE I 37 13.11 21.19 36.76
C PHE I 37 14.25 21.11 37.76
N ARG I 38 14.41 22.18 38.54
CA ARG I 38 15.42 22.24 39.59
C ARG I 38 14.75 22.39 40.94
N GLN I 39 15.33 21.76 41.96
CA GLN I 39 14.80 21.77 43.32
C GLN I 39 15.94 22.15 44.26
N ALA I 40 16.07 23.44 44.55
CA ALA I 40 17.05 23.89 45.52
C ALA I 40 16.66 23.40 46.91
N PRO I 41 17.65 23.23 47.80
CA PRO I 41 17.32 22.73 49.15
C PRO I 41 16.36 23.67 49.86
N GLY I 42 15.41 23.08 50.58
CA GLY I 42 14.41 23.87 51.29
C GLY I 42 13.57 24.73 50.38
N LYS I 43 13.17 24.20 49.22
CA LYS I 43 12.37 24.96 48.27
C LYS I 43 11.61 23.98 47.39
N GLU I 44 10.54 24.47 46.77
CA GLU I 44 9.73 23.65 45.88
C GLU I 44 10.34 23.63 44.48
N ARG I 45 9.83 22.71 43.66
CA ARG I 45 10.30 22.60 42.28
C ARG I 45 9.85 23.81 41.47
N GLU I 46 10.63 24.14 40.46
CA GLU I 46 10.30 25.25 39.57
C GLU I 46 10.87 24.97 38.18
N PHE I 47 10.30 25.64 37.20
CA PHE I 47 10.69 25.43 35.81
C PHE I 47 12.06 26.03 35.54
N VAL I 48 12.80 25.37 34.63
CA VAL I 48 14.11 25.85 34.20
C VAL I 48 14.10 26.03 32.69
N ALA I 49 13.87 24.95 31.97
CA ALA I 49 13.87 25.01 30.51
C ALA I 49 13.03 23.85 29.97
N GLY I 50 12.64 23.97 28.70
CA GLY I 50 11.85 22.96 28.05
C GLY I 50 11.72 23.19 26.56
N MET I 51 11.70 22.11 25.78
CA MET I 51 11.63 22.20 24.32
C MET I 51 10.51 21.30 23.83
N GLY I 52 9.45 21.91 23.29
CA GLY I 52 8.42 21.17 22.57
C GLY I 52 8.60 21.41 21.09
N ALA I 53 7.80 22.32 20.54
CA ALA I 53 8.04 22.85 19.20
C ALA I 53 8.67 24.22 19.22
N VAL I 54 8.67 24.92 20.36
CA VAL I 54 9.32 26.21 20.49
C VAL I 54 9.97 26.26 21.87
N PRO I 55 11.22 26.70 22.00
CA PRO I 55 11.89 26.66 23.30
C PRO I 55 11.25 27.62 24.30
N HIS I 56 11.37 27.26 25.58
CA HIS I 56 10.93 28.11 26.68
C HIS I 56 11.98 28.08 27.78
N TYR I 57 12.01 29.15 28.58
CA TYR I 57 12.98 29.29 29.66
C TYR I 57 12.30 29.92 30.86
N GLY I 58 12.90 29.71 32.03
CA GLY I 58 12.38 30.28 33.26
C GLY I 58 12.71 31.74 33.40
N GLU I 59 12.24 32.32 34.50
CA GLU I 59 12.45 33.76 34.74
C GLU I 59 13.92 34.06 35.02
N PHE I 60 14.63 33.15 35.68
CA PHE I 60 16.01 33.38 36.08
C PHE I 60 17.03 32.92 35.05
N VAL I 61 16.59 32.29 33.96
CA VAL I 61 17.53 31.85 32.93
C VAL I 61 18.22 33.05 32.29
N LYS I 62 17.44 34.06 31.94
CA LYS I 62 17.98 35.31 31.37
C LYS I 62 18.81 35.05 30.11
N GLY I 63 18.50 33.98 29.38
CA GLY I 63 19.18 33.68 28.15
C GLY I 63 20.53 33.03 28.30
N ARG I 64 20.98 32.77 29.53
CA ARG I 64 22.28 32.12 29.73
C ARG I 64 22.26 30.70 29.18
N PHE I 65 21.17 29.97 29.39
CA PHE I 65 21.10 28.57 29.03
C PHE I 65 20.73 28.42 27.55
N THR I 66 20.75 27.18 27.07
CA THR I 66 20.36 26.87 25.70
C THR I 66 19.88 25.44 25.67
N ILE I 67 18.68 25.22 25.13
CA ILE I 67 18.03 23.91 25.13
C ILE I 67 17.74 23.52 23.69
N SER I 68 18.07 22.28 23.34
CA SER I 68 17.78 21.75 22.01
C SER I 68 17.65 20.24 22.11
N ARG I 69 16.78 19.67 21.28
CA ARG I 69 16.49 18.25 21.30
C ARG I 69 16.93 17.62 19.99
N ASP I 70 17.71 16.55 20.09
CA ASP I 70 18.19 15.82 18.91
C ASP I 70 17.22 14.67 18.63
N ASN I 71 16.52 14.75 17.49
CA ASN I 71 15.53 13.73 17.17
C ASN I 71 16.19 12.38 16.89
N ALA I 72 17.44 12.38 16.42
CA ALA I 72 18.09 11.13 16.06
C ALA I 72 18.31 10.25 17.29
N LYS I 73 19.02 10.76 18.28
CA LYS I 73 19.31 9.99 19.49
C LYS I 73 18.14 9.98 20.48
N SER I 74 17.09 10.75 20.23
CA SER I 74 15.95 10.83 21.12
C SER I 74 16.38 11.31 22.51
N THR I 75 17.09 12.45 22.54
CA THR I 75 17.59 13.03 23.77
C THR I 75 17.43 14.54 23.70
N VAL I 76 17.41 15.16 24.87
CA VAL I 76 17.33 16.61 24.99
C VAL I 76 18.55 17.09 25.76
N TYR I 77 19.27 18.05 25.19
CA TYR I 77 20.45 18.65 25.82
C TYR I 77 20.08 19.99 26.43
N LEU I 78 20.96 20.47 27.32
CA LEU I 78 20.72 21.73 28.01
C LEU I 78 22.08 22.35 28.29
N GLN I 79 22.41 23.42 27.58
CA GLN I 79 23.75 24.02 27.63
C GLN I 79 23.81 25.01 28.79
N MET I 80 24.27 24.54 29.94
CA MET I 80 24.60 25.42 31.05
C MET I 80 25.77 26.34 30.66
N SER I 81 25.74 27.56 31.19
CA SER I 81 26.82 28.52 31.00
C SER I 81 26.74 29.58 32.08
N SER I 82 27.90 30.00 32.59
CA SER I 82 27.99 31.06 33.60
C SER I 82 27.17 30.69 34.84
N LEU I 83 27.62 29.64 35.52
CA LEU I 83 26.89 29.08 36.65
C LEU I 83 27.22 29.90 37.90
N LYS I 84 26.23 30.62 38.43
CA LYS I 84 26.39 31.33 39.68
C LYS I 84 26.17 30.38 40.86
N PRO I 85 26.72 30.70 42.03
CA PRO I 85 26.54 29.79 43.17
C PRO I 85 25.09 29.58 43.56
N GLU I 86 24.21 30.55 43.28
CA GLU I 86 22.81 30.41 43.64
C GLU I 86 22.08 29.37 42.79
N ASP I 87 22.68 28.92 41.69
CA ASP I 87 22.03 27.97 40.79
C ASP I 87 22.21 26.53 41.23
N THR I 88 22.95 26.26 42.30
CA THR I 88 23.13 24.90 42.77
C THR I 88 21.80 24.31 43.20
N ALA I 89 21.49 23.12 42.69
CA ALA I 89 20.26 22.41 43.01
C ALA I 89 20.28 21.07 42.27
N ILE I 90 19.29 20.24 42.57
CA ILE I 90 19.12 18.97 41.88
C ILE I 90 18.23 19.21 40.67
N TYR I 91 18.76 18.91 39.48
CA TYR I 91 18.07 19.19 38.23
C TYR I 91 17.42 17.90 37.72
N PHE I 92 16.10 17.84 37.81
CA PHE I 92 15.36 16.68 37.34
C PHE I 92 15.08 16.79 35.84
N CYS I 93 14.69 15.66 35.25
CA CYS I 93 14.21 15.60 33.88
C CYS I 93 12.83 14.96 33.87
N ALA I 94 11.91 15.54 33.10
CA ALA I 94 10.54 15.08 33.07
C ALA I 94 9.99 15.15 31.65
N ARG I 95 9.00 14.31 31.38
CA ARG I 95 8.34 14.24 30.09
C ARG I 95 6.92 14.80 30.22
N SER I 96 6.58 15.76 29.37
CA SER I 96 5.26 16.37 29.40
C SER I 96 4.21 15.39 28.92
N LYS I 97 2.95 15.69 29.23
CA LYS I 97 1.86 14.80 28.85
C LYS I 97 1.74 14.70 27.33
N SER I 98 1.69 15.83 26.63
CA SER I 98 1.65 15.77 25.17
C SER I 98 2.04 17.08 24.50
N THR I 99 3.19 17.09 23.84
CA THR I 99 3.51 18.09 22.80
C THR I 99 3.45 19.52 23.32
N TYR I 100 3.35 19.73 24.63
CA TYR I 100 3.24 21.07 25.17
C TYR I 100 3.93 21.12 26.52
N ILE I 101 4.34 22.33 26.91
CA ILE I 101 5.13 22.55 28.12
C ILE I 101 4.35 23.49 29.03
N SER I 102 4.16 23.09 30.28
CA SER I 102 3.49 23.89 31.28
C SER I 102 4.42 24.14 32.45
N TYR I 103 4.44 25.38 32.94
CA TYR I 103 5.36 25.75 34.01
C TYR I 103 5.00 25.12 35.35
N ASN I 104 3.83 24.49 35.46
CA ASN I 104 3.45 23.81 36.69
C ASN I 104 3.99 22.39 36.70
N SER I 105 4.46 21.96 37.87
CA SER I 105 5.04 20.62 38.00
C SER I 105 4.05 19.52 37.69
N ASN I 106 2.75 19.78 37.84
CA ASN I 106 1.73 18.76 37.64
C ASN I 106 1.42 18.51 36.16
N GLY I 107 2.19 19.08 35.25
CA GLY I 107 1.99 18.85 33.83
C GLY I 107 2.89 17.76 33.28
N TYR I 108 3.49 16.97 34.17
CA TYR I 108 4.43 15.92 33.78
C TYR I 108 4.13 14.67 34.59
N ASP I 109 4.27 13.51 33.94
CA ASP I 109 3.89 12.24 34.54
C ASP I 109 5.02 11.21 34.55
N TYR I 110 6.25 11.59 34.20
CA TYR I 110 7.38 10.67 34.22
C TYR I 110 8.63 11.48 34.54
N TRP I 111 9.05 11.46 35.80
CA TRP I 111 10.20 12.22 36.26
C TRP I 111 11.45 11.34 36.27
N GLY I 112 12.61 12.01 36.28
CA GLY I 112 13.89 11.33 36.32
C GLY I 112 14.36 11.10 37.75
N ARG I 113 15.56 10.53 37.84
CA ARG I 113 16.13 10.24 39.16
C ARG I 113 16.61 11.50 39.85
N GLY I 114 17.27 12.40 39.10
CA GLY I 114 17.77 13.65 39.65
C GLY I 114 19.28 13.73 39.52
N THR I 115 19.75 14.83 38.92
CA THR I 115 21.16 15.09 38.73
C THR I 115 21.61 16.15 39.72
N GLN I 116 22.68 15.87 40.45
CA GLN I 116 23.22 16.79 41.43
C GLN I 116 24.24 17.71 40.78
N VAL I 117 24.06 19.02 40.95
CA VAL I 117 24.97 20.03 40.43
C VAL I 117 25.30 21.00 41.55
N THR I 118 26.58 21.27 41.74
CA THR I 118 27.05 22.18 42.78
C THR I 118 28.04 23.16 42.17
N VAL I 119 28.02 24.40 42.69
CA VAL I 119 28.87 25.48 42.21
C VAL I 119 29.58 26.09 43.41
N SER I 120 30.88 26.32 43.27
CA SER I 120 31.68 26.91 44.35
C SER I 120 32.60 28.00 43.80
C1 NAG J . 40.22 24.66 4.08
C2 NAG J . 40.66 24.69 5.53
C3 NAG J . 40.03 25.89 6.23
C4 NAG J . 40.32 27.18 5.47
C5 NAG J . 39.94 27.02 4.01
C6 NAG J . 40.34 28.21 3.16
C7 NAG J . 41.07 22.90 7.16
C8 NAG J . 40.55 21.63 7.75
N2 NAG J . 40.30 23.46 6.22
O3 NAG J . 40.55 25.99 7.56
O4 NAG J . 39.55 28.24 6.02
O5 NAG J . 40.59 25.88 3.43
O6 NAG J . 41.33 27.85 2.19
O7 NAG J . 42.12 23.41 7.53
C1 NAG J . 40.16 28.92 7.14
C2 NAG J . 39.13 28.93 8.27
C3 NAG J . 39.69 29.64 9.50
C4 NAG J . 41.02 29.00 9.90
C5 NAG J . 41.98 29.00 8.71
C6 NAG J . 43.29 28.30 9.03
C7 NAG J . 36.70 29.22 8.30
C8 NAG J . 35.53 29.98 7.75
N2 NAG J . 37.90 29.56 7.83
O3 NAG J . 38.76 29.53 10.57
O4 NAG J . 41.60 29.67 11.02
O5 NAG J . 41.38 28.31 7.61
O6 NAG J . 43.69 27.47 7.94
O7 NAG J . 36.56 28.34 9.15
C1 BMA J . 41.80 31.09 10.81
C2 BMA J . 40.84 31.85 11.76
C3 BMA J . 41.13 33.34 11.70
C4 BMA J . 42.63 33.63 11.88
C5 BMA J . 43.43 32.84 10.85
C6 BMA J . 44.92 33.06 10.97
O2 BMA J . 41.04 31.44 13.11
O3 BMA J . 40.38 34.05 12.68
O4 BMA J . 42.88 35.02 11.71
O5 BMA J . 43.16 31.45 11.05
O6 BMA J . 45.15 34.43 11.25
C1 NAG K . 30.59 11.49 -15.76
C2 NAG K . 30.53 10.97 -17.20
C3 NAG K . 31.67 9.96 -17.44
C4 NAG K . 33.01 10.59 -17.07
C5 NAG K . 32.96 11.10 -15.63
C6 NAG K . 34.22 11.81 -15.21
C7 NAG K . 28.67 10.40 -18.68
C8 NAG K . 27.33 9.71 -18.79
N2 NAG K . 29.25 10.35 -17.48
O3 NAG K . 31.67 9.58 -18.81
O4 NAG K . 34.05 9.62 -17.21
O5 NAG K . 31.88 12.03 -15.49
O6 NAG K . 34.70 12.68 -16.24
O7 NAG K . 29.18 10.97 -19.63
C1 NAG K . 35.18 10.25 -17.86
C2 NAG K . 36.35 9.25 -17.89
C3 NAG K . 37.55 9.87 -18.59
C4 NAG K . 37.16 10.40 -19.97
C5 NAG K . 35.95 11.32 -19.87
C6 NAG K . 35.42 11.75 -21.21
C7 NAG K . 37.11 9.65 -15.59
C8 NAG K . 37.43 9.02 -14.26
N2 NAG K . 36.70 8.81 -16.54
O3 NAG K . 38.58 8.89 -18.71
O4 NAG K . 38.25 11.15 -20.51
O5 NAG K . 34.87 10.64 -19.20
O6 NAG K . 34.00 11.82 -21.23
O7 NAG K . 37.22 10.85 -15.77
C1 BMA K . 39.14 10.29 -21.24
C2 BMA K . 39.75 11.12 -22.39
C3 BMA K . 40.88 10.36 -23.08
C4 BMA K . 41.87 9.77 -22.05
C5 BMA K . 41.09 8.91 -21.04
C6 BMA K . 41.99 8.29 -19.98
O2 BMA K . 40.32 12.32 -21.88
O3 BMA K . 41.58 11.17 -24.01
O4 BMA K . 42.84 8.98 -22.71
O5 BMA K . 40.13 9.75 -20.38
O6 BMA K . 41.22 7.35 -19.24
C1 NAG L . 28.94 -33.63 -2.60
C2 NAG L . 29.73 -33.82 -3.90
C3 NAG L . 28.96 -34.73 -4.85
C4 NAG L . 28.57 -36.04 -4.16
C5 NAG L . 27.84 -35.74 -2.86
C6 NAG L . 27.52 -36.98 -2.06
C7 NAG L . 31.15 -31.87 -4.34
C8 NAG L . 31.28 -30.57 -5.07
N2 NAG L . 30.02 -32.54 -4.53
O3 NAG L . 29.77 -35.01 -6.00
O4 NAG L . 27.71 -36.78 -5.02
O5 NAG L . 28.65 -34.90 -2.02
O6 NAG L . 27.75 -36.78 -0.68
O7 NAG L . 32.04 -32.29 -3.60
C1 NAG L . 28.46 -37.68 -5.88
C2 NAG L . 27.71 -37.75 -7.22
C3 NAG L . 28.45 -38.66 -8.19
C4 NAG L . 29.90 -38.23 -8.32
C5 NAG L . 30.56 -38.15 -6.95
C6 NAG L . 31.97 -37.61 -7.00
C7 NAG L . 25.33 -37.36 -6.77
C8 NAG L . 23.98 -37.99 -6.61
N2 NAG L . 26.34 -38.19 -7.04
O3 NAG L . 27.81 -38.61 -9.46
O4 NAG L . 30.62 -39.16 -9.13
O5 NAG L . 29.81 -37.25 -6.11
O6 NAG L . 32.44 -37.25 -5.70
O7 NAG L . 25.51 -36.14 -6.66
C1 NAG M . 42.29 -7.47 18.43
C2 NAG M . 43.61 -8.17 18.70
C3 NAG M . 43.44 -9.20 19.81
C4 NAG M . 42.81 -8.56 21.05
C5 NAG M . 41.54 -7.79 20.66
C6 NAG M . 40.97 -7.01 21.82
C7 NAG M . 45.43 -8.89 17.21
C8 NAG M . 45.77 -9.59 15.92
N2 NAG M . 44.12 -8.82 17.50
O3 NAG M . 44.70 -9.76 20.15
O4 NAG M . 42.47 -9.56 21.99
O5 NAG M . 41.82 -6.85 19.62
O6 NAG M . 41.25 -5.62 21.69
O7 NAG M . 46.28 -8.43 17.95
C1 NAG M . 43.29 -9.42 23.17
C2 NAG M . 42.75 -10.37 24.24
C3 NAG M . 43.61 -10.30 25.49
C4 NAG M . 45.08 -10.53 25.14
C5 NAG M . 45.52 -9.58 24.03
C6 NAG M . 46.92 -9.85 23.55
C7 NAG M . 40.33 -10.49 23.82
C8 NAG M . 38.97 -10.09 24.29
N2 NAG M . 41.37 -10.07 24.56
O3 NAG M . 43.17 -11.26 26.42
O4 NAG M . 45.89 -10.33 26.29
O5 NAG M . 44.66 -9.73 22.90
O6 NAG M . 47.88 -9.63 24.58
O7 NAG M . 40.50 -11.18 22.82
C1 NAG N . 38.89 13.96 19.28
C2 NAG N . 39.25 13.13 20.50
C3 NAG N . 38.30 13.47 21.65
C4 NAG N . 38.29 14.96 21.91
C5 NAG N . 38.01 15.73 20.62
C6 NAG N . 38.12 17.23 20.78
C7 NAG N . 40.10 10.83 20.64
C8 NAG N . 39.89 9.40 20.24
N2 NAG N . 39.20 11.70 20.20
O3 NAG N . 38.72 12.76 22.82
O4 NAG N . 37.30 15.29 22.87
O5 NAG N . 38.94 15.35 19.61
O6 NAG N . 39.33 17.60 21.41
O7 NAG N . 41.05 11.17 21.35
C1 NAG N . 37.92 15.44 24.16
C2 NAG N . 37.51 16.80 24.75
C3 NAG N . 38.09 16.96 26.15
C4 NAG N . 37.71 15.79 27.03
C5 NAG N . 38.12 14.47 26.35
C6 NAG N . 37.67 13.26 27.12
C7 NAG N . 37.29 19.06 23.84
C8 NAG N . 37.86 20.08 22.89
N2 NAG N . 37.92 17.88 23.88
O3 NAG N . 37.60 18.18 26.71
O4 NAG N . 38.38 15.89 28.28
O5 NAG N . 37.52 14.39 25.05
O6 NAG N . 36.48 12.71 26.57
O7 NAG N . 36.31 19.30 24.53
C1 BMA N . 37.39 16.16 29.30
C2 BMA N . 37.97 15.71 30.66
C3 BMA N . 37.02 16.11 31.79
C4 BMA N . 36.62 17.59 31.68
C5 BMA N . 36.05 17.87 30.28
C6 BMA N . 35.65 19.33 30.08
O2 BMA N . 39.20 16.34 30.92
O3 BMA N . 37.58 15.86 33.07
O4 BMA N . 35.64 17.90 32.66
O5 BMA N . 37.06 17.54 29.32
O6 BMA N . 34.88 19.42 28.89
C1 MAN N . 33.62 20.03 29.21
C2 MAN N . 32.63 18.89 29.59
C3 MAN N . 32.25 18.07 28.36
C4 MAN N . 31.76 18.99 27.23
C5 MAN N . 32.85 20.02 26.90
C6 MAN N . 32.43 21.00 25.83
O2 MAN N . 31.40 19.41 30.10
O3 MAN N . 31.27 17.07 28.65
O4 MAN N . 31.48 18.22 26.07
O5 MAN N . 33.13 20.79 28.10
O6 MAN N . 31.40 20.40 25.06
C1 NAG O . 48.03 -3.10 13.95
C2 NAG O . 47.72 -2.12 15.08
C3 NAG O . 48.65 -0.91 15.01
C4 NAG O . 50.11 -1.37 14.97
C5 NAG O . 50.32 -2.41 13.87
C6 NAG O . 51.70 -3.01 13.88
C7 NAG O . 45.33 -2.39 15.57
C8 NAG O . 43.96 -1.79 15.42
N2 NAG O . 46.33 -1.69 15.02
O3 NAG O . 48.43 -0.08 16.13
O4 NAG O . 50.94 -0.26 14.71
O5 NAG O . 49.39 -3.50 14.04
O6 NAG O . 52.06 -3.53 12.61
O7 NAG O . 45.51 -3.44 16.17
C1 NAG O . 51.66 0.12 15.91
C2 NAG O . 52.41 1.42 15.63
C3 NAG O . 53.15 1.88 16.87
C4 NAG O . 52.20 1.97 18.06
C5 NAG O . 51.46 0.65 18.24
C6 NAG O . 50.41 0.71 19.32
C7 NAG O . 54.29 0.34 14.48
C8 NAG O . 55.15 0.33 13.24
N2 NAG O . 53.33 1.26 14.51
O3 NAG O . 53.74 3.15 16.62
O4 NAG O . 52.92 2.27 19.24
O5 NAG O . 50.78 0.30 17.03
O6 NAG O . 50.86 1.43 20.45
O7 NAG O . 54.48 -0.44 15.39
C1 NAG P . 48.21 -3.91 -1.86
C2 NAG P . 48.33 -3.05 -3.11
C3 NAG P . 49.42 -3.59 -4.03
C4 NAG P . 50.73 -3.75 -3.27
C5 NAG P . 50.51 -4.57 -2.00
C6 NAG P . 51.73 -4.63 -1.12
C7 NAG P . 46.75 -1.95 -4.64
C8 NAG P . 45.40 -2.02 -5.28
N2 NAG P . 47.06 -2.96 -3.81
O3 NAG P . 49.59 -2.70 -5.13
O4 NAG P . 51.68 -4.43 -4.08
O5 NAG P . 49.47 -3.98 -1.20
O6 NAG P . 51.41 -4.98 0.22
O7 NAG P . 47.53 -1.04 -4.86
C1 NAG P . 52.37 -3.48 -4.91
C2 NAG P . 53.85 -3.45 -4.49
C3 NAG P . 54.64 -2.49 -5.38
C4 NAG P . 54.42 -2.85 -6.85
C5 NAG P . 52.93 -2.90 -7.17
C6 NAG P . 52.64 -3.37 -8.58
C7 NAG P . 55.11 -3.25 -2.39
C8 NAG P . 55.08 -2.80 -0.96
N2 NAG P . 53.99 -3.06 -3.09
O3 NAG P . 56.02 -2.58 -5.07
O4 NAG P . 55.05 -1.89 -7.69
O5 NAG P . 52.28 -3.82 -6.29
O6 NAG P . 53.84 -3.58 -9.31
O7 NAG P . 56.10 -3.77 -2.88
C1 NAG Q . 54.59 -11.99 -1.26
C2 NAG Q . 55.21 -10.82 -0.50
C3 NAG Q . 56.63 -10.59 -0.98
C4 NAG Q . 57.45 -11.86 -0.88
C5 NAG Q . 56.73 -13.01 -1.59
C6 NAG Q . 57.42 -14.34 -1.41
C7 NAG Q . 54.37 -8.64 0.25
C8 NAG Q . 53.49 -7.47 -0.08
N2 NAG Q . 54.41 -9.62 -0.67
O3 NAG Q . 57.23 -9.56 -0.19
O4 NAG Q . 58.73 -11.68 -1.48
O5 NAG Q . 55.40 -13.16 -1.08
O6 NAG Q . 56.83 -15.35 -2.22
O7 NAG Q . 55.01 -8.69 1.28
C1 NAG Q . 59.65 -11.17 -0.49
C2 NAG Q . 61.06 -11.21 -1.07
C3 NAG Q . 62.05 -10.62 -0.07
C4 NAG Q . 61.62 -9.23 0.35
C5 NAG Q . 60.19 -9.26 0.87
C6 NAG Q . 59.65 -7.89 1.20
C7 NAG Q . 62.32 -12.85 -2.39
C8 NAG Q . 62.59 -14.31 -2.62
N2 NAG Q . 61.43 -12.57 -1.43
O3 NAG Q . 63.35 -10.56 -0.68
O4 NAG Q . 62.48 -8.74 1.37
O5 NAG Q . 59.32 -9.82 -0.12
O6 NAG Q . 59.81 -6.99 0.12
O7 NAG Q . 62.87 -11.97 -3.04
C1 NAG R . 30.64 -8.65 13.84
C2 NAG R . 30.39 -7.24 13.28
C3 NAG R . 31.06 -6.19 14.16
C4 NAG R . 30.64 -6.35 15.61
C5 NAG R . 30.91 -7.78 16.07
C6 NAG R . 30.42 -8.05 17.48
C7 NAG R . 30.34 -6.27 11.03
C8 NAG R . 30.94 -6.31 9.66
N2 NAG R . 30.85 -7.15 11.91
O3 NAG R . 30.71 -4.89 13.69
O4 NAG R . 31.36 -5.44 16.43
O5 NAG R . 30.21 -8.69 15.21
O6 NAG R . 29.31 -7.24 17.81
O7 NAG R . 29.46 -5.49 11.33
C1 NAG R . 30.45 -4.41 16.88
C2 NAG R . 30.67 -4.17 18.36
C3 NAG R . 29.73 -3.07 18.86
C4 NAG R . 29.90 -1.82 18.01
C5 NAG R . 29.75 -2.15 16.52
C6 NAG R . 30.06 -0.97 15.63
C7 NAG R . 31.18 -5.79 20.18
C8 NAG R . 32.32 -4.89 20.58
N2 NAG R . 30.45 -5.39 19.12
O3 NAG R . 30.02 -2.77 20.22
O4 NAG R . 28.90 -0.86 18.37
O5 NAG R . 30.66 -3.19 16.16
O6 NAG R . 29.13 0.09 15.82
O7 NAG R . 30.94 -6.84 20.77
C1 BMA R . 29.50 0.37 18.78
C2 BMA R . 28.33 1.34 19.09
C3 BMA R . 28.85 2.64 19.73
C4 BMA R . 29.85 2.34 20.86
C5 BMA R . 30.96 1.42 20.34
C6 BMA R . 31.99 1.08 21.41
O2 BMA R . 27.43 0.76 20.03
O3 BMA R . 27.78 3.43 20.25
O4 BMA R . 30.43 3.55 21.33
O5 BMA R . 30.35 0.20 19.90
O6 BMA R . 32.37 2.28 22.07
C1 MAN R . 27.63 4.61 19.43
C2 MAN R . 26.62 5.54 20.15
C3 MAN R . 25.20 4.99 20.02
C4 MAN R . 24.87 4.66 18.56
C5 MAN R . 25.91 3.66 18.03
C6 MAN R . 25.67 3.31 16.57
O2 MAN R . 26.58 6.83 19.53
O3 MAN R . 24.24 5.89 20.55
O4 MAN R . 23.58 4.08 18.48
O5 MAN R . 27.21 4.27 18.12
O6 MAN R . 24.27 3.05 16.39
C1 NAG S . 17.54 26.95 -34.79
C2 NAG S . 18.30 26.07 -35.77
C3 NAG S . 19.75 25.94 -35.34
C4 NAG S . 20.37 27.32 -35.11
C5 NAG S . 19.50 28.16 -34.19
C6 NAG S . 19.98 29.59 -34.06
C7 NAG S . 17.66 24.07 -37.03
C8 NAG S . 16.97 22.73 -36.98
N2 NAG S . 17.67 24.77 -35.89
O3 NAG S . 20.48 25.23 -36.33
O4 NAG S . 21.65 27.17 -34.50
O5 NAG S . 18.16 28.22 -34.70
O6 NAG S . 19.07 30.50 -34.66
O7 NAG S . 18.17 24.49 -38.07
C1 NAG S . 22.75 26.97 -35.42
C2 NAG S . 23.51 25.74 -34.92
C3 NAG S . 24.70 25.45 -35.84
C4 NAG S . 24.22 25.32 -37.28
C5 NAG S . 23.43 26.56 -37.69
C6 NAG S . 22.84 26.45 -39.08
C7 NAG S . 24.14 24.94 -32.69
C8 NAG S . 24.61 25.32 -31.32
N2 NAG S . 23.97 25.94 -33.56
O3 NAG S . 25.34 24.25 -35.43
O4 NAG S . 25.31 25.09 -38.18
O5 NAG S . 22.33 26.75 -36.79
O6 NAG S . 21.54 27.01 -39.14
O7 NAG S . 23.92 23.77 -33.00
C1 BMA S . 26.33 26.11 -38.11
C2 BMA S . 27.61 25.45 -37.54
C3 BMA S . 28.79 26.42 -37.61
C4 BMA S . 28.92 27.04 -39.00
C5 BMA S . 27.59 27.70 -39.40
C6 BMA S . 27.63 28.33 -40.78
O2 BMA S . 27.98 24.31 -38.31
O3 BMA S . 30.01 25.80 -37.25
O4 BMA S . 29.95 28.02 -39.00
O5 BMA S . 26.57 26.67 -39.40
O6 BMA S . 28.89 28.96 -40.94
C1 NAG T . -2.82 30.41 -19.51
C2 NAG T . -4.04 31.14 -18.96
C3 NAG T . -5.14 31.22 -20.02
C4 NAG T . -4.59 31.86 -21.29
C5 NAG T . -3.37 31.07 -21.76
C6 NAG T . -2.71 31.68 -22.97
C7 NAG T . -5.28 31.09 -16.83
C8 NAG T . -5.71 30.25 -15.67
N2 NAG T . -4.54 30.47 -17.77
O3 NAG T . -6.22 32.00 -19.51
O4 NAG T . -5.60 31.85 -22.30
O5 NAG T . -2.38 31.05 -20.72
O6 NAG T . -2.61 33.09 -22.86
O7 NAG T . -5.59 32.28 -16.93
C1 NAG T . -5.57 33.12 -22.99
C2 NAG T . -6.57 33.07 -24.15
C3 NAG T . -6.59 34.41 -24.90
C4 NAG T . -6.84 35.55 -23.92
C5 NAG T . -5.87 35.49 -22.74
C6 NAG T . -6.17 36.51 -21.68
C7 NAG T . -5.10 31.89 -25.74
C8 NAG T . -4.96 30.70 -26.64
N2 NAG T . -6.26 31.98 -25.07
O3 NAG T . -7.61 34.38 -25.89
O4 NAG T . -6.66 36.79 -24.59
O5 NAG T . -5.93 34.20 -22.11
O6 NAG T . -6.15 35.92 -20.37
O7 NAG T . -4.21 32.73 -25.61
C1 BMA T . -7.89 37.24 -25.18
C2 BMA T . -7.90 38.79 -25.11
C3 BMA T . -9.06 39.36 -25.92
C4 BMA T . -9.13 38.73 -27.32
C5 BMA T . -9.20 37.20 -27.19
C6 BMA T . -9.28 36.50 -28.52
O2 BMA T . -6.71 39.32 -25.68
O3 BMA T . -8.98 40.78 -26.03
O4 BMA T . -10.27 39.20 -28.01
O5 BMA T . -8.01 36.77 -26.51
O6 BMA T . -9.55 35.12 -28.29
C1 NAG U . -33.18 -4.41 -29.36
C2 NAG U . -34.10 -3.20 -29.55
C3 NAG U . -35.25 -3.24 -28.55
C4 NAG U . -35.97 -4.59 -28.61
C5 NAG U . -34.97 -5.72 -28.45
C6 NAG U . -35.59 -7.09 -28.62
C7 NAG U . -32.85 -1.30 -30.46
C8 NAG U . -32.12 -0.03 -30.13
N2 NAG U . -33.37 -1.96 -29.42
O3 NAG U . -36.18 -2.20 -28.84
O4 NAG U . -36.94 -4.67 -27.58
O5 NAG U . -33.94 -5.61 -29.45
O6 NAG U . -34.77 -7.94 -29.41
O7 NAG U . -32.96 -1.71 -31.61
C1 NAG U . -38.24 -4.22 -28.02
C2 NAG U . -38.96 -3.61 -26.81
C3 NAG U . -40.33 -3.11 -27.22
C4 NAG U . -40.23 -2.16 -28.41
C5 NAG U . -39.46 -2.83 -29.55
C6 NAG U . -39.22 -1.91 -30.72
C7 NAG U . -38.09 -4.75 -24.82
C8 NAG U . -38.36 -5.77 -23.76
N2 NAG U . -39.06 -4.56 -25.72
O3 NAG U . -40.94 -2.43 -26.12
O4 NAG U . -41.53 -1.80 -28.86
O5 NAG U . -38.17 -3.26 -29.08
O6 NAG U . -38.34 -2.49 -31.66
O7 NAG U . -37.04 -4.11 -24.85
C1 NAG V . -1.68 -0.12 -46.74
C2 NAG V . -2.29 -0.16 -48.14
C3 NAG V . -2.52 -1.61 -48.56
C4 NAG V . -1.23 -2.41 -48.42
C5 NAG V . -0.64 -2.24 -47.03
C6 NAG V . 0.72 -2.89 -46.88
C7 NAG V . -3.91 1.31 -49.23
C8 NAG V . -5.24 2.02 -49.11
N2 NAG V . -3.54 0.59 -48.19
O3 NAG V . -2.96 -1.62 -49.91
O4 NAG V . -1.51 -3.79 -48.63
O5 NAG V . -0.46 -0.85 -46.73
O6 NAG V . 1.75 -1.92 -46.76
O7 NAG V . -3.22 1.40 -50.25
C1 NAG V . -0.86 -4.24 -49.83
C2 NAG V . -0.99 -5.76 -49.90
C3 NAG V . -0.36 -6.28 -51.19
C4 NAG V . -0.94 -5.56 -52.39
C5 NAG V . -0.81 -4.06 -52.23
C6 NAG V . -1.48 -3.28 -53.34
C7 NAG V . -1.01 -6.49 -47.56
C8 NAG V . -0.23 -7.18 -46.47
N2 NAG V . -0.38 -6.39 -48.74
O3 NAG V . -0.60 -7.68 -51.29
O4 NAG V . -0.24 -5.96 -53.58
O5 NAG V . -1.44 -3.66 -51.00
O6 NAG V . -0.82 -3.48 -54.57
O7 NAG V . -2.14 -6.07 -47.39
C1 NAG W . 17.03 9.47 -41.22
C2 NAG W . 16.96 8.26 -42.15
C3 NAG W . 17.98 7.21 -41.74
C4 NAG W . 19.37 7.82 -41.64
C5 NAG W . 19.35 9.06 -40.74
C6 NAG W . 20.68 9.79 -40.72
C7 NAG W . 15.02 7.26 -43.28
C8 NAG W . 13.64 6.71 -43.12
N2 NAG W . 15.62 7.70 -42.17
O3 NAG W . 17.97 6.15 -42.68
O4 NAG W . 20.28 6.87 -41.10
O5 NAG W . 18.37 9.99 -41.21
O6 NAG W . 21.16 10.03 -42.03
O7 NAG W . 15.59 7.30 -44.38
C1 NAG W . 21.03 6.26 -42.16
C2 NAG W . 22.52 6.40 -41.86
C3 NAG W . 23.34 5.69 -42.94
C4 NAG W . 22.89 4.26 -43.11
C5 NAG W . 21.38 4.21 -43.37
C6 NAG W . 20.84 2.80 -43.42
C7 NAG W . 23.95 8.20 -41.02
C8 NAG W . 24.21 9.68 -41.01
N2 NAG W . 22.90 7.79 -41.75
O3 NAG W . 24.72 5.73 -42.58
O4 NAG W . 23.57 3.65 -44.20
O5 NAG W . 20.68 4.88 -42.30
O6 NAG W . 20.24 2.42 -42.20
O7 NAG W . 24.66 7.41 -40.40
C1 BMA W . 24.47 2.66 -43.69
C2 BMA W . 24.78 1.66 -44.83
C3 BMA W . 25.86 0.68 -44.37
C4 BMA W . 27.07 1.40 -43.77
C5 BMA W . 26.60 2.34 -42.65
C6 BMA W . 27.74 3.13 -42.02
O2 BMA W . 25.29 2.33 -45.97
O3 BMA W . 26.28 -0.18 -45.44
O4 BMA W . 27.99 0.45 -43.25
O5 BMA W . 25.67 3.27 -43.21
O6 BMA W . 27.27 3.71 -40.82
C1 MAN W . 28.11 3.28 -39.73
C2 MAN W . 27.50 1.97 -39.15
C3 MAN W . 26.21 2.28 -38.40
C4 MAN W . 26.43 3.40 -37.38
C5 MAN W . 26.98 4.64 -38.08
C6 MAN W . 27.27 5.78 -37.13
O2 MAN W . 28.37 1.38 -38.19
O3 MAN W . 25.67 1.12 -37.78
O4 MAN W . 25.21 3.71 -36.74
O5 MAN W . 28.21 4.29 -38.74
O6 MAN W . 26.45 5.62 -35.98
C1 NAG X . -1.15 7.89 -49.47
C2 NAG X . 0.31 7.46 -49.53
C3 NAG X . 1.15 8.56 -50.19
C4 NAG X . 0.56 8.93 -51.54
C5 NAG X . -0.93 9.27 -51.40
C6 NAG X . -1.60 9.51 -52.73
C7 NAG X . 0.69 5.97 -47.62
C8 NAG X . 1.29 5.83 -46.25
N2 NAG X . 0.83 7.16 -48.20
O3 NAG X . 2.48 8.09 -50.36
O4 NAG X . 1.24 10.07 -52.05
O5 NAG X . -1.62 8.18 -50.77
O6 NAG X . -2.73 10.37 -52.59
O7 NAG X . 0.12 5.04 -48.18
C1 NAG X . 2.10 9.69 -53.13
C2 NAG X . 2.94 10.91 -53.53
C3 NAG X . 3.90 10.55 -54.64
C4 NAG X . 4.74 9.33 -54.25
C5 NAG X . 3.83 8.18 -53.83
C6 NAG X . 4.59 6.99 -53.33
C7 NAG X . 1.19 11.95 -54.90
C8 NAG X . 0.40 13.20 -55.16
N2 NAG X . 2.09 12.02 -53.91
O3 NAG X . 4.75 11.65 -54.91
O4 NAG X . 5.54 8.92 -55.35
O5 NAG X . 2.96 8.60 -52.78
O6 NAG X . 5.72 6.69 -54.14
O7 NAG X . 1.01 10.93 -55.54
C1 NAG Y . -10.40 19.10 -43.17
C2 NAG Y . -10.39 20.54 -42.67
C3 NAG Y . -11.47 21.35 -43.36
C4 NAG Y . -11.35 21.24 -44.87
C5 NAG Y . -11.30 19.77 -45.29
C6 NAG Y . -11.04 19.59 -46.76
C7 NAG Y . -10.09 21.61 -40.48
C8 NAG Y . -10.33 21.50 -39.01
N2 NAG Y . -10.53 20.60 -41.23
O3 NAG Y . -11.36 22.71 -42.96
O4 NAG Y . -12.47 21.85 -45.51
O5 NAG Y . -10.25 19.09 -44.59
O6 NAG Y . -10.51 18.29 -47.04
O7 NAG Y . -9.52 22.57 -40.98
C1 NAG Y . -12.21 23.26 -45.67
C2 NAG Y . -12.14 23.57 -47.16
C3 NAG Y . -11.95 25.07 -47.39
C4 NAG Y . -13.02 25.86 -46.65
C5 NAG Y . -13.05 25.46 -45.19
C6 NAG Y . -14.17 26.12 -44.41
C7 NAG Y . -10.99 22.66 -49.13
C8 NAG Y . -9.82 21.85 -49.62
N2 NAG Y . -11.08 22.81 -47.81
O3 NAG Y . -12.00 25.35 -48.79
O4 NAG Y . -12.75 27.26 -46.76
O5 NAG Y . -13.25 24.04 -45.07
O6 NAG Y . -14.89 27.05 -45.21
O7 NAG Y . -11.81 23.14 -49.90
C1 NAG Z . -17.62 16.99 -50.28
C2 NAG Z . -16.31 17.31 -51.00
C3 NAG Z . -16.55 18.36 -52.07
C4 NAG Z . -17.67 17.93 -53.01
C5 NAG Z . -18.91 17.56 -52.22
C6 NAG Z . -20.01 16.98 -53.08
C7 NAG Z . -13.98 17.58 -50.28
C8 NAG Z . -13.07 18.09 -49.20
N2 NAG Z . -15.30 17.74 -50.06
O3 NAG Z . -15.33 18.57 -52.80
O4 NAG Z . -17.99 19.00 -53.90
O5 NAG Z . -18.59 16.56 -51.24
O6 NAG Z . -21.21 16.78 -52.33
O7 NAG Z . -13.55 17.04 -51.29
C1 NAG Z . -17.12 18.93 -55.05
C2 NAG Z . -17.68 19.87 -56.13
C3 NAG Z . -16.76 19.88 -57.35
C4 NAG Z . -15.33 20.20 -56.94
C5 NAG Z . -14.88 19.25 -55.83
C6 NAG Z . -13.50 19.59 -55.29
C7 NAG Z . -19.93 20.36 -57.00
C8 NAG Z . -21.26 19.79 -57.33
N2 NAG Z . -19.03 19.49 -56.50
O3 NAG Z . -17.23 20.83 -58.28
O4 NAG Z . -14.46 20.06 -58.06
O5 NAG Z . -15.78 19.32 -54.73
O6 NAG Z . -13.43 20.95 -54.89
O7 NAG Z . -19.65 21.54 -57.16
C1 NAG AA . -3.63 -2.19 -34.43
C2 NAG AA . -2.74 -1.14 -33.78
C3 NAG AA . -1.47 -0.92 -34.62
C4 NAG AA . -0.77 -2.24 -34.88
C5 NAG AA . -1.75 -3.23 -35.50
C6 NAG AA . -1.16 -4.60 -35.70
C7 NAG AA . -3.10 1.03 -32.69
C8 NAG AA . -3.96 2.26 -32.64
N2 NAG AA . -3.45 0.12 -33.60
O3 NAG AA . -0.61 -0.03 -33.93
O4 NAG AA . 0.33 -2.05 -35.75
O5 NAG AA . -2.89 -3.39 -34.64
O6 NAG AA . -0.16 -4.89 -34.74
O7 NAG AA . -2.15 0.88 -31.95
C1 NAG AA . 1.55 -2.21 -34.99
C2 NAG AA . 2.52 -3.08 -35.78
C3 NAG AA . 3.82 -3.24 -35.02
C4 NAG AA . 4.39 -1.87 -34.64
C5 NAG AA . 3.34 -1.03 -33.92
C6 NAG AA . 3.79 0.39 -33.66
C7 NAG AA . 2.07 -5.05 -37.22
C8 NAG AA . 2.89 -4.39 -38.29
N2 NAG AA . 1.92 -4.38 -36.07
O3 NAG AA . 4.76 -3.96 -35.80
O4 NAG AA . 5.50 -2.05 -33.76
O5 NAG AA . 2.15 -0.94 -34.72
O6 NAG AA . 4.90 0.42 -32.77
O7 NAG AA . 1.55 -6.15 -37.39
C1 BMA AA . 6.68 -1.43 -34.31
C2 BMA AA . 7.80 -1.62 -33.26
C3 BMA AA . 9.16 -1.17 -33.82
C4 BMA AA . 9.40 -1.75 -35.22
C5 BMA AA . 8.22 -1.41 -36.13
C6 BMA AA . 8.38 -1.95 -37.54
O2 BMA AA . 7.94 -2.99 -32.91
O3 BMA AA . 10.23 -1.56 -32.96
O4 BMA AA . 10.59 -1.20 -35.77
O5 BMA AA . 7.04 -1.99 -35.56
O6 BMA AA . 9.69 -1.62 -38.00
C1 MAN AA . 10.79 -0.37 -32.35
C2 MAN AA . 12.08 -0.81 -31.60
C3 MAN AA . 11.73 -1.59 -30.34
C4 MAN AA . 10.71 -0.83 -29.49
C5 MAN AA . 9.47 -0.55 -30.33
C6 MAN AA . 8.41 0.23 -29.58
O2 MAN AA . 12.83 0.32 -31.16
O3 MAN AA . 12.89 -1.89 -29.57
O4 MAN AA . 10.35 -1.59 -28.35
O5 MAN AA . 9.84 0.24 -31.48
O6 MAN AA . 8.27 -0.34 -28.28
C1 NAG BA . 1.41 47.36 2.00
C2 NAG BA . 0.05 47.91 1.64
C3 NAG BA . -0.05 48.11 0.13
C4 NAG BA . 1.12 48.94 -0.39
C5 NAG BA . 2.44 48.36 0.11
C6 NAG BA . 3.63 49.24 -0.22
C7 NAG BA . -2.22 47.49 2.50
C8 NAG BA . -3.19 46.45 2.97
N2 NAG BA . -1.02 47.04 2.11
O3 NAG BA . -1.28 48.75 -0.19
O4 NAG BA . 1.14 48.91 -1.81
O5 NAG BA . 2.43 48.23 1.54
O6 NAG BA . 4.23 49.77 0.95
O7 NAG BA . -2.50 48.68 2.48
C1 NAG BA . 0.34 49.94 -2.44
C2 NAG BA . -0.52 49.23 -3.50
C3 NAG BA . -1.40 50.23 -4.22
C4 NAG BA . -2.22 51.03 -3.21
C5 NAG BA . -1.31 51.68 -2.18
C6 NAG BA . -2.06 52.40 -1.09
C7 NAG BA . -0.08 47.40 -5.06
C8 NAG BA . 0.91 46.78 -6.01
N2 NAG BA . 0.32 48.50 -4.44
O3 NAG BA . -2.26 49.55 -5.12
O4 NAG BA . -3.03 52.02 -3.86
O5 NAG BA . -0.53 50.66 -1.53
O6 NAG BA . -1.47 52.18 0.19
O7 NAG BA . -1.18 46.91 -4.88
C1 BMA BA . -2.27 52.94 -4.68
C2 BMA BA . -2.67 52.68 -6.16
C3 BMA BA . -2.04 53.73 -7.07
C4 BMA BA . -2.29 55.15 -6.54
C5 BMA BA . -1.81 55.25 -5.09
C6 BMA BA . -2.04 56.62 -4.50
O2 BMA BA . -4.08 52.78 -6.33
O3 BMA BA . -2.52 53.61 -8.40
O4 BMA BA . -1.61 56.09 -7.34
O5 BMA BA . -2.53 54.29 -4.31
O6 BMA BA . -1.75 57.60 -5.48
C1 NAG CA . 15.14 29.56 14.47
C2 NAG CA . 16.22 29.05 15.44
C3 NAG CA . 15.86 29.42 16.88
C4 NAG CA . 15.59 30.92 16.99
C5 NAG CA . 14.53 31.33 15.99
C6 NAG CA . 14.28 32.83 15.96
C7 NAG CA . 17.58 27.01 15.38
C8 NAG CA . 17.58 25.52 15.22
N2 NAG CA . 16.39 27.61 15.31
O3 NAG CA . 16.92 29.05 17.74
O4 NAG CA . 15.17 31.24 18.32
O5 NAG CA . 14.95 30.96 14.66
O6 NAG CA . 15.49 33.56 16.04
O7 NAG CA . 18.62 27.64 15.54
C1 NAG CA . 15.85 32.44 18.75
C2 NAG CA . 15.30 32.84 20.12
C3 NAG CA . 16.00 34.11 20.62
C4 NAG CA . 17.52 33.92 20.59
C5 NAG CA . 17.98 33.43 19.22
C6 NAG CA . 19.46 33.08 19.19
C7 NAG CA . 13.28 33.97 19.29
C8 NAG CA . 11.78 34.03 19.37
N2 NAG CA . 13.86 33.05 20.07
O3 NAG CA . 15.57 34.40 21.94
O4 NAG CA . 18.16 35.16 20.87
O5 NAG CA . 17.27 32.25 18.85
O6 NAG CA . 19.69 31.93 18.39
O7 NAG CA . 13.93 34.70 18.55
C1 BMA CA . 18.39 35.32 22.29
C2 BMA CA . 19.72 36.09 22.45
C3 BMA CA . 19.91 36.51 23.91
C4 BMA CA . 18.66 37.16 24.49
C5 BMA CA . 17.46 36.23 24.30
C6 BMA CA . 16.16 36.80 24.84
O2 BMA CA . 19.70 37.29 21.69
O3 BMA CA . 21.03 37.37 24.07
O4 BMA CA . 18.83 37.45 25.87
O5 BMA CA . 17.29 35.99 22.89
O6 BMA CA . 15.17 35.78 24.81
C1 NAG DA . -15.30 5.51 41.47
C2 NAG DA . -14.28 5.90 42.54
C3 NAG DA . -13.64 4.66 43.13
C4 NAG DA . -14.70 3.68 43.62
C5 NAG DA . -15.68 3.38 42.51
C6 NAG DA . -16.83 2.51 42.95
C7 NAG DA . -13.34 8.11 42.03
C8 NAG DA . -12.20 8.86 41.40
N2 NAG DA . -13.27 6.78 41.98
O3 NAG DA . -12.79 5.04 44.21
O4 NAG DA . -14.08 2.48 44.04
O5 NAG DA . -16.26 4.61 42.03
O6 NAG DA . -18.07 2.98 42.43
O7 NAG DA . -14.28 8.70 42.55
C1 NAG DA . -13.78 2.49 45.46
C2 NAG DA . -12.52 1.65 45.68
C3 NAG DA . -12.15 1.64 47.15
C4 NAG DA . -12.01 3.06 47.67
C5 NAG DA . -13.29 3.85 47.38
C6 NAG DA . -13.19 5.31 47.77
C7 NAG DA . -12.50 -0.06 43.92
C8 NAG DA . -12.75 -1.50 43.58
N2 NAG DA . -12.72 0.29 45.19
O3 NAG DA . -10.91 0.94 47.33
O4 NAG DA . -11.80 3.04 49.09
O5 NAG DA . -13.56 3.82 45.97
O6 NAG DA . -14.27 6.06 47.24
O7 NAG DA . -12.13 0.74 43.08
C1 NAG EA . -25.12 33.54 20.79
C2 NAG EA . -25.85 34.29 21.89
C3 NAG EA . -27.26 33.72 22.07
C4 NAG EA . -28.00 33.70 20.74
C5 NAG EA . -27.16 33.00 19.67
C6 NAG EA . -27.78 33.08 18.30
C7 NAG EA . -25.05 35.26 24.00
C8 NAG EA . -24.25 35.02 25.23
N2 NAG EA . -25.12 34.23 23.14
O3 NAG EA . -27.97 34.53 23.00
O4 NAG EA . -29.23 32.98 20.89
O5 NAG EA . -25.87 33.61 19.58
O6 NAG EA . -27.10 34.02 17.47
O7 NAG EA . -25.62 36.32 23.78
C1 NAG EA . -30.33 33.89 20.74
C2 NAG EA . -31.62 33.07 20.70
C3 NAG EA . -32.83 33.99 20.59
C4 NAG EA . -32.81 35.03 21.71
C5 NAG EA . -31.47 35.77 21.71
C6 NAG EA . -31.33 36.73 22.88
C7 NAG EA . -30.98 30.95 19.65
C8 NAG EA . -31.05 30.10 18.41
N2 NAG EA . -31.60 32.13 19.59
O3 NAG EA . -34.02 33.22 20.68
O4 NAG EA . -33.86 35.97 21.53
O5 NAG EA . -30.39 34.83 21.82
O6 NAG EA . -32.24 37.81 22.77
O7 NAG EA . -30.37 30.58 20.65
C1 NAG FA . -16.57 42.40 2.82
C2 NAG FA . -18.07 42.36 3.12
C3 NAG FA . -18.84 41.91 1.87
C4 NAG FA . -18.47 42.78 0.67
C5 NAG FA . -16.96 42.82 0.49
C6 NAG FA . -16.52 43.77 -0.60
C7 NAG FA . -19.28 41.77 5.16
C8 NAG FA . -19.45 40.76 6.25
N2 NAG FA . -18.35 41.49 4.23
O3 NAG FA . -20.23 41.99 2.12
O4 NAG FA . -19.06 42.25 -0.50
O5 NAG FA . -16.33 43.26 1.70
O6 NAG FA . -17.14 45.04 -0.45
O7 NAG FA . -19.95 42.80 5.13
C1 NAG FA . -20.25 43.01 -0.81
C2 NAG FA . -20.18 43.48 -2.27
C3 NAG FA . -21.45 44.23 -2.65
C4 NAG FA . -22.68 43.37 -2.34
C5 NAG FA . -22.66 42.91 -0.89
C6 NAG FA . -23.78 41.96 -0.55
C7 NAG FA . -18.40 44.42 -3.67
C8 NAG FA . -17.22 45.34 -3.72
N2 NAG FA . -19.01 44.31 -2.49
O3 NAG FA . -21.41 44.54 -4.04
O4 NAG FA . -23.86 44.13 -2.58
O5 NAG FA . -21.42 42.21 -0.62
O6 NAG FA . -23.34 40.61 -0.55
O7 NAG FA . -18.80 43.82 -4.67
C1 BMA FA . -24.53 43.58 -3.74
C2 BMA FA . -26.02 43.98 -3.67
C3 BMA FA . -26.74 43.56 -4.95
C4 BMA FA . -25.97 44.01 -6.20
C5 BMA FA . -24.51 43.52 -6.13
C6 BMA FA . -23.67 43.96 -7.31
O2 BMA FA . -26.15 45.40 -3.57
O3 BMA FA . -28.07 44.05 -4.99
O4 BMA FA . -26.59 43.49 -7.36
O5 BMA FA . -23.92 44.05 -4.93
O6 BMA FA . -22.46 43.20 -7.31
C1 MAN FA . -22.35 42.51 -8.57
C2 MAN FA . -23.04 41.13 -8.43
C3 MAN FA . -22.22 40.22 -7.53
C4 MAN FA . -20.77 40.16 -8.00
C5 MAN FA . -20.18 41.57 -8.05
C6 MAN FA . -18.75 41.61 -8.55
O2 MAN FA . -23.12 40.45 -9.69
O3 MAN FA . -22.77 38.91 -7.45
O4 MAN FA . -19.99 39.36 -7.12
O5 MAN FA . -20.98 42.38 -8.93
O6 MAN FA . -18.18 40.33 -8.36
C1 NAG GA . -20.00 40.07 22.46
C2 NAG GA . -20.58 40.49 21.11
C3 NAG GA . -20.14 41.90 20.77
C4 NAG GA . -20.47 42.86 21.90
C5 NAG GA . -19.92 42.33 23.23
C6 NAG GA . -20.34 43.16 24.42
C7 NAG GA . -20.86 38.42 19.81
C8 NAG GA . -20.30 37.59 18.70
N2 NAG GA . -20.19 39.55 20.07
O3 NAG GA . -20.80 42.32 19.58
O4 NAG GA . -19.89 44.13 21.64
O5 NAG GA . -20.40 41.00 23.47
O6 NAG GA . -19.53 42.90 25.55
O7 NAG GA . -21.85 38.09 20.45
C1 NAG GA . -20.91 45.07 21.26
C2 NAG GA . -20.23 46.36 20.81
C3 NAG GA . -21.27 47.38 20.36
C4 NAG GA . -22.17 46.78 19.30
C5 NAG GA . -22.78 45.46 19.80
C6 NAG GA . -23.60 44.75 18.75
C7 NAG GA . -19.87 47.22 23.10
C8 NAG GA . -18.87 47.77 24.06
N2 NAG GA . -19.40 46.91 21.88
O3 NAG GA . -20.60 48.53 19.84
O4 NAG GA . -23.22 47.69 18.98
O5 NAG GA . -21.73 44.57 20.19
O6 NAG GA . -24.40 45.66 18.01
O7 NAG GA . -21.06 47.05 23.39
C1 NAG HA . -6.09 37.70 29.65
C2 NAG HA . -4.64 38.12 29.61
C3 NAG HA . -4.19 38.61 30.98
C4 NAG HA . -5.13 39.71 31.48
C5 NAG HA . -6.57 39.23 31.44
C6 NAG HA . -7.56 40.31 31.79
C7 NAG HA . -2.59 37.24 28.58
C8 NAG HA . -1.84 36.01 28.17
N2 NAG HA . -3.78 37.04 29.15
O3 NAG HA . -2.86 39.12 30.89
O4 NAG HA . -4.80 40.05 32.83
O5 NAG HA . -6.89 38.78 30.11
O6 NAG HA . -8.83 40.06 31.20
O7 NAG HA . -2.13 38.37 28.41
C1 NAG HA . -3.75 41.04 32.85
C2 NAG HA . -4.31 42.32 33.45
C3 NAG HA . -3.21 43.38 33.56
C4 NAG HA . -2.01 42.82 34.31
C5 NAG HA . -1.55 41.52 33.68
C6 NAG HA . -0.43 40.85 34.44
C7 NAG HA . -6.29 43.74 33.12
C8 NAG HA . -7.38 44.14 32.18
N2 NAG HA . -5.43 42.83 32.67
O3 NAG HA . -3.72 44.53 34.23
O4 NAG HA . -0.94 43.76 34.28
O5 NAG HA . -2.64 40.58 33.63
O6 NAG HA . 0.00 41.64 35.53
O7 NAG HA . -6.20 44.22 34.25
C1 NAG IA . -10.78 38.81 38.80
C2 NAG IA . -11.10 40.05 37.96
C3 NAG IA . -10.75 41.30 38.74
C4 NAG IA . -11.45 41.30 40.10
C5 NAG IA . -11.15 39.99 40.85
C6 NAG IA . -11.93 39.86 42.14
C7 NAG IA . -10.82 40.62 35.59
C8 NAG IA . -9.96 40.50 34.38
N2 NAG IA . -10.37 40.02 36.70
O3 NAG IA . -11.16 42.45 38.00
O4 NAG IA . -11.00 42.39 40.89
O5 NAG IA . -11.50 38.87 40.03
O6 NAG IA . -11.58 38.66 42.82
O7 NAG IA . -11.88 41.25 35.57
C1 NAG IA . -11.80 43.55 40.60
C2 NAG IA . -11.50 44.62 41.66
C3 NAG IA . -12.29 45.89 41.35
C4 NAG IA . -12.03 46.36 39.94
C5 NAG IA . -12.29 45.22 38.95
C6 NAG IA . -11.93 45.58 37.53
C7 NAG IA . -11.21 44.58 44.10
C8 NAG IA . -11.66 43.97 45.38
N2 NAG IA . -11.82 44.13 43.00
O3 NAG IA . -11.93 46.91 42.29
O4 NAG IA . -12.87 47.46 39.63
O5 NAG IA . -11.50 44.08 39.30
O6 NAG IA . -10.59 46.05 37.44
O7 NAG IA . -10.34 45.45 44.05
C1 NAG JA . -19.92 22.58 17.19
C2 NAG JA . -18.82 23.02 16.23
C3 NAG JA . -19.24 24.26 15.46
C4 NAG JA . -20.59 24.03 14.77
C5 NAG JA . -21.62 23.57 15.80
C6 NAG JA . -22.95 23.21 15.19
C7 NAG JA . -16.37 23.23 16.38
C8 NAG JA . -15.21 23.52 17.29
N2 NAG JA . -17.58 23.28 16.95
O3 NAG JA . -18.25 24.57 14.48
O4 NAG JA . -21.04 25.23 14.16
O5 NAG JA . -21.14 22.39 16.46
O6 NAG JA . -22.81 22.77 13.84
O7 NAG JA . -16.23 22.97 15.20
C1 NAG JA . -20.91 25.09 12.73
C2 NAG JA . -22.17 25.61 12.07
C3 NAG JA . -22.05 25.51 10.56
C4 NAG JA . -20.79 26.21 10.07
C5 NAG JA . -19.57 25.70 10.83
C6 NAG JA . -18.31 26.48 10.51
C7 NAG JA . -24.54 25.40 12.81
C8 NAG JA . -24.67 26.88 12.61
N2 NAG JA . -23.34 24.86 12.55
O3 NAG JA . -23.19 26.08 9.94
O4 NAG JA . -20.60 25.94 8.69
O5 NAG JA . -19.78 25.83 12.25
O6 NAG JA . -17.94 26.31 9.15
O7 NAG JA . -25.47 24.71 13.20
C1 BMA JA . -20.53 27.16 7.93
C2 BMA JA . -20.27 26.76 6.46
C3 BMA JA . -20.39 27.97 5.53
C4 BMA JA . -21.65 28.78 5.83
C5 BMA JA . -21.70 29.15 7.32
C6 BMA JA . -22.94 29.96 7.69
O2 BMA JA . -21.23 25.82 6.03
O3 BMA JA . -20.40 27.57 4.17
O4 BMA JA . -21.66 29.98 5.06
O5 BMA JA . -21.73 27.93 8.06
O6 BMA JA . -23.08 31.00 6.74
C1 MAN JA . -19.16 27.98 3.55
C2 MAN JA . -19.29 27.73 2.03
C3 MAN JA . -19.22 26.23 1.73
C4 MAN JA . -17.99 25.61 2.38
C5 MAN JA . -18.04 25.88 3.89
C6 MAN JA . -16.83 25.31 4.63
O2 MAN JA . -18.21 28.33 1.30
O3 MAN JA . -19.20 25.97 0.32
O4 MAN JA . -17.96 24.21 2.16
O5 MAN JA . -18.06 27.30 4.12
O6 MAN JA . -16.61 23.99 4.17
C1 NAG KA . -7.09 -51.43 -12.34
C2 NAG KA . -8.46 -51.04 -12.91
C3 NAG KA . -8.58 -51.50 -14.35
C4 NAG KA . -7.42 -50.98 -15.18
C5 NAG KA . -6.09 -51.37 -14.53
C6 NAG KA . -4.90 -50.77 -15.23
C7 NAG KA . -10.01 -50.98 -11.01
C8 NAG KA . -11.12 -51.69 -10.28
N2 NAG KA . -9.53 -51.59 -12.09
O3 NAG KA . -9.82 -51.02 -14.89
O4 NAG KA . -7.48 -51.52 -16.49
O5 NAG KA . -6.06 -50.89 -13.18
O6 NAG KA . -4.24 -49.80 -14.43
O7 NAG KA . -9.58 -49.90 -10.62
C1 NAG LA . 4.20 -42.17 -14.52
C2 NAG LA . 5.70 -41.99 -14.72
C3 NAG LA . 5.99 -41.61 -16.18
C4 NAG LA . 5.36 -42.63 -17.12
C5 NAG LA . 3.88 -42.80 -16.81
C6 NAG LA . 3.23 -43.90 -17.62
C7 NAG LA . 6.68 -41.27 -12.59
C8 NAG LA . 7.19 -40.11 -11.79
N2 NAG LA . 6.23 -40.98 -13.81
O3 NAG LA . 7.39 -41.55 -16.38
O4 NAG LA . 5.51 -42.19 -18.47
O5 NAG LA . 3.70 -43.16 -15.43
O6 NAG LA . 2.81 -44.97 -16.81
O7 NAG LA . 6.67 -42.41 -12.14
C1 NAG MA . 13.68 -46.78 13.06
C2 NAG MA . 12.81 -46.68 14.31
C3 NAG MA . 13.25 -47.71 15.35
C4 NAG MA . 13.27 -49.10 14.73
C5 NAG MA . 14.11 -49.10 13.46
C6 NAG MA . 14.07 -50.42 12.73
C7 NAG MA . 11.98 -44.88 15.76
C8 NAG MA . 12.18 -43.47 16.23
N2 NAG MA . 12.86 -45.33 14.87
O3 NAG MA . 12.35 -47.68 16.46
O4 NAG MA . 13.80 -50.04 15.66
O5 NAG MA . 13.63 -48.11 12.55
O6 NAG MA . 13.62 -50.27 11.40
O7 NAG MA . 11.06 -45.58 16.18
C1 NAG NA . 48.44 18.17 -4.02
C2 NAG NA . 49.84 18.60 -4.45
C3 NAG NA . 50.15 18.09 -5.85
C4 NAG NA . 49.93 16.59 -5.93
C5 NAG NA . 48.53 16.23 -5.44
C6 NAG NA . 48.29 14.74 -5.37
C7 NAG NA . 49.16 20.89 -5.02
C8 NAG NA . 49.46 22.35 -4.84
N2 NAG NA . 49.99 20.05 -4.38
O3 NAG NA . 51.49 18.41 -6.19
O4 NAG NA . 50.08 16.15 -7.27
O5 NAG NA . 48.33 16.75 -4.11
O6 NAG NA . 46.96 14.45 -4.94
O7 NAG NA . 48.23 20.51 -5.71
C1 NAG OA . 31.21 -29.45 -14.92
C2 NAG OA . 30.10 -30.38 -15.42
C3 NAG OA . 30.64 -31.32 -16.48
C4 NAG OA . 31.31 -30.53 -17.60
C5 NAG OA . 32.38 -29.60 -17.03
C6 NAG OA . 32.99 -28.70 -18.06
C7 NAG OA . 28.40 -30.74 -13.68
C8 NAG OA . 27.95 -31.64 -12.57
N2 NAG OA . 29.51 -31.12 -14.32
O3 NAG OA . 29.57 -32.10 -17.02
O4 NAG OA . 31.93 -31.43 -18.52
O5 NAG OA . 31.78 -28.75 -16.04
O6 NAG OA . 32.89 -29.27 -19.36
O7 NAG OA . 27.80 -29.72 -13.99
C1 NAG PA . 52.91 -21.97 7.88
C2 NAG PA . 54.33 -21.43 7.62
C3 NAG PA . 55.16 -22.47 6.87
C4 NAG PA . 55.13 -23.80 7.61
C5 NAG PA . 53.69 -24.23 7.87
C6 NAG PA . 53.59 -25.49 8.70
C7 NAG PA . 54.47 -18.98 7.46
C8 NAG PA . 54.40 -17.80 6.54
N2 NAG PA . 54.28 -20.18 6.88
O3 NAG PA . 56.50 -22.00 6.75
O4 NAG PA . 55.80 -24.80 6.83
O5 NAG PA . 52.99 -23.21 8.57
O6 NAG PA . 52.66 -25.34 9.76
O7 NAG PA . 54.68 -18.87 8.66
C1 NAG QA . 46.31 -38.83 -0.58
C2 NAG QA . 46.23 -40.32 -0.92
C3 NAG QA . 45.11 -40.99 -0.14
C4 NAG QA . 45.26 -40.72 1.35
C5 NAG QA . 45.38 -39.22 1.60
C6 NAG QA . 45.66 -38.88 3.06
C7 NAG QA . 47.07 -40.59 -3.21
C8 NAG QA . 46.69 -40.80 -4.65
N2 NAG QA . 46.05 -40.51 -2.35
O3 NAG QA . 45.12 -42.39 -0.38
O4 NAG QA . 44.13 -41.22 2.05
O5 NAG QA . 46.47 -38.68 0.84
O6 NAG QA . 46.87 -38.15 3.19
O7 NAG QA . 48.23 -40.51 -2.85
C1 NAG RA . 50.26 18.73 13.62
C2 NAG RA . 50.61 19.83 14.61
C3 NAG RA . 49.67 19.77 15.81
C4 NAG RA . 48.22 19.81 15.35
C5 NAG RA . 47.97 18.72 14.32
C6 NAG RA . 46.58 18.76 13.73
C7 NAG RA . 53.01 20.33 14.41
C8 NAG RA . 54.38 20.11 14.99
N2 NAG RA . 52.00 19.73 15.05
O3 NAG RA . 49.93 20.88 16.68
O4 NAG RA . 47.35 19.61 16.46
O5 NAG RA . 48.89 18.85 13.22
O6 NAG RA . 45.73 19.63 14.47
O7 NAG RA . 52.83 21.00 13.40
C1 NAG SA . 33.81 -15.11 17.31
C2 NAG SA . 32.65 -14.43 18.02
C3 NAG SA . 32.71 -14.71 19.52
C4 NAG SA . 32.76 -16.20 19.78
C5 NAG SA . 33.92 -16.83 19.00
C6 NAG SA . 33.96 -18.33 19.12
C7 NAG SA . 31.59 -12.23 17.55
C8 NAG SA . 30.26 -12.93 17.56
N2 NAG SA . 32.67 -13.00 17.77
O3 NAG SA . 31.57 -14.14 20.16
O4 NAG SA . 32.94 -16.46 21.17
O5 NAG SA . 33.80 -16.52 17.61
O6 NAG SA . 32.69 -18.91 18.82
O7 NAG SA . 31.68 -11.03 17.34
C1 NAG TA . 48.20 -8.15 -7.16
C2 NAG TA . 47.84 -6.67 -7.21
C3 NAG TA . 48.32 -6.07 -8.53
C4 NAG TA . 49.80 -6.34 -8.74
C5 NAG TA . 50.08 -7.84 -8.60
C6 NAG TA . 51.56 -8.17 -8.67
C7 NAG TA . 45.88 -5.61 -6.16
C8 NAG TA . 44.39 -5.54 -6.12
N2 NAG TA . 46.42 -6.47 -7.05
O3 NAG TA . 48.08 -4.66 -8.53
O4 NAG TA . 50.21 -5.90 -10.02
O5 NAG TA . 49.60 -8.31 -7.34
O6 NAG TA . 52.19 -7.49 -9.74
O7 NAG TA . 46.59 -4.93 -5.42
C1 NAG UA . 30.49 32.18 -4.58
C2 NAG UA . 31.71 31.63 -5.32
C3 NAG UA . 32.73 32.74 -5.53
C4 NAG UA . 32.10 33.94 -6.22
C5 NAG UA . 30.86 34.39 -5.44
C6 NAG UA . 30.11 35.50 -6.13
C7 NAG UA . 32.90 29.49 -5.19
C8 NAG UA . 33.46 28.43 -4.30
N2 NAG UA . 32.31 30.52 -4.59
O3 NAG UA . 33.81 32.25 -6.31
O4 NAG UA . 33.03 35.01 -6.29
O5 NAG UA . 29.95 33.29 -5.30
O6 NAG UA . 30.97 36.29 -6.93
O7 NAG UA . 32.98 29.41 -6.41
C1 NAG VA . -48.52 -21.70 4.70
C2 NAG VA . -48.36 -21.72 6.22
C3 NAG VA . -49.52 -20.98 6.87
C4 NAG VA . -49.64 -19.58 6.29
C5 NAG VA . -49.75 -19.64 4.77
C6 NAG VA . -49.75 -18.28 4.11
C7 NAG VA . -47.13 -23.76 6.81
C8 NAG VA . -47.24 -25.16 7.35
N2 NAG VA . -48.28 -23.09 6.72
O3 NAG VA . -49.30 -20.90 8.27
O4 NAG VA . -50.81 -18.93 6.81
O5 NAG VA . -48.62 -20.35 4.24
O6 NAG VA . -48.59 -18.08 3.31
O7 NAG VA . -46.06 -23.28 6.46
C1 NAG WA . -43.60 -10.43 -3.36
C2 NAG WA . -43.73 -9.56 -4.61
C3 NAG WA . -44.30 -8.19 -4.23
C4 NAG WA . -45.60 -8.35 -3.45
C5 NAG WA . -45.38 -9.28 -2.26
C6 NAG WA . -46.67 -9.59 -1.51
C7 NAG WA . -42.03 -10.27 -6.21
C8 NAG WA . -40.68 -9.96 -6.82
N2 NAG WA . -42.46 -9.41 -5.29
O3 NAG WA . -44.54 -7.43 -5.41
O4 NAG WA . -46.05 -7.09 -2.98
O5 NAG WA . -44.86 -10.54 -2.70
O6 NAG WA . -46.92 -10.99 -1.46
O7 NAG WA . -42.68 -11.25 -6.55
C1 NAG XA . -33.60 -29.17 -23.76
C2 NAG XA . -32.73 -30.39 -23.47
C3 NAG XA . -33.09 -31.52 -24.42
C4 NAG XA . -34.58 -31.81 -24.37
C5 NAG XA . -35.38 -30.53 -24.61
C6 NAG XA . -36.87 -30.72 -24.45
C7 NAG XA . -30.35 -30.84 -23.10
C8 NAG XA . -28.96 -30.35 -23.29
N2 NAG XA . -31.32 -30.06 -23.58
O3 NAG XA . -32.37 -32.70 -24.08
O4 NAG XA . -34.94 -32.78 -25.36
O5 NAG XA . -34.99 -29.53 -23.67
O6 NAG XA . -37.40 -29.84 -23.46
O7 NAG XA . -30.60 -31.91 -22.54
C1 NAG YA . 6.76 32.73 -39.71
C2 NAG YA . 6.73 33.90 -40.71
C3 NAG YA . 5.50 34.77 -40.45
C4 NAG YA . 4.24 33.92 -40.48
C5 NAG YA . 4.37 32.75 -39.51
C6 NAG YA . 3.19 31.81 -39.57
C7 NAG YA . 8.39 35.23 -39.48
C8 NAG YA . 9.67 36.02 -39.57
N2 NAG YA . 7.94 34.69 -40.62
O3 NAG YA . 5.43 35.78 -41.46
O4 NAG YA . 3.12 34.72 -40.12
O5 NAG YA . 5.54 31.99 -39.81
O6 NAG YA . 3.27 30.82 -38.54
O7 NAG YA . 7.78 35.10 -38.41
C1 NAG ZA . -36.53 7.88 -25.86
C2 NAG ZA . -37.41 7.29 -24.75
C3 NAG ZA . -38.84 7.78 -24.90
C4 NAG ZA . -38.88 9.31 -24.96
C5 NAG ZA . -37.94 9.81 -26.05
C6 NAG ZA . -37.82 11.32 -26.07
C7 NAG ZA . -36.59 5.12 -23.94
C8 NAG ZA . -36.68 3.64 -24.10
N2 NAG ZA . -37.37 5.84 -24.76
O3 NAG ZA . -39.62 7.32 -23.80
O4 NAG ZA . -40.19 9.76 -25.24
O5 NAG ZA . -36.61 9.30 -25.82
O6 NAG ZA . -38.97 11.94 -25.50
O7 NAG ZA . -35.85 5.65 -23.11
C1 NAG AB . -20.74 4.18 -53.80
C2 NAG AB . -20.61 5.24 -54.89
C3 NAG AB . -21.98 5.56 -55.48
C4 NAG AB . -22.67 4.29 -55.95
C5 NAG AB . -22.72 3.26 -54.82
C6 NAG AB . -23.28 1.93 -55.24
C7 NAG AB . -18.71 6.77 -54.64
C8 NAG AB . -18.23 8.05 -54.03
N2 NAG AB . -19.98 6.45 -54.38
O3 NAG AB . -21.83 6.46 -56.57
O4 NAG AB . -24.00 4.58 -56.37
O5 NAG AB . -21.39 3.02 -54.33
O6 NAG AB . -22.70 0.87 -54.52
O7 NAG AB . -17.98 6.06 -55.32
C1 NAG BB . -38.53 -1.43 -46.53
C2 NAG BB . -39.94 -2.01 -46.51
C3 NAG BB . -39.94 -3.40 -45.90
C4 NAG BB . -38.92 -4.29 -46.60
C5 NAG BB . -37.55 -3.61 -46.61
C6 NAG BB . -36.51 -4.38 -47.41
C7 NAG BB . -41.52 -0.13 -46.37
C8 NAG BB . -42.42 0.66 -45.48
N2 NAG BB . -40.85 -1.14 -45.80
O3 NAG BB . -41.23 -3.97 -46.00
O4 NAG BB . -38.82 -5.54 -45.93
O5 NAG BB . -37.65 -2.31 -47.22
O6 NAG BB . -36.02 -3.61 -48.51
O7 NAG BB . -41.39 0.13 -47.57
C1 NAG CB . 16.51 20.86 -48.54
C2 NAG CB . 17.93 20.88 -49.11
C3 NAG CB . 18.66 19.58 -48.77
C4 NAG CB . 18.60 19.33 -47.27
C5 NAG CB . 17.17 19.38 -46.77
C6 NAG CB . 17.07 19.26 -45.26
C7 NAG CB . 17.92 22.29 -51.11
C8 NAG CB . 17.90 22.32 -52.61
N2 NAG CB . 17.91 21.09 -50.55
O3 NAG CB . 20.00 19.66 -49.21
O4 NAG CB . 19.16 18.05 -46.97
O5 NAG CB . 16.58 20.64 -47.12
O6 NAG CB . 18.29 18.81 -44.70
O7 NAG CB . 17.97 23.32 -50.45
C1 NAG DB . -7.55 -6.92 -39.58
C2 NAG DB . -6.44 -7.55 -38.74
C3 NAG DB . -5.88 -8.78 -39.45
C4 NAG DB . -7.00 -9.75 -39.78
C5 NAG DB . -8.09 -9.05 -40.58
C6 NAG DB . -9.29 -9.92 -40.85
C7 NAG DB . -4.72 -6.45 -37.32
C8 NAG DB . -5.12 -7.39 -36.22
N2 NAG DB . -5.38 -6.59 -38.49
O3 NAG DB . -4.91 -9.42 -38.62
O4 NAG DB . -6.49 -10.83 -40.55
O5 NAG DB . -8.55 -7.90 -39.85
O6 NAG DB . -9.69 -10.61 -39.68
O7 NAG DB . -3.83 -5.62 -37.17
C1 NAG EB . -16.81 20.74 -41.53
C2 NAG EB . -15.57 21.44 -41.00
C3 NAG EB . -15.83 22.92 -40.79
C4 NAG EB . -16.36 23.54 -42.09
C5 NAG EB . -17.57 22.76 -42.59
C6 NAG EB . -18.06 23.26 -43.93
C7 NAG EB . -13.87 20.41 -39.55
C8 NAG EB . -13.59 19.80 -38.20
N2 NAG EB . -15.12 20.82 -39.75
O3 NAG EB . -14.63 23.57 -40.40
O4 NAG EB . -16.73 24.90 -41.85
O5 NAG EB . -17.22 21.38 -42.75
O6 NAG EB . -18.03 24.67 -44.02
O7 NAG EB . -13.00 20.52 -40.40
C1 NAG FB . 20.30 33.09 -21.40
C2 NAG FB . 19.31 33.88 -22.26
C3 NAG FB . 20.01 35.03 -22.94
C4 NAG FB . 20.74 35.89 -21.92
C5 NAG FB . 21.67 35.03 -21.08
C6 NAG FB . 22.34 35.80 -19.97
C7 NAG FB . 17.44 33.22 -23.72
C8 NAG FB . 16.95 32.24 -24.73
N2 NAG FB . 18.67 33.01 -23.24
O3 NAG FB . 19.05 35.83 -23.64
O4 NAG FB . 21.49 36.91 -22.57
O5 NAG FB . 20.94 33.96 -20.46
O6 NAG FB . 22.51 37.16 -20.31
O7 NAG FB . 16.76 34.16 -23.34
C1 NAG GB . -9.22 -35.27 39.08
C2 NAG GB . -8.40 -36.32 38.34
C3 NAG GB . -7.29 -36.85 39.25
C4 NAG GB . -6.46 -35.69 39.80
C5 NAG GB . -7.36 -34.67 40.47
C6 NAG GB . -6.63 -33.44 40.93
C7 NAG GB . -9.88 -37.38 36.70
C8 NAG GB . -10.70 -38.58 36.37
N2 NAG GB . -9.23 -37.40 37.87
O3 NAG GB . -6.45 -37.73 38.50
O4 NAG GB . -5.52 -36.19 40.74
O5 NAG GB . -8.37 -34.23 39.55
O6 NAG GB . -7.01 -32.28 40.19
O7 NAG GB . -9.80 -36.42 35.93
C1 NAG HB . -5.01 -21.08 39.41
C2 NAG HB . -4.96 -19.75 40.15
C3 NAG HB . -3.55 -19.50 40.68
C4 NAG HB . -3.08 -20.69 41.52
C5 NAG HB . -3.22 -21.99 40.73
C6 NAG HB . -2.90 -23.22 41.54
C7 NAG HB . -6.65 -18.28 39.16
C8 NAG HB . -6.91 -17.13 38.24
N2 NAG HB . -5.38 -18.65 39.30
O3 NAG HB . -3.53 -18.31 41.47
O4 NAG HB . -1.72 -20.51 41.88
O5 NAG HB . -4.58 -22.13 40.28
O6 NAG HB . -3.95 -24.17 41.48
O7 NAG HB . -7.56 -18.84 39.78
C1 NAG IB . -32.76 -12.18 36.33
C2 NAG IB . -33.73 -12.69 35.26
C3 NAG IB . -35.15 -12.75 35.83
C4 NAG IB . -35.17 -13.57 37.11
C5 NAG IB . -34.13 -13.03 38.10
C6 NAG IB . -34.01 -13.88 39.35
C7 NAG IB . -34.24 -12.20 32.91
C8 NAG IB . -34.11 -11.21 31.80
N2 NAG IB . -33.70 -11.84 34.07
O3 NAG IB . -36.03 -13.33 34.88
O4 NAG IB . -36.46 -13.50 37.71
O5 NAG IB . -32.84 -13.02 37.49
O6 NAG IB . -32.67 -14.33 39.53
O7 NAG IB . -34.82 -13.27 32.76
C1 NAG JB . 4.93 49.57 14.53
C2 NAG JB . 5.35 50.91 15.14
C3 NAG JB . 6.36 50.70 16.25
C4 NAG JB . 5.83 49.72 17.28
C5 NAG JB . 5.40 48.42 16.59
C6 NAG JB . 4.74 47.45 17.55
C7 NAG JB . 6.89 51.47 13.31
C8 NAG JB . 7.30 52.51 12.31
N2 NAG JB . 5.87 51.80 14.12
O3 NAG JB . 6.65 51.94 16.87
O4 NAG JB . 6.84 49.41 18.24
O5 NAG JB . 4.43 48.71 15.57
O6 NAG JB . 4.42 46.22 16.90
O7 NAG JB . 7.45 50.38 13.39
C1 NAG KB . -2.78 8.15 44.58
C2 NAG KB . -2.55 6.65 44.83
C3 NAG KB . -2.03 6.44 46.25
C4 NAG KB . -0.79 7.30 46.49
C5 NAG KB . -1.09 8.76 46.17
C6 NAG KB . 0.14 9.64 46.27
C7 NAG KB . -4.00 5.19 43.51
C8 NAG KB . -5.30 4.46 43.45
N2 NAG KB . -3.77 5.90 44.61
O3 NAG KB . -1.70 5.06 46.43
O4 NAG KB . -0.39 7.20 47.86
O5 NAG KB . -1.56 8.87 44.82
O6 NAG KB . 1.11 9.07 47.13
O7 NAG KB . -3.19 5.13 42.59
C1 NAG LB . -22.92 33.17 41.42
C2 NAG LB . -22.66 34.60 41.88
C3 NAG LB . -22.51 34.65 43.40
C4 NAG LB . -23.70 34.00 44.07
C5 NAG LB . -23.93 32.60 43.53
C6 NAG LB . -25.18 31.94 44.06
C7 NAG LB . -21.53 36.01 40.21
C8 NAG LB . -20.22 36.48 39.67
N2 NAG LB . -21.48 35.15 41.24
O3 NAG LB . -22.38 36.00 43.81
O4 NAG LB . -23.49 33.92 45.48
O5 NAG LB . -24.07 32.65 42.09
O6 NAG LB . -25.84 31.19 43.06
O7 NAG LB . -22.60 36.41 39.75
C1 NAG MB . -21.40 17.47 53.75
C2 NAG MB . -21.70 16.57 54.94
C3 NAG MB . -22.53 15.37 54.50
C4 NAG MB . -23.77 15.83 53.76
C5 NAG MB . -23.39 16.76 52.61
C6 NAG MB . -24.59 17.35 51.90
C7 NAG MB . -19.85 16.83 56.55
C8 NAG MB . -18.60 16.23 57.10
N2 NAG MB . -20.47 16.14 55.59
O3 NAG MB . -22.89 14.61 55.65
O4 NAG MB . -24.47 14.70 53.23
O5 NAG MB . -22.62 17.86 53.11
O6 NAG MB . -24.58 18.78 51.98
O7 NAG MB . -20.30 17.90 56.95
C1 NAG NB . -10.98 53.68 7.82
C2 NAG NB . -11.47 54.70 6.79
C3 NAG NB . -12.46 54.05 5.84
C4 NAG NB . -11.85 52.80 5.21
C5 NAG NB . -11.34 51.86 6.30
C6 NAG NB . -10.62 50.66 5.75
C7 NAG NB . -11.37 56.93 7.82
C8 NAG NB . -12.16 58.03 8.48
N2 NAG NB . -12.07 55.85 7.45
O3 NAG NB . -12.81 54.98 4.82
O4 NAG NB . -12.83 52.13 4.43
O5 NAG NB . -10.41 52.56 7.14
O6 NAG NB . -10.86 50.51 4.35
O7 NAG NB . -10.16 57.02 7.63
C1 NAG OB . -26.22 22.17 22.23
C2 NAG OB . -26.41 21.67 20.81
C3 NAG OB . -27.89 21.74 20.42
C4 NAG OB . -28.74 21.00 21.44
C5 NAG OB . -28.46 21.52 22.84
C6 NAG OB . -29.18 20.74 23.92
C7 NAG OB . -24.95 21.92 18.83
C8 NAG OB . -25.07 20.44 18.61
N2 NAG OB . -25.60 22.44 19.88
O3 NAG OB . -28.08 21.18 19.13
O4 NAG OB . -30.12 21.18 21.14
O5 NAG OB . -27.06 21.43 23.13
O6 NAG OB . -28.94 19.35 23.80
O7 NAG OB . -24.28 22.63 18.08
C1 NAG PB . -3.06 34.76 34.94
C2 NAG PB . -2.34 35.24 33.68
C3 NAG PB . -0.97 35.80 34.04
C4 NAG PB . -1.10 36.87 35.11
C5 NAG PB . -1.86 36.32 36.31
C6 NAG PB . -2.15 37.36 37.36
C7 NAG PB . -2.60 34.31 31.43
C8 NAG PB . -2.40 33.11 30.55
N2 NAG PB . -2.23 34.18 32.70
O3 NAG PB . -0.37 36.36 32.87
O4 NAG PB . 0.19 37.29 35.54
O5 NAG PB . -3.14 35.83 35.89
O6 NAG PB . -1.03 38.24 37.54
O7 NAG PB . -3.08 35.35 30.99
C1 NAG QB . 13.34 41.93 -5.21
C2 NAG QB . 13.66 42.57 -3.87
C3 NAG QB . 14.18 44.00 -4.07
C4 NAG QB . 15.35 44.01 -5.04
C5 NAG QB . 14.94 43.31 -6.34
C6 NAG QB . 16.09 43.18 -7.32
C7 NAG QB . 12.60 42.53 -1.65
C8 NAG QB . 11.30 42.54 -0.91
N2 NAG QB . 12.50 42.58 -2.98
O3 NAG QB . 14.59 44.53 -2.81
O4 NAG QB . 15.73 45.34 -5.33
O5 NAG QB . 14.49 41.98 -6.06
O6 NAG QB . 17.03 44.23 -7.16
O7 NAG QB . 13.68 42.49 -1.08
#